data_2MRE
#
_entry.id   2MRE
#
loop_
_entity.id
_entity.type
_entity.pdbx_description
1 polymer Polyubiquitin-C
2 polymer 'E3 ubiquitin-protein ligase RAD18'
3 non-polymer 'ZINC ION'
#
loop_
_entity_poly.entity_id
_entity_poly.type
_entity_poly.pdbx_seq_one_letter_code
_entity_poly.pdbx_strand_id
1 'polypeptide(L)' GSHMQIFVKTLTGKTITLEVEPSDTIENVKAKIQDKEGIPPDQQRLIFAGKQLEDGRTLSDYNIQKESTLHLVLRLRGG A
2 'polypeptide(L)' GSRQVTKVDCPVCGVNIPESHINKHLDSCLSRE B
#
loop_
_chem_comp.id
_chem_comp.type
_chem_comp.name
_chem_comp.formula
ZN non-polymer 'ZINC ION' 'Zn 2'
#
# COMPACT_ATOMS: atom_id res chain seq x y z
N GLY A 1 13.08 -5.09 -17.08
CA GLY A 1 12.48 -5.69 -18.31
C GLY A 1 11.69 -6.96 -18.02
N SER A 2 12.01 -7.61 -16.88
CA SER A 2 11.29 -8.79 -16.41
C SER A 2 10.08 -8.38 -15.55
N HIS A 3 9.36 -9.36 -14.99
CA HIS A 3 8.25 -9.09 -14.07
C HIS A 3 8.28 -10.14 -12.94
N MET A 4 8.49 -9.68 -11.70
CA MET A 4 8.42 -10.53 -10.50
C MET A 4 7.12 -10.22 -9.76
N GLN A 5 6.58 -11.20 -9.07
CA GLN A 5 5.28 -11.06 -8.40
C GLN A 5 5.45 -10.77 -6.92
N ILE A 6 4.74 -9.74 -6.43
CA ILE A 6 4.71 -9.33 -5.01
C ILE A 6 3.25 -9.19 -4.56
N PHE A 7 3.00 -9.53 -3.28
CA PHE A 7 1.63 -9.59 -2.70
C PHE A 7 1.37 -8.35 -1.84
N VAL A 8 0.65 -7.38 -2.41
CA VAL A 8 0.28 -6.14 -1.72
C VAL A 8 -1.17 -6.27 -1.26
N LYS A 9 -1.32 -6.60 0.02
CA LYS A 9 -2.62 -6.98 0.61
C LYS A 9 -3.26 -5.79 1.33
N THR A 10 -4.48 -5.45 0.93
CA THR A 10 -5.24 -4.33 1.48
C THR A 10 -5.67 -4.56 2.94
N LEU A 11 -6.12 -3.47 3.58
CA LEU A 11 -6.74 -3.50 4.92
C LEU A 11 -8.09 -4.23 4.89
N THR A 12 -8.68 -4.39 3.66
CA THR A 12 -9.92 -5.15 3.45
C THR A 12 -9.63 -6.66 3.27
N GLY A 13 -8.35 -7.05 3.38
CA GLY A 13 -7.93 -8.45 3.41
C GLY A 13 -7.81 -9.08 2.03
N LYS A 14 -7.90 -8.25 0.98
CA LYS A 14 -7.77 -8.68 -0.42
C LYS A 14 -6.32 -8.53 -0.88
N THR A 15 -5.80 -9.54 -1.59
CA THR A 15 -4.39 -9.60 -2.01
C THR A 15 -4.24 -9.19 -3.49
N ILE A 16 -3.39 -8.19 -3.74
CA ILE A 16 -3.10 -7.68 -5.10
C ILE A 16 -1.69 -8.11 -5.52
N THR A 17 -1.63 -9.02 -6.50
CA THR A 17 -0.36 -9.51 -7.08
C THR A 17 0.08 -8.59 -8.23
N LEU A 18 1.26 -7.96 -8.07
CA LEU A 18 1.85 -7.07 -9.10
C LEU A 18 2.97 -7.81 -9.81
N GLU A 19 3.37 -7.32 -10.98
CA GLU A 19 4.37 -7.95 -11.84
C GLU A 19 5.49 -6.95 -12.16
N VAL A 20 6.32 -6.64 -11.14
CA VAL A 20 7.41 -5.64 -11.25
C VAL A 20 8.70 -6.21 -10.65
N GLU A 21 9.80 -5.46 -10.78
CA GLU A 21 11.11 -5.86 -10.26
C GLU A 21 11.24 -5.43 -8.78
N PRO A 22 12.00 -6.17 -7.92
CA PRO A 22 12.37 -5.67 -6.57
C PRO A 22 13.23 -4.38 -6.68
N SER A 23 14.02 -4.27 -7.75
CA SER A 23 14.92 -3.13 -7.99
C SER A 23 14.26 -2.12 -8.97
N ASP A 24 12.92 -2.21 -9.15
CA ASP A 24 12.17 -1.29 -10.02
C ASP A 24 12.02 0.08 -9.32
N THR A 25 10.87 0.29 -8.64
CA THR A 25 10.59 1.48 -7.82
C THR A 25 9.17 1.36 -7.26
N ILE A 26 8.95 1.94 -6.08
CA ILE A 26 7.65 1.91 -5.37
C ILE A 26 6.58 2.68 -6.15
N GLU A 27 7.01 3.79 -6.80
CA GLU A 27 6.15 4.64 -7.66
C GLU A 27 5.44 3.79 -8.74
N ASN A 28 6.21 2.84 -9.29
CA ASN A 28 5.74 1.92 -10.32
C ASN A 28 4.76 0.91 -9.71
N VAL A 29 5.15 0.36 -8.55
CA VAL A 29 4.36 -0.69 -7.83
C VAL A 29 2.93 -0.21 -7.55
N LYS A 30 2.80 1.00 -7.00
CA LYS A 30 1.51 1.60 -6.62
C LYS A 30 0.64 1.92 -7.85
N ALA A 31 1.32 2.31 -8.96
CA ALA A 31 0.69 2.47 -10.27
C ALA A 31 0.11 1.14 -10.79
N LYS A 32 0.75 0.01 -10.39
CA LYS A 32 0.30 -1.34 -10.77
C LYS A 32 -0.88 -1.85 -9.91
N ILE A 33 -1.01 -1.40 -8.63
CA ILE A 33 -2.25 -1.69 -7.84
C ILE A 33 -3.46 -1.05 -8.55
N GLN A 34 -3.23 0.17 -9.05
CA GLN A 34 -4.19 0.89 -9.92
C GLN A 34 -4.48 0.11 -11.22
N ASP A 35 -3.45 -0.58 -11.74
CA ASP A 35 -3.54 -1.45 -12.93
C ASP A 35 -4.35 -2.75 -12.65
N LYS A 36 -4.36 -3.20 -11.38
CA LYS A 36 -5.02 -4.48 -11.01
C LYS A 36 -6.46 -4.25 -10.50
N GLU A 37 -6.61 -3.64 -9.31
CA GLU A 37 -7.94 -3.47 -8.68
C GLU A 37 -8.68 -2.23 -9.22
N GLY A 38 -7.92 -1.24 -9.73
CA GLY A 38 -8.48 -0.05 -10.36
C GLY A 38 -8.62 1.12 -9.41
N ILE A 39 -7.78 1.15 -8.36
CA ILE A 39 -7.76 2.24 -7.35
C ILE A 39 -6.44 3.03 -7.49
N PRO A 40 -6.49 4.39 -7.67
CA PRO A 40 -5.29 5.21 -7.99
C PRO A 40 -4.29 5.27 -6.81
N PRO A 41 -2.96 5.55 -7.08
CA PRO A 41 -1.90 5.64 -6.04
C PRO A 41 -2.13 6.76 -5.01
N ASP A 42 -3.10 7.64 -5.32
CA ASP A 42 -3.57 8.67 -4.37
C ASP A 42 -4.45 8.04 -3.27
N GLN A 43 -5.33 7.12 -3.68
CA GLN A 43 -6.35 6.50 -2.79
C GLN A 43 -5.83 5.22 -2.09
N GLN A 44 -4.71 4.72 -2.55
CA GLN A 44 -4.01 3.59 -1.90
C GLN A 44 -2.65 4.07 -1.35
N ARG A 45 -2.15 3.40 -0.28
CA ARG A 45 -0.86 3.76 0.36
C ARG A 45 -0.04 2.49 0.66
N LEU A 46 1.26 2.54 0.34
CA LEU A 46 2.17 1.39 0.43
C LEU A 46 2.91 1.39 1.77
N ILE A 47 2.78 0.28 2.54
CA ILE A 47 3.45 0.10 3.85
C ILE A 47 3.89 -1.37 4.01
N PHE A 48 5.18 -1.59 4.32
CA PHE A 48 5.75 -2.92 4.61
C PHE A 48 6.38 -2.88 6.01
N ALA A 49 5.96 -3.81 6.89
CA ALA A 49 6.55 -3.99 8.25
C ALA A 49 6.42 -2.73 9.14
N GLY A 50 5.50 -1.81 8.76
CA GLY A 50 5.24 -0.57 9.51
C GLY A 50 5.93 0.67 8.93
N LYS A 51 6.80 0.47 7.92
CA LYS A 51 7.49 1.58 7.22
C LYS A 51 6.68 1.95 5.96
N GLN A 52 6.48 3.26 5.70
CA GLN A 52 5.86 3.72 4.45
C GLN A 52 6.86 3.58 3.30
N LEU A 53 6.37 3.12 2.16
CA LEU A 53 7.19 2.95 0.98
C LEU A 53 7.14 4.23 0.11
N GLU A 54 8.29 4.94 0.08
CA GLU A 54 8.46 6.19 -0.68
C GLU A 54 8.58 5.90 -2.18
N ASP A 55 7.93 6.78 -2.99
CA ASP A 55 7.84 6.65 -4.46
C ASP A 55 9.22 6.50 -5.12
N GLY A 56 10.17 7.37 -4.70
CA GLY A 56 11.50 7.44 -5.30
C GLY A 56 12.36 6.20 -5.04
N ARG A 57 12.08 5.50 -3.93
CA ARG A 57 12.83 4.30 -3.51
C ARG A 57 12.35 3.03 -4.24
N THR A 58 13.03 1.90 -3.98
CA THR A 58 12.69 0.59 -4.58
C THR A 58 12.14 -0.36 -3.51
N LEU A 59 11.56 -1.50 -3.97
CA LEU A 59 11.11 -2.57 -3.07
C LEU A 59 12.32 -3.08 -2.25
N SER A 60 13.40 -3.40 -2.98
CA SER A 60 14.65 -3.95 -2.42
C SER A 60 15.26 -3.02 -1.35
N ASP A 61 15.02 -1.69 -1.51
CA ASP A 61 15.51 -0.66 -0.56
C ASP A 61 14.92 -0.92 0.83
N TYR A 62 13.59 -1.13 0.83
CA TYR A 62 12.80 -1.28 2.05
C TYR A 62 12.76 -2.74 2.56
N ASN A 63 13.72 -3.58 2.11
CA ASN A 63 13.86 -5.00 2.53
C ASN A 63 12.75 -5.90 1.95
N ILE A 64 12.15 -5.43 0.84
CA ILE A 64 11.06 -6.15 0.14
C ILE A 64 11.67 -6.88 -1.06
N GLN A 65 11.56 -8.20 -1.07
CA GLN A 65 11.98 -9.03 -2.19
C GLN A 65 10.75 -9.42 -3.02
N LYS A 66 10.99 -10.20 -4.09
CA LYS A 66 9.90 -10.80 -4.85
C LYS A 66 9.12 -11.77 -3.95
N GLU A 67 7.80 -11.75 -4.13
CA GLU A 67 6.83 -12.57 -3.38
C GLU A 67 6.80 -12.24 -1.88
N SER A 68 7.22 -11.01 -1.51
CA SER A 68 6.96 -10.46 -0.17
C SER A 68 5.49 -10.02 -0.04
N THR A 69 4.89 -10.24 1.13
CA THR A 69 3.55 -9.74 1.46
C THR A 69 3.68 -8.50 2.34
N LEU A 70 3.05 -7.42 1.91
CA LEU A 70 3.02 -6.12 2.59
C LEU A 70 1.57 -5.64 2.67
N HIS A 71 1.35 -4.52 3.38
CA HIS A 71 0.01 -3.95 3.58
C HIS A 71 -0.24 -2.76 2.65
N LEU A 72 -1.54 -2.58 2.32
CA LEU A 72 -2.03 -1.54 1.43
C LEU A 72 -3.19 -0.84 2.16
N VAL A 73 -3.08 0.47 2.32
CA VAL A 73 -4.08 1.29 2.99
C VAL A 73 -4.98 1.97 1.95
N LEU A 74 -6.25 1.55 1.93
CA LEU A 74 -7.28 2.17 1.12
C LEU A 74 -7.77 3.46 1.80
N ARG A 75 -8.08 4.47 0.98
CA ARG A 75 -8.48 5.80 1.44
C ARG A 75 -9.84 6.19 0.83
N LEU A 76 -10.02 5.89 -0.48
CA LEU A 76 -11.27 6.20 -1.22
C LEU A 76 -11.74 7.66 -1.00
N ARG A 77 -10.75 8.57 -0.88
CA ARG A 77 -10.98 9.99 -0.57
C ARG A 77 -11.76 10.67 -1.70
N GLY A 78 -11.58 10.17 -2.94
CA GLY A 78 -12.29 10.66 -4.12
C GLY A 78 -13.81 10.53 -4.01
N GLY A 79 -14.27 9.50 -3.26
CA GLY A 79 -15.70 9.30 -2.97
C GLY A 79 -16.28 8.04 -3.60
N GLY B 1 -20.02 2.04 -3.35
CA GLY B 1 -21.34 2.55 -2.97
C GLY B 1 -21.68 2.24 -1.53
N SER B 2 -20.64 2.14 -0.68
CA SER B 2 -20.78 1.89 0.76
C SER B 2 -20.91 3.23 1.50
N ARG B 3 -22.17 3.58 1.88
CA ARG B 3 -22.47 4.81 2.63
C ARG B 3 -22.22 4.58 4.13
N GLN B 4 -20.94 4.52 4.49
CA GLN B 4 -20.47 4.29 5.85
C GLN B 4 -18.98 4.66 5.95
N VAL B 5 -18.54 5.05 7.15
CA VAL B 5 -17.12 5.22 7.44
C VAL B 5 -16.51 3.82 7.71
N THR B 6 -15.53 3.44 6.88
CA THR B 6 -14.91 2.10 6.92
C THR B 6 -13.92 1.99 8.10
N LYS B 7 -14.05 0.95 8.94
CA LYS B 7 -13.11 0.69 10.06
C LYS B 7 -12.06 -0.33 9.59
N VAL B 8 -10.79 0.07 9.70
CA VAL B 8 -9.61 -0.66 9.19
C VAL B 8 -8.43 -0.49 10.15
N ASP B 9 -7.38 -1.30 9.96
CA ASP B 9 -6.22 -1.38 10.88
C ASP B 9 -5.08 -0.46 10.40
N CYS B 10 -4.34 0.10 11.38
CA CYS B 10 -3.16 0.94 11.14
C CYS B 10 -1.93 0.02 11.12
N PRO B 11 -1.37 -0.32 9.91
CA PRO B 11 -0.32 -1.38 9.77
C PRO B 11 1.04 -1.05 10.43
N VAL B 12 1.16 0.16 11.01
CA VAL B 12 2.35 0.59 11.74
C VAL B 12 2.22 0.27 13.25
N CYS B 13 1.24 0.90 13.93
CA CYS B 13 1.07 0.78 15.41
C CYS B 13 -0.03 -0.25 15.78
N GLY B 14 -0.59 -0.93 14.75
CA GLY B 14 -1.49 -2.08 14.93
C GLY B 14 -2.79 -1.79 15.69
N VAL B 15 -3.47 -0.67 15.35
CA VAL B 15 -4.74 -0.27 16.00
C VAL B 15 -5.90 -0.20 14.98
N ASN B 16 -7.08 -0.73 15.35
CA ASN B 16 -8.28 -0.66 14.50
C ASN B 16 -9.03 0.66 14.77
N ILE B 17 -9.23 1.44 13.71
CA ILE B 17 -9.71 2.84 13.74
C ILE B 17 -10.53 3.11 12.45
N PRO B 18 -11.36 4.21 12.39
CA PRO B 18 -12.01 4.63 11.13
C PRO B 18 -10.96 5.08 10.08
N GLU B 19 -11.34 4.98 8.80
CA GLU B 19 -10.42 5.11 7.65
C GLU B 19 -9.86 6.54 7.49
N SER B 20 -10.67 7.57 7.78
CA SER B 20 -10.20 8.97 7.79
C SER B 20 -9.06 9.14 8.83
N HIS B 21 -9.25 8.48 9.98
CA HIS B 21 -8.27 8.49 11.09
C HIS B 21 -7.13 7.48 10.84
N ILE B 22 -7.32 6.49 9.93
CA ILE B 22 -6.24 5.51 9.58
C ILE B 22 -5.20 6.26 8.75
N ASN B 23 -5.68 7.06 7.78
CA ASN B 23 -4.83 7.86 6.89
C ASN B 23 -3.97 8.83 7.71
N LYS B 24 -4.66 9.61 8.58
CA LYS B 24 -4.01 10.60 9.47
C LYS B 24 -3.00 9.93 10.42
N HIS B 25 -3.39 8.75 10.95
CA HIS B 25 -2.56 7.94 11.85
C HIS B 25 -1.22 7.65 11.20
N LEU B 26 -1.26 7.27 9.91
CA LEU B 26 -0.06 6.89 9.16
C LEU B 26 0.91 8.04 9.07
N ASP B 27 0.41 9.24 8.71
CA ASP B 27 1.23 10.46 8.58
C ASP B 27 2.05 10.75 9.87
N SER B 28 1.47 10.37 11.02
CA SER B 28 2.16 10.47 12.33
C SER B 28 3.04 9.22 12.60
N CYS B 29 2.53 8.04 12.21
CA CYS B 29 3.07 6.73 12.60
C CYS B 29 4.31 6.33 11.75
N LEU B 30 4.40 6.88 10.52
CA LEU B 30 5.49 6.56 9.58
C LEU B 30 6.69 7.50 9.83
N SER B 31 6.45 8.58 10.61
CA SER B 31 7.50 9.50 11.05
C SER B 31 8.43 8.76 12.03
N ARG B 32 9.43 8.08 11.46
CA ARG B 32 10.40 7.24 12.20
C ARG B 32 11.76 7.95 12.30
N GLU B 33 12.66 7.37 13.13
CA GLU B 33 13.98 7.96 13.49
C GLU B 33 13.78 9.27 14.31
ZN ZN C . -1.18 4.41 14.03
N GLY A 1 12.83 -4.36 -18.24
CA GLY A 1 12.80 -5.68 -18.92
C GLY A 1 12.14 -6.75 -18.06
N SER A 2 11.38 -7.66 -18.70
CA SER A 2 10.59 -8.74 -18.02
C SER A 2 9.61 -8.14 -16.96
N HIS A 3 9.08 -9.00 -16.07
CA HIS A 3 8.30 -8.56 -14.90
C HIS A 3 8.22 -9.68 -13.85
N MET A 4 8.30 -9.29 -12.57
CA MET A 4 8.05 -10.18 -11.43
C MET A 4 6.69 -9.81 -10.82
N GLN A 5 6.07 -10.78 -10.17
CA GLN A 5 4.76 -10.59 -9.53
C GLN A 5 4.94 -10.45 -8.02
N ILE A 6 4.42 -9.35 -7.46
CA ILE A 6 4.40 -9.07 -6.02
C ILE A 6 2.94 -8.87 -5.59
N PHE A 7 2.70 -9.03 -4.28
CA PHE A 7 1.33 -9.04 -3.71
C PHE A 7 1.12 -7.83 -2.80
N VAL A 8 0.19 -6.97 -3.20
CA VAL A 8 -0.24 -5.80 -2.43
C VAL A 8 -1.61 -6.13 -1.83
N LYS A 9 -1.66 -6.15 -0.50
CA LYS A 9 -2.86 -6.52 0.26
C LYS A 9 -3.43 -5.26 0.93
N THR A 10 -4.60 -4.79 0.47
CA THR A 10 -5.29 -3.64 1.07
C THR A 10 -5.77 -3.96 2.50
N LEU A 11 -6.09 -2.91 3.27
CA LEU A 11 -6.65 -3.04 4.62
C LEU A 11 -8.04 -3.71 4.60
N THR A 12 -8.71 -3.70 3.43
CA THR A 12 -10.04 -4.32 3.26
C THR A 12 -9.91 -5.85 3.10
N GLY A 13 -8.65 -6.33 2.93
CA GLY A 13 -8.37 -7.76 2.79
C GLY A 13 -8.32 -8.19 1.32
N LYS A 14 -8.37 -7.22 0.41
CA LYS A 14 -8.32 -7.47 -1.03
C LYS A 14 -6.86 -7.59 -1.50
N THR A 15 -6.64 -8.44 -2.52
CA THR A 15 -5.29 -8.71 -3.07
C THR A 15 -5.17 -8.06 -4.47
N ILE A 16 -3.98 -7.49 -4.71
CA ILE A 16 -3.62 -6.81 -5.96
C ILE A 16 -2.26 -7.38 -6.43
N THR A 17 -2.22 -8.04 -7.60
CA THR A 17 -0.98 -8.57 -8.17
C THR A 17 -0.40 -7.54 -9.15
N LEU A 18 0.85 -7.10 -8.88
CA LEU A 18 1.58 -6.15 -9.75
C LEU A 18 2.64 -6.93 -10.52
N GLU A 19 3.06 -6.37 -11.66
CA GLU A 19 4.01 -7.01 -12.58
C GLU A 19 5.16 -6.03 -12.87
N VAL A 20 6.15 -5.99 -11.94
CA VAL A 20 7.33 -5.10 -12.03
C VAL A 20 8.57 -5.80 -11.43
N GLU A 21 9.71 -5.10 -11.47
CA GLU A 21 11.00 -5.62 -10.99
C GLU A 21 11.24 -5.14 -9.53
N PRO A 22 12.06 -5.86 -8.70
CA PRO A 22 12.56 -5.31 -7.43
C PRO A 22 13.46 -4.05 -7.66
N SER A 23 14.10 -3.97 -8.85
CA SER A 23 14.98 -2.85 -9.23
C SER A 23 14.20 -1.76 -10.01
N ASP A 24 12.86 -1.93 -10.12
CA ASP A 24 11.97 -0.99 -10.82
C ASP A 24 11.92 0.39 -10.08
N THR A 25 10.88 0.62 -9.26
CA THR A 25 10.71 1.82 -8.40
C THR A 25 9.31 1.83 -7.80
N ILE A 26 9.19 2.29 -6.55
CA ILE A 26 7.90 2.33 -5.80
C ILE A 26 6.89 3.27 -6.50
N GLU A 27 7.42 4.34 -7.14
CA GLU A 27 6.63 5.31 -7.93
C GLU A 27 5.82 4.58 -9.02
N ASN A 28 6.47 3.62 -9.63
CA ASN A 28 5.88 2.82 -10.72
C ASN A 28 4.95 1.75 -10.15
N VAL A 29 5.39 1.13 -9.04
CA VAL A 29 4.61 0.09 -8.33
C VAL A 29 3.22 0.63 -7.91
N LYS A 30 3.18 1.86 -7.38
CA LYS A 30 1.93 2.49 -6.92
C LYS A 30 1.06 2.94 -8.12
N ALA A 31 1.73 3.27 -9.24
CA ALA A 31 1.06 3.49 -10.54
C ALA A 31 0.40 2.17 -11.03
N LYS A 32 1.01 1.02 -10.67
CA LYS A 32 0.47 -0.31 -11.03
C LYS A 32 -0.81 -0.63 -10.21
N ILE A 33 -0.85 -0.23 -8.91
CA ILE A 33 -2.08 -0.34 -8.09
C ILE A 33 -3.26 0.40 -8.78
N GLN A 34 -2.97 1.62 -9.26
CA GLN A 34 -3.92 2.43 -10.02
C GLN A 34 -4.35 1.73 -11.34
N ASP A 35 -3.42 0.98 -11.94
CA ASP A 35 -3.67 0.18 -13.16
C ASP A 35 -4.54 -1.07 -12.86
N LYS A 36 -4.41 -1.63 -11.65
CA LYS A 36 -5.06 -2.92 -11.30
C LYS A 36 -6.45 -2.68 -10.69
N GLU A 37 -6.50 -2.06 -9.49
CA GLU A 37 -7.76 -1.86 -8.77
C GLU A 37 -8.45 -0.54 -9.18
N GLY A 38 -7.65 0.44 -9.64
CA GLY A 38 -8.19 1.70 -10.14
C GLY A 38 -8.27 2.78 -9.06
N ILE A 39 -7.35 2.69 -8.07
CA ILE A 39 -7.25 3.69 -6.99
C ILE A 39 -5.96 4.51 -7.21
N PRO A 40 -6.04 5.88 -7.26
CA PRO A 40 -4.88 6.75 -7.60
C PRO A 40 -3.77 6.71 -6.52
N PRO A 41 -2.46 6.98 -6.90
CA PRO A 41 -1.32 7.00 -5.94
C PRO A 41 -1.52 7.98 -4.76
N ASP A 42 -2.44 8.94 -4.97
CA ASP A 42 -2.83 9.93 -3.95
C ASP A 42 -3.65 9.29 -2.81
N GLN A 43 -4.50 8.30 -3.18
CA GLN A 43 -5.41 7.63 -2.24
C GLN A 43 -4.83 6.33 -1.68
N GLN A 44 -3.95 5.67 -2.41
CA GLN A 44 -3.32 4.45 -1.92
C GLN A 44 -1.98 4.79 -1.22
N ARG A 45 -1.66 4.11 -0.10
CA ARG A 45 -0.46 4.39 0.72
C ARG A 45 0.31 3.07 0.93
N LEU A 46 1.62 3.10 0.63
CA LEU A 46 2.47 1.90 0.56
C LEU A 46 3.22 1.70 1.87
N ILE A 47 3.05 0.52 2.51
CA ILE A 47 3.73 0.19 3.77
C ILE A 47 4.15 -1.29 3.77
N PHE A 48 5.43 -1.53 4.07
CA PHE A 48 5.99 -2.89 4.24
C PHE A 48 6.78 -2.92 5.56
N ALA A 49 6.39 -3.83 6.47
CA ALA A 49 7.12 -4.07 7.74
C ALA A 49 7.13 -2.83 8.68
N GLY A 50 6.19 -1.89 8.47
CA GLY A 50 6.08 -0.67 9.30
C GLY A 50 6.69 0.56 8.67
N LYS A 51 7.55 0.38 7.65
CA LYS A 51 8.20 1.49 6.92
C LYS A 51 7.29 1.89 5.73
N GLN A 52 7.10 3.20 5.54
CA GLN A 52 6.32 3.73 4.40
C GLN A 52 7.24 3.77 3.18
N LEU A 53 6.73 3.32 2.04
CA LEU A 53 7.54 3.15 0.83
C LEU A 53 7.54 4.45 0.00
N GLU A 54 8.73 5.07 -0.10
CA GLU A 54 8.94 6.31 -0.84
C GLU A 54 8.98 6.02 -2.34
N ASP A 55 8.32 6.90 -3.12
CA ASP A 55 8.22 6.77 -4.58
C ASP A 55 9.61 6.80 -5.26
N GLY A 56 10.52 7.64 -4.72
CA GLY A 56 11.87 7.80 -5.27
C GLY A 56 12.75 6.57 -5.11
N ARG A 57 12.42 5.70 -4.15
CA ARG A 57 13.16 4.45 -3.89
C ARG A 57 12.60 3.28 -4.72
N THR A 58 13.25 2.09 -4.59
CA THR A 58 12.80 0.85 -5.26
C THR A 58 12.26 -0.14 -4.23
N LEU A 59 11.63 -1.23 -4.72
CA LEU A 59 11.18 -2.35 -3.87
C LEU A 59 12.37 -2.91 -3.08
N SER A 60 13.44 -3.28 -3.82
CA SER A 60 14.66 -3.91 -3.28
C SER A 60 15.38 -3.00 -2.27
N ASP A 61 15.13 -1.66 -2.38
CA ASP A 61 15.70 -0.67 -1.43
C ASP A 61 15.14 -0.96 -0.02
N TYR A 62 13.83 -1.15 0.02
CA TYR A 62 13.08 -1.42 1.26
C TYR A 62 13.06 -2.94 1.60
N ASN A 63 13.99 -3.70 0.96
CA ASN A 63 14.19 -5.17 1.19
C ASN A 63 13.06 -6.02 0.58
N ILE A 64 12.19 -5.38 -0.22
CA ILE A 64 11.06 -6.04 -0.88
C ILE A 64 11.56 -6.74 -2.16
N GLN A 65 11.32 -8.04 -2.25
CA GLN A 65 11.70 -8.84 -3.42
C GLN A 65 10.43 -9.27 -4.18
N LYS A 66 10.62 -10.11 -5.21
CA LYS A 66 9.49 -10.74 -5.92
C LYS A 66 8.62 -11.56 -4.96
N GLU A 67 7.31 -11.54 -5.23
CA GLU A 67 6.27 -12.25 -4.46
C GLU A 67 6.17 -11.78 -2.99
N SER A 68 6.83 -10.66 -2.63
CA SER A 68 6.69 -10.08 -1.28
C SER A 68 5.29 -9.47 -1.11
N THR A 69 4.65 -9.81 0.02
CA THR A 69 3.35 -9.26 0.38
C THR A 69 3.56 -8.03 1.28
N LEU A 70 2.87 -6.93 0.95
CA LEU A 70 2.95 -5.65 1.68
C LEU A 70 1.55 -5.07 1.83
N HIS A 71 1.40 -4.16 2.80
CA HIS A 71 0.10 -3.53 3.11
C HIS A 71 -0.14 -2.28 2.27
N LEU A 72 -1.38 -2.14 1.80
CA LEU A 72 -1.86 -0.99 1.03
C LEU A 72 -3.00 -0.39 1.84
N VAL A 73 -2.98 0.94 1.95
CA VAL A 73 -3.97 1.69 2.71
C VAL A 73 -4.78 2.60 1.78
N LEU A 74 -6.08 2.30 1.70
CA LEU A 74 -7.05 3.13 0.97
C LEU A 74 -7.46 4.33 1.84
N ARG A 75 -6.84 5.47 1.56
CA ARG A 75 -7.15 6.78 2.18
C ARG A 75 -8.54 7.23 1.71
N LEU A 76 -8.82 6.99 0.41
CA LEU A 76 -10.14 7.18 -0.24
C LEU A 76 -10.64 8.65 -0.11
N ARG A 77 -9.67 9.57 -0.05
CA ARG A 77 -9.90 11.01 0.15
C ARG A 77 -10.34 11.71 -1.15
N GLY A 78 -10.29 10.98 -2.27
CA GLY A 78 -10.67 11.49 -3.58
C GLY A 78 -11.37 10.43 -4.40
N GLY A 79 -12.19 9.61 -3.71
CA GLY A 79 -13.05 8.61 -4.34
C GLY A 79 -12.27 7.48 -5.01
N GLY B 1 -15.91 -1.70 -3.46
CA GLY B 1 -17.07 -1.29 -2.67
C GLY B 1 -16.73 -0.26 -1.59
N SER B 2 -16.05 0.82 -2.01
CA SER B 2 -15.65 1.92 -1.14
C SER B 2 -16.65 3.08 -1.30
N ARG B 3 -17.74 3.01 -0.48
CA ARG B 3 -18.87 3.97 -0.54
C ARG B 3 -18.96 4.76 0.78
N GLN B 4 -19.07 4.02 1.88
CA GLN B 4 -19.07 4.57 3.25
C GLN B 4 -17.64 4.54 3.83
N VAL B 5 -17.42 5.29 4.94
CA VAL B 5 -16.13 5.29 5.64
C VAL B 5 -15.80 3.87 6.18
N THR B 6 -14.69 3.32 5.69
CA THR B 6 -14.28 1.93 5.97
C THR B 6 -13.68 1.82 7.40
N LYS B 7 -13.89 0.66 8.06
CA LYS B 7 -13.27 0.34 9.35
C LYS B 7 -12.05 -0.54 9.02
N VAL B 8 -10.89 -0.08 9.46
CA VAL B 8 -9.59 -0.58 9.01
C VAL B 8 -8.61 -0.68 10.19
N ASP B 9 -7.37 -1.10 9.89
CA ASP B 9 -6.29 -1.25 10.89
C ASP B 9 -5.06 -0.44 10.44
N CYS B 10 -4.33 0.15 11.42
CA CYS B 10 -3.12 0.96 11.17
C CYS B 10 -1.91 0.02 11.22
N PRO B 11 -1.34 -0.41 10.04
CA PRO B 11 -0.31 -1.50 9.99
C PRO B 11 0.97 -1.20 10.81
N VAL B 12 1.25 0.09 11.06
CA VAL B 12 2.50 0.51 11.73
C VAL B 12 2.43 0.28 13.26
N CYS B 13 1.38 0.83 13.92
CA CYS B 13 1.25 0.77 15.42
C CYS B 13 0.20 -0.29 15.84
N GLY B 14 -0.51 -0.87 14.85
CA GLY B 14 -1.44 -1.99 15.08
C GLY B 14 -2.69 -1.62 15.90
N VAL B 15 -3.39 -0.55 15.50
CA VAL B 15 -4.65 -0.11 16.15
C VAL B 15 -5.82 -0.14 15.13
N ASN B 16 -7.01 -0.61 15.56
CA ASN B 16 -8.22 -0.61 14.71
C ASN B 16 -8.95 0.74 14.84
N ILE B 17 -9.18 1.39 13.69
CA ILE B 17 -9.67 2.78 13.58
C ILE B 17 -10.42 2.96 12.24
N PRO B 18 -11.35 3.95 12.11
CA PRO B 18 -11.99 4.28 10.81
C PRO B 18 -11.02 4.90 9.77
N GLU B 19 -11.47 4.92 8.51
CA GLU B 19 -10.65 5.19 7.31
C GLU B 19 -9.96 6.59 7.29
N SER B 20 -10.66 7.65 7.69
CA SER B 20 -10.05 9.02 7.72
C SER B 20 -9.01 9.09 8.86
N HIS B 21 -9.28 8.36 9.97
CA HIS B 21 -8.37 8.27 11.13
C HIS B 21 -7.12 7.44 10.78
N ILE B 22 -7.26 6.46 9.86
CA ILE B 22 -6.13 5.61 9.43
C ILE B 22 -5.17 6.44 8.57
N ASN B 23 -5.73 7.35 7.75
CA ASN B 23 -4.96 8.28 6.91
C ASN B 23 -4.02 9.14 7.80
N LYS B 24 -4.62 9.80 8.81
CA LYS B 24 -3.87 10.68 9.73
C LYS B 24 -2.93 9.88 10.66
N HIS B 25 -3.36 8.65 11.03
CA HIS B 25 -2.58 7.79 11.93
C HIS B 25 -1.23 7.47 11.30
N LEU B 26 -1.27 7.10 10.01
CA LEU B 26 -0.05 6.76 9.27
C LEU B 26 0.81 7.98 9.06
N ASP B 27 0.17 9.13 8.81
CA ASP B 27 0.85 10.41 8.55
C ASP B 27 1.82 10.75 9.71
N SER B 28 1.41 10.33 10.93
CA SER B 28 2.22 10.48 12.15
C SER B 28 3.08 9.21 12.42
N CYS B 29 2.52 8.02 12.13
CA CYS B 29 3.12 6.71 12.50
C CYS B 29 4.29 6.30 11.59
N LEU B 30 4.33 6.83 10.34
CA LEU B 30 5.40 6.52 9.36
C LEU B 30 6.73 7.15 9.81
N SER B 31 6.60 8.18 10.67
CA SER B 31 7.73 8.86 11.30
C SER B 31 8.40 7.90 12.31
N ARG B 32 9.63 7.49 11.98
CA ARG B 32 10.44 6.57 12.79
C ARG B 32 11.92 6.97 12.67
N GLU B 33 12.16 8.30 12.64
CA GLU B 33 13.51 8.89 12.56
C GLU B 33 14.19 8.81 13.96
ZN ZN C . -1.05 4.38 14.03
N GLY A 1 12.89 -4.13 -14.48
CA GLY A 1 11.68 -4.45 -15.28
C GLY A 1 10.71 -5.38 -14.56
N SER A 2 9.63 -5.78 -15.26
CA SER A 2 8.71 -6.81 -14.78
C SER A 2 9.37 -8.20 -14.88
N HIS A 3 9.52 -8.89 -13.74
CA HIS A 3 10.18 -10.21 -13.71
C HIS A 3 9.67 -11.06 -12.52
N MET A 4 10.10 -10.70 -11.30
CA MET A 4 9.77 -11.46 -10.08
C MET A 4 8.37 -11.10 -9.56
N GLN A 5 7.84 -11.90 -8.64
CA GLN A 5 6.52 -11.66 -8.03
C GLN A 5 6.67 -11.34 -6.54
N ILE A 6 5.91 -10.34 -6.08
CA ILE A 6 5.77 -9.96 -4.65
C ILE A 6 4.28 -9.87 -4.31
N PHE A 7 3.98 -9.88 -3.00
CA PHE A 7 2.60 -9.92 -2.49
C PHE A 7 2.32 -8.67 -1.64
N VAL A 8 1.47 -7.78 -2.17
CA VAL A 8 0.98 -6.60 -1.45
C VAL A 8 -0.40 -6.96 -0.86
N LYS A 9 -0.65 -6.61 0.40
CA LYS A 9 -1.88 -7.00 1.11
C LYS A 9 -2.64 -5.75 1.60
N THR A 10 -3.92 -5.61 1.21
CA THR A 10 -4.75 -4.45 1.60
C THR A 10 -5.33 -4.63 3.02
N LEU A 11 -5.84 -3.51 3.58
CA LEU A 11 -6.58 -3.49 4.85
C LEU A 11 -7.98 -4.13 4.70
N THR A 12 -8.48 -4.21 3.45
CA THR A 12 -9.72 -4.93 3.14
C THR A 12 -9.47 -6.45 3.10
N GLY A 13 -8.17 -6.83 2.97
CA GLY A 13 -7.72 -8.21 3.17
C GLY A 13 -7.58 -9.01 1.89
N LYS A 14 -7.39 -8.34 0.76
CA LYS A 14 -7.07 -9.00 -0.52
C LYS A 14 -5.54 -9.04 -0.71
N THR A 15 -5.04 -10.02 -1.45
CA THR A 15 -3.63 -10.06 -1.88
C THR A 15 -3.53 -9.58 -3.34
N ILE A 16 -2.44 -8.88 -3.64
CA ILE A 16 -2.13 -8.33 -4.97
C ILE A 16 -0.74 -8.85 -5.39
N THR A 17 -0.68 -9.69 -6.42
CA THR A 17 0.59 -10.18 -6.99
C THR A 17 1.06 -9.21 -8.09
N LEU A 18 2.28 -8.66 -7.92
CA LEU A 18 2.91 -7.75 -8.91
C LEU A 18 4.09 -8.45 -9.56
N GLU A 19 4.40 -8.06 -10.79
CA GLU A 19 5.57 -8.54 -11.52
C GLU A 19 6.55 -7.37 -11.70
N VAL A 20 7.51 -7.29 -10.77
CA VAL A 20 8.67 -6.36 -10.84
C VAL A 20 9.87 -7.06 -10.18
N GLU A 21 10.99 -6.37 -10.04
CA GLU A 21 12.17 -6.92 -9.33
C GLU A 21 12.24 -6.32 -7.91
N PRO A 22 12.91 -7.02 -6.94
CA PRO A 22 13.25 -6.41 -5.63
C PRO A 22 14.12 -5.14 -5.82
N SER A 23 14.96 -5.15 -6.88
CA SER A 23 15.89 -4.04 -7.18
C SER A 23 15.30 -3.10 -8.25
N ASP A 24 13.96 -3.16 -8.47
CA ASP A 24 13.26 -2.34 -9.48
C ASP A 24 12.98 -0.92 -8.91
N THR A 25 11.78 -0.71 -8.30
CA THR A 25 11.40 0.54 -7.61
C THR A 25 9.94 0.46 -7.08
N ILE A 26 9.68 1.17 -5.96
CA ILE A 26 8.36 1.22 -5.28
C ILE A 26 7.31 1.91 -6.17
N GLU A 27 7.78 2.95 -6.89
CA GLU A 27 6.95 3.74 -7.82
C GLU A 27 6.28 2.85 -8.87
N ASN A 28 7.03 1.84 -9.33
CA ASN A 28 6.57 0.91 -10.37
C ASN A 28 5.58 -0.10 -9.78
N VAL A 29 5.89 -0.56 -8.55
CA VAL A 29 5.05 -1.52 -7.81
C VAL A 29 3.61 -0.96 -7.62
N LYS A 30 3.51 0.31 -7.20
CA LYS A 30 2.21 0.97 -6.95
C LYS A 30 1.45 1.26 -8.25
N ALA A 31 2.20 1.45 -9.35
CA ALA A 31 1.63 1.50 -10.71
C ALA A 31 1.04 0.13 -11.12
N LYS A 32 1.74 -0.96 -10.74
CA LYS A 32 1.29 -2.34 -10.99
C LYS A 32 0.00 -2.64 -10.19
N ILE A 33 -0.07 -2.12 -8.96
CA ILE A 33 -1.24 -2.28 -8.06
C ILE A 33 -2.50 -1.62 -8.66
N GLN A 34 -2.30 -0.47 -9.30
CA GLN A 34 -3.37 0.24 -10.05
C GLN A 34 -3.84 -0.59 -11.26
N ASP A 35 -2.92 -1.37 -11.85
CA ASP A 35 -3.27 -2.33 -12.92
C ASP A 35 -4.09 -3.51 -12.37
N LYS A 36 -3.76 -3.98 -11.15
CA LYS A 36 -4.31 -5.25 -10.61
C LYS A 36 -5.66 -5.01 -9.92
N GLU A 37 -5.65 -4.31 -8.76
CA GLU A 37 -6.87 -4.10 -7.97
C GLU A 37 -7.65 -2.87 -8.48
N GLY A 38 -6.95 -1.98 -9.22
CA GLY A 38 -7.59 -0.86 -9.93
C GLY A 38 -7.73 0.38 -9.08
N ILE A 39 -6.86 0.53 -8.08
CA ILE A 39 -6.85 1.70 -7.18
C ILE A 39 -5.58 2.54 -7.48
N PRO A 40 -5.73 3.88 -7.79
CA PRO A 40 -4.60 4.75 -8.20
C PRO A 40 -3.56 4.94 -7.07
N PRO A 41 -2.22 5.14 -7.40
CA PRO A 41 -1.11 5.34 -6.41
C PRO A 41 -1.37 6.50 -5.41
N ASP A 42 -2.32 7.39 -5.73
CA ASP A 42 -2.76 8.47 -4.84
C ASP A 42 -3.64 7.94 -3.69
N GLN A 43 -4.56 7.00 -4.02
CA GLN A 43 -5.56 6.45 -3.07
C GLN A 43 -4.97 5.29 -2.26
N GLN A 44 -4.08 4.50 -2.86
CA GLN A 44 -3.39 3.40 -2.17
C GLN A 44 -2.09 3.93 -1.53
N ARG A 45 -1.67 3.33 -0.40
CA ARG A 45 -0.47 3.76 0.33
C ARG A 45 0.39 2.55 0.69
N LEU A 46 1.70 2.65 0.39
CA LEU A 46 2.67 1.55 0.56
C LEU A 46 3.37 1.66 1.91
N ILE A 47 3.30 0.58 2.71
CA ILE A 47 3.97 0.47 4.02
C ILE A 47 4.49 -0.97 4.21
N PHE A 48 5.76 -1.09 4.64
CA PHE A 48 6.36 -2.38 5.05
C PHE A 48 7.13 -2.14 6.34
N ALA A 49 6.91 -3.02 7.33
CA ALA A 49 7.63 -3.00 8.62
C ALA A 49 7.39 -1.68 9.40
N GLY A 50 6.27 -0.98 9.09
CA GLY A 50 5.86 0.24 9.81
C GLY A 50 6.34 1.54 9.16
N LYS A 51 7.20 1.44 8.14
CA LYS A 51 7.74 2.62 7.42
C LYS A 51 7.01 2.77 6.06
N GLN A 52 6.73 4.03 5.68
CA GLN A 52 6.09 4.34 4.38
C GLN A 52 7.14 4.17 3.26
N LEU A 53 6.77 3.45 2.20
CA LEU A 53 7.68 3.14 1.11
C LEU A 53 7.73 4.30 0.11
N GLU A 54 8.93 4.89 -0.04
CA GLU A 54 9.18 6.04 -0.91
C GLU A 54 9.30 5.57 -2.37
N ASP A 55 8.67 6.34 -3.28
CA ASP A 55 8.56 6.02 -4.71
C ASP A 55 9.92 5.74 -5.35
N GLY A 56 10.87 6.67 -5.11
CA GLY A 56 12.20 6.63 -5.72
C GLY A 56 13.03 5.41 -5.30
N ARG A 57 12.75 4.88 -4.09
CA ARG A 57 13.49 3.73 -3.52
C ARG A 57 13.04 2.41 -4.15
N THR A 58 13.72 1.32 -3.76
CA THR A 58 13.43 -0.04 -4.25
C THR A 58 12.84 -0.88 -3.13
N LEU A 59 12.23 -2.01 -3.52
CA LEU A 59 11.70 -3.01 -2.56
C LEU A 59 12.84 -3.47 -1.62
N SER A 60 13.95 -3.91 -2.22
CA SER A 60 15.09 -4.51 -1.52
C SER A 60 15.80 -3.47 -0.61
N ASP A 61 15.59 -2.16 -0.90
CA ASP A 61 16.09 -1.06 -0.06
C ASP A 61 15.36 -1.08 1.29
N TYR A 62 14.04 -1.29 1.23
CA TYR A 62 13.18 -1.41 2.41
C TYR A 62 13.14 -2.86 2.96
N ASN A 63 14.12 -3.71 2.53
CA ASN A 63 14.31 -5.11 2.98
C ASN A 63 13.20 -6.06 2.46
N ILE A 64 12.49 -5.59 1.42
CA ILE A 64 11.45 -6.37 0.73
C ILE A 64 12.11 -7.14 -0.42
N GLN A 65 12.32 -8.43 -0.24
CA GLN A 65 12.86 -9.30 -1.29
C GLN A 65 11.69 -9.77 -2.18
N LYS A 66 11.99 -10.59 -3.20
CA LYS A 66 10.96 -11.23 -4.00
C LYS A 66 10.05 -12.11 -3.12
N GLU A 67 8.76 -12.12 -3.46
CA GLU A 67 7.70 -12.89 -2.76
C GLU A 67 7.46 -12.43 -1.31
N SER A 68 8.02 -11.27 -0.90
CA SER A 68 7.75 -10.69 0.43
C SER A 68 6.35 -10.06 0.47
N THR A 69 5.73 -10.07 1.66
CA THR A 69 4.42 -9.45 1.87
C THR A 69 4.58 -8.09 2.56
N LEU A 70 3.95 -7.07 2.00
CA LEU A 70 3.94 -5.69 2.52
C LEU A 70 2.49 -5.19 2.54
N HIS A 71 2.19 -4.23 3.42
CA HIS A 71 0.81 -3.73 3.64
C HIS A 71 0.44 -2.60 2.66
N LEU A 72 -0.87 -2.41 2.49
CA LEU A 72 -1.46 -1.46 1.55
C LEU A 72 -2.70 -0.84 2.22
N VAL A 73 -2.76 0.49 2.20
CA VAL A 73 -3.87 1.26 2.79
C VAL A 73 -4.68 1.94 1.68
N LEU A 74 -5.96 1.54 1.59
CA LEU A 74 -6.93 2.10 0.63
C LEU A 74 -7.60 3.36 1.21
N ARG A 75 -7.79 4.38 0.34
CA ARG A 75 -8.44 5.66 0.71
C ARG A 75 -9.74 5.89 -0.10
N LEU A 76 -9.67 5.64 -1.41
CA LEU A 76 -10.81 5.82 -2.37
C LEU A 76 -11.36 7.27 -2.35
N ARG A 77 -10.46 8.25 -2.10
CA ARG A 77 -10.80 9.70 -2.05
C ARG A 77 -11.35 10.16 -3.41
N GLY A 78 -10.53 9.96 -4.45
CA GLY A 78 -10.90 10.21 -5.84
C GLY A 78 -11.34 8.93 -6.56
N GLY A 79 -11.96 8.00 -5.80
CA GLY A 79 -12.46 6.74 -6.35
C GLY A 79 -11.34 5.77 -6.76
N GLY B 1 -19.62 0.40 -5.93
CA GLY B 1 -18.61 0.88 -4.99
C GLY B 1 -19.19 1.86 -3.97
N SER B 2 -20.11 1.34 -3.12
CA SER B 2 -20.74 2.13 -2.05
C SER B 2 -19.71 2.45 -0.94
N ARG B 3 -19.04 3.60 -1.08
CA ARG B 3 -18.03 4.07 -0.11
C ARG B 3 -18.73 4.62 1.15
N GLN B 4 -18.34 4.06 2.30
CA GLN B 4 -18.83 4.51 3.63
C GLN B 4 -17.61 4.79 4.54
N VAL B 5 -17.87 5.29 5.77
CA VAL B 5 -16.84 5.45 6.80
C VAL B 5 -16.42 4.04 7.32
N THR B 6 -15.50 3.41 6.57
CA THR B 6 -15.02 2.05 6.85
C THR B 6 -14.00 2.08 7.99
N LYS B 7 -14.08 1.13 8.93
CA LYS B 7 -13.12 0.98 10.02
C LYS B 7 -12.11 -0.11 9.65
N VAL B 8 -10.83 0.26 9.65
CA VAL B 8 -9.68 -0.57 9.25
C VAL B 8 -8.56 -0.43 10.30
N ASP B 9 -7.44 -1.11 10.08
CA ASP B 9 -6.32 -1.16 11.04
C ASP B 9 -5.10 -0.37 10.50
N CYS B 10 -4.36 0.25 11.43
CA CYS B 10 -3.16 1.05 11.13
C CYS B 10 -1.92 0.15 11.13
N PRO B 11 -1.36 -0.26 9.94
CA PRO B 11 -0.34 -1.36 9.83
C PRO B 11 0.99 -1.09 10.56
N VAL B 12 1.19 0.14 11.03
CA VAL B 12 2.41 0.54 11.76
C VAL B 12 2.28 0.18 13.26
N CYS B 13 1.27 0.75 13.95
CA CYS B 13 1.11 0.61 15.42
C CYS B 13 0.03 -0.44 15.78
N GLY B 14 -0.69 -0.94 14.77
CA GLY B 14 -1.67 -2.03 14.93
C GLY B 14 -2.90 -1.66 15.74
N VAL B 15 -3.56 -0.54 15.38
CA VAL B 15 -4.77 -0.04 16.08
C VAL B 15 -5.98 0.01 15.12
N ASN B 16 -7.18 -0.33 15.62
CA ASN B 16 -8.43 -0.32 14.84
C ASN B 16 -9.14 1.04 15.01
N ILE B 17 -9.37 1.70 13.87
CA ILE B 17 -9.81 3.11 13.77
C ILE B 17 -10.60 3.30 12.43
N PRO B 18 -11.45 4.38 12.29
CA PRO B 18 -12.06 4.74 10.98
C PRO B 18 -10.99 5.14 9.94
N GLU B 19 -11.35 5.05 8.66
CA GLU B 19 -10.42 5.17 7.52
C GLU B 19 -9.88 6.61 7.35
N SER B 20 -10.67 7.61 7.76
CA SER B 20 -10.19 9.00 7.87
C SER B 20 -9.02 9.09 8.88
N HIS B 21 -9.21 8.43 10.04
CA HIS B 21 -8.22 8.38 11.12
C HIS B 21 -7.09 7.41 10.81
N ILE B 22 -7.27 6.48 9.84
CA ILE B 22 -6.22 5.50 9.49
C ILE B 22 -5.11 6.24 8.73
N ASN B 23 -5.49 7.02 7.69
CA ASN B 23 -4.52 7.74 6.86
C ASN B 23 -3.84 8.87 7.67
N LYS B 24 -4.63 9.48 8.58
CA LYS B 24 -4.12 10.46 9.56
C LYS B 24 -3.08 9.81 10.49
N HIS B 25 -3.41 8.61 10.99
CA HIS B 25 -2.55 7.83 11.89
C HIS B 25 -1.23 7.54 11.21
N LEU B 26 -1.28 7.25 9.91
CA LEU B 26 -0.09 6.94 9.11
C LEU B 26 0.82 8.15 8.98
N ASP B 27 0.23 9.35 8.80
CA ASP B 27 0.99 10.60 8.68
C ASP B 27 1.92 10.81 9.90
N SER B 28 1.42 10.44 11.08
CA SER B 28 2.20 10.53 12.33
C SER B 28 3.03 9.23 12.59
N CYS B 29 2.51 8.07 12.15
CA CYS B 29 3.09 6.74 12.43
C CYS B 29 4.25 6.38 11.47
N LEU B 30 4.34 7.05 10.29
CA LEU B 30 5.37 6.76 9.26
C LEU B 30 6.73 7.34 9.67
N SER B 31 6.73 8.15 10.76
CA SER B 31 7.91 8.83 11.32
C SER B 31 8.99 7.84 11.86
N ARG B 32 8.71 6.52 11.71
CA ARG B 32 9.69 5.46 11.94
C ARG B 32 10.93 5.67 11.03
N GLU B 33 11.98 6.26 11.62
CA GLU B 33 13.21 6.66 10.92
C GLU B 33 14.41 6.13 11.73
ZN ZN C . -1.02 4.35 14.04
N GLY A 1 14.52 -6.69 -17.91
CA GLY A 1 13.31 -6.51 -18.73
C GLY A 1 12.41 -7.73 -18.70
N SER A 2 12.30 -8.37 -17.53
CA SER A 2 11.56 -9.64 -17.35
C SER A 2 10.10 -9.41 -16.92
N HIS A 3 9.90 -8.51 -15.92
CA HIS A 3 8.59 -8.30 -15.22
C HIS A 3 8.24 -9.50 -14.31
N MET A 4 7.83 -9.18 -13.05
CA MET A 4 7.49 -10.18 -12.01
C MET A 4 6.15 -9.81 -11.34
N GLN A 5 5.76 -10.55 -10.29
CA GLN A 5 4.57 -10.26 -9.49
C GLN A 5 4.97 -9.82 -8.07
N ILE A 6 4.07 -9.06 -7.41
CA ILE A 6 4.13 -8.74 -5.95
C ILE A 6 2.70 -8.73 -5.38
N PHE A 7 2.59 -8.95 -4.05
CA PHE A 7 1.28 -9.06 -3.36
C PHE A 7 1.07 -7.86 -2.41
N VAL A 8 0.28 -6.89 -2.88
CA VAL A 8 -0.08 -5.68 -2.12
C VAL A 8 -1.50 -5.88 -1.57
N LYS A 9 -1.60 -6.16 -0.26
CA LYS A 9 -2.86 -6.54 0.39
C LYS A 9 -3.47 -5.35 1.17
N THR A 10 -4.75 -5.03 0.90
CA THR A 10 -5.46 -3.92 1.54
C THR A 10 -5.77 -4.19 3.03
N LEU A 11 -6.14 -3.10 3.72
CA LEU A 11 -6.66 -3.15 5.10
C LEU A 11 -8.03 -3.84 5.16
N THR A 12 -8.76 -3.84 4.03
CA THR A 12 -10.05 -4.52 3.89
C THR A 12 -9.84 -6.03 3.69
N GLY A 13 -8.60 -6.43 3.32
CA GLY A 13 -8.17 -7.82 3.35
C GLY A 13 -8.05 -8.47 1.98
N LYS A 14 -8.24 -7.70 0.89
CA LYS A 14 -8.11 -8.23 -0.49
C LYS A 14 -6.62 -8.19 -0.89
N THR A 15 -6.19 -9.10 -1.76
CA THR A 15 -4.81 -9.13 -2.28
C THR A 15 -4.77 -8.65 -3.73
N ILE A 16 -3.92 -7.65 -3.99
CA ILE A 16 -3.71 -7.09 -5.32
C ILE A 16 -2.34 -7.55 -5.85
N THR A 17 -2.36 -8.41 -6.87
CA THR A 17 -1.14 -8.88 -7.55
C THR A 17 -0.79 -7.94 -8.72
N LEU A 18 0.40 -7.33 -8.69
CA LEU A 18 0.85 -6.37 -9.74
C LEU A 18 1.92 -7.02 -10.60
N GLU A 19 1.98 -6.58 -11.86
CA GLU A 19 2.86 -7.15 -12.88
C GLU A 19 3.96 -6.13 -13.20
N VAL A 20 4.98 -6.05 -12.31
CA VAL A 20 6.11 -5.08 -12.42
C VAL A 20 7.39 -5.74 -11.90
N GLU A 21 8.52 -5.07 -12.08
CA GLU A 21 9.83 -5.58 -11.64
C GLU A 21 10.15 -5.05 -10.22
N PRO A 22 11.06 -5.72 -9.44
CA PRO A 22 11.59 -5.15 -8.18
C PRO A 22 12.29 -3.78 -8.40
N SER A 23 12.95 -3.63 -9.57
CA SER A 23 13.68 -2.39 -9.91
C SER A 23 12.86 -1.51 -10.89
N ASP A 24 11.52 -1.73 -10.93
CA ASP A 24 10.62 -0.94 -11.79
C ASP A 24 10.47 0.49 -11.20
N THR A 25 9.49 0.66 -10.27
CA THR A 25 9.34 1.86 -9.40
C THR A 25 8.03 1.73 -8.60
N ILE A 26 8.01 2.32 -7.39
CA ILE A 26 6.86 2.29 -6.46
C ILE A 26 5.66 3.01 -7.08
N GLU A 27 5.95 4.13 -7.78
CA GLU A 27 4.92 4.95 -8.46
C GLU A 27 4.16 4.13 -9.52
N ASN A 28 4.88 3.18 -10.16
CA ASN A 28 4.29 2.28 -11.16
C ASN A 28 3.41 1.23 -10.49
N VAL A 29 3.92 0.67 -9.37
CA VAL A 29 3.23 -0.39 -8.61
C VAL A 29 1.82 0.08 -8.19
N LYS A 30 1.77 1.30 -7.64
CA LYS A 30 0.52 1.91 -7.16
C LYS A 30 -0.40 2.37 -8.30
N ALA A 31 0.21 2.68 -9.47
CA ALA A 31 -0.55 2.92 -10.71
C ALA A 31 -1.24 1.61 -11.17
N LYS A 32 -0.56 0.47 -10.93
CA LYS A 32 -1.12 -0.86 -11.21
C LYS A 32 -2.22 -1.23 -10.20
N ILE A 33 -2.12 -0.77 -8.91
CA ILE A 33 -3.25 -0.87 -7.94
C ILE A 33 -4.53 -0.25 -8.54
N GLN A 34 -4.36 0.94 -9.16
CA GLN A 34 -5.46 1.64 -9.85
C GLN A 34 -5.96 0.84 -11.07
N ASP A 35 -5.04 0.10 -11.72
CA ASP A 35 -5.36 -0.77 -12.86
C ASP A 35 -6.13 -2.03 -12.41
N LYS A 36 -5.79 -2.56 -11.21
CA LYS A 36 -6.30 -3.86 -10.73
C LYS A 36 -7.59 -3.68 -9.91
N GLU A 37 -7.49 -3.07 -8.71
CA GLU A 37 -8.65 -2.89 -7.80
C GLU A 37 -9.47 -1.65 -8.18
N GLY A 38 -8.85 -0.70 -8.90
CA GLY A 38 -9.55 0.48 -9.42
C GLY A 38 -9.53 1.66 -8.48
N ILE A 39 -8.55 1.66 -7.56
CA ILE A 39 -8.37 2.74 -6.57
C ILE A 39 -7.10 3.54 -6.95
N PRO A 40 -7.22 4.90 -7.17
CA PRO A 40 -6.10 5.73 -7.67
C PRO A 40 -4.93 5.80 -6.67
N PRO A 41 -3.65 6.03 -7.15
CA PRO A 41 -2.45 6.18 -6.28
C PRO A 41 -2.58 7.31 -5.22
N ASP A 42 -3.59 8.18 -5.41
CA ASP A 42 -3.96 9.21 -4.44
C ASP A 42 -4.72 8.60 -3.24
N GLN A 43 -5.72 7.75 -3.53
CA GLN A 43 -6.64 7.17 -2.51
C GLN A 43 -6.01 5.97 -1.80
N GLN A 44 -5.06 5.33 -2.44
CA GLN A 44 -4.29 4.24 -1.84
C GLN A 44 -3.01 4.80 -1.21
N ARG A 45 -2.49 4.10 -0.20
CA ARG A 45 -1.23 4.44 0.45
C ARG A 45 -0.43 3.16 0.63
N LEU A 46 0.79 3.19 0.14
CA LEU A 46 1.62 2.01 -0.06
C LEU A 46 2.63 1.92 1.08
N ILE A 47 2.62 0.78 1.83
CA ILE A 47 3.44 0.59 3.05
C ILE A 47 4.02 -0.84 3.08
N PHE A 48 5.32 -0.95 3.38
CA PHE A 48 6.01 -2.23 3.60
C PHE A 48 6.90 -2.07 4.83
N ALA A 49 6.83 -3.03 5.77
CA ALA A 49 7.65 -3.06 7.01
C ALA A 49 7.33 -1.87 7.95
N GLY A 50 6.13 -1.29 7.80
CA GLY A 50 5.65 -0.20 8.66
C GLY A 50 6.13 1.19 8.23
N LYS A 51 6.73 1.28 7.02
CA LYS A 51 7.20 2.56 6.46
C LYS A 51 6.45 2.86 5.14
N GLN A 52 6.22 4.14 4.86
CA GLN A 52 5.54 4.59 3.63
C GLN A 52 6.50 4.48 2.43
N LEU A 53 6.06 3.79 1.37
CA LEU A 53 6.85 3.59 0.16
C LEU A 53 6.77 4.86 -0.73
N GLU A 54 7.95 5.41 -1.06
CA GLU A 54 8.08 6.65 -1.82
C GLU A 54 8.05 6.34 -3.32
N ASP A 55 7.34 7.19 -4.06
CA ASP A 55 7.05 7.00 -5.49
C ASP A 55 8.31 6.97 -6.35
N GLY A 56 9.27 7.85 -6.01
CA GLY A 56 10.53 8.00 -6.75
C GLY A 56 11.49 6.82 -6.58
N ARG A 57 11.27 6.02 -5.53
CA ARG A 57 12.07 4.82 -5.22
C ARG A 57 11.50 3.58 -5.92
N THR A 58 12.19 2.44 -5.74
CA THR A 58 11.79 1.15 -6.32
C THR A 58 11.47 0.16 -5.19
N LEU A 59 10.87 -0.99 -5.56
CA LEU A 59 10.60 -2.08 -4.60
C LEU A 59 11.92 -2.54 -3.95
N SER A 60 12.92 -2.81 -4.80
CA SER A 60 14.24 -3.31 -4.39
C SER A 60 14.97 -2.30 -3.47
N ASP A 61 14.62 -1.00 -3.60
CA ASP A 61 15.18 0.06 -2.73
C ASP A 61 14.73 -0.17 -1.28
N TYR A 62 13.43 -0.47 -1.12
CA TYR A 62 12.82 -0.74 0.20
C TYR A 62 12.99 -2.22 0.59
N ASN A 63 13.92 -2.94 -0.09
CA ASN A 63 14.27 -4.35 0.20
C ASN A 63 13.09 -5.30 -0.08
N ILE A 64 12.14 -4.81 -0.91
CA ILE A 64 11.00 -5.59 -1.42
C ILE A 64 11.46 -6.34 -2.67
N GLN A 65 11.15 -7.62 -2.73
CA GLN A 65 11.47 -8.46 -3.90
C GLN A 65 10.18 -8.93 -4.57
N LYS A 66 10.31 -9.78 -5.58
CA LYS A 66 9.17 -10.39 -6.26
C LYS A 66 8.37 -11.26 -5.26
N GLU A 67 7.04 -11.02 -5.26
CA GLU A 67 6.05 -11.79 -4.50
C GLU A 67 6.12 -11.49 -3.00
N SER A 68 6.77 -10.36 -2.62
CA SER A 68 6.72 -9.86 -1.24
C SER A 68 5.32 -9.31 -0.92
N THR A 69 4.84 -9.59 0.31
CA THR A 69 3.55 -9.07 0.78
C THR A 69 3.77 -7.77 1.56
N LEU A 70 2.99 -6.74 1.19
CA LEU A 70 3.00 -5.41 1.82
C LEU A 70 1.55 -4.93 1.98
N HIS A 71 1.36 -3.87 2.78
CA HIS A 71 0.02 -3.38 3.14
C HIS A 71 -0.39 -2.20 2.24
N LEU A 72 -1.71 -2.11 2.00
CA LEU A 72 -2.34 -1.08 1.18
C LEU A 72 -3.44 -0.44 2.01
N VAL A 73 -3.44 0.89 2.02
CA VAL A 73 -4.35 1.69 2.83
C VAL A 73 -5.29 2.49 1.93
N LEU A 74 -6.59 2.42 2.22
CA LEU A 74 -7.62 3.11 1.45
C LEU A 74 -8.03 4.43 2.12
N ARG A 75 -8.37 5.43 1.27
CA ARG A 75 -8.83 6.77 1.72
C ARG A 75 -10.27 7.02 1.24
N LEU A 76 -10.57 6.59 -0.02
CA LEU A 76 -11.88 6.79 -0.70
C LEU A 76 -12.42 8.24 -0.60
N ARG A 77 -11.49 9.21 -0.61
CA ARG A 77 -11.83 10.65 -0.59
C ARG A 77 -12.39 11.06 -1.97
N GLY A 78 -11.70 10.56 -3.00
CA GLY A 78 -12.11 10.71 -4.40
C GLY A 78 -12.30 9.34 -5.04
N GLY A 79 -13.29 8.59 -4.53
CA GLY A 79 -13.67 7.29 -5.07
C GLY A 79 -14.84 6.68 -4.31
N GLY B 1 -18.51 -1.49 -3.13
CA GLY B 1 -19.25 -0.24 -3.28
C GLY B 1 -19.26 0.59 -2.01
N SER B 2 -18.05 1.02 -1.60
CA SER B 2 -17.83 1.80 -0.37
C SER B 2 -18.42 3.23 -0.50
N ARG B 3 -18.91 3.76 0.64
CA ARG B 3 -19.55 5.08 0.71
C ARG B 3 -19.60 5.56 2.17
N GLN B 4 -19.76 4.59 3.09
CA GLN B 4 -19.63 4.82 4.54
C GLN B 4 -18.15 4.69 4.95
N VAL B 5 -17.78 5.32 6.09
CA VAL B 5 -16.39 5.31 6.57
C VAL B 5 -15.94 3.88 6.94
N THR B 6 -14.93 3.40 6.21
CA THR B 6 -14.44 2.02 6.29
C THR B 6 -13.67 1.78 7.61
N LYS B 7 -14.01 0.68 8.30
CA LYS B 7 -13.31 0.25 9.52
C LYS B 7 -12.07 -0.57 9.09
N VAL B 8 -10.90 -0.12 9.53
CA VAL B 8 -9.59 -0.62 9.02
C VAL B 8 -8.56 -0.64 10.16
N ASP B 9 -7.31 -1.01 9.81
CA ASP B 9 -6.19 -1.13 10.79
C ASP B 9 -4.99 -0.31 10.33
N CYS B 10 -4.25 0.24 11.32
CA CYS B 10 -3.02 1.04 11.11
C CYS B 10 -1.82 0.08 11.20
N PRO B 11 -1.28 -0.44 10.04
CA PRO B 11 -0.30 -1.56 10.02
C PRO B 11 1.02 -1.26 10.78
N VAL B 12 1.29 0.03 11.05
CA VAL B 12 2.54 0.47 11.70
C VAL B 12 2.46 0.24 13.24
N CYS B 13 1.44 0.83 13.90
CA CYS B 13 1.30 0.75 15.38
C CYS B 13 0.20 -0.26 15.80
N GLY B 14 -0.45 -0.89 14.79
CA GLY B 14 -1.35 -2.03 15.00
C GLY B 14 -2.66 -1.71 15.72
N VAL B 15 -3.30 -0.59 15.36
CA VAL B 15 -4.56 -0.13 16.02
C VAL B 15 -5.72 -0.10 15.01
N ASN B 16 -6.91 -0.58 15.44
CA ASN B 16 -8.12 -0.60 14.61
C ASN B 16 -8.90 0.71 14.77
N ILE B 17 -9.15 1.41 13.65
CA ILE B 17 -9.65 2.80 13.60
C ILE B 17 -10.43 3.05 12.28
N PRO B 18 -11.32 4.11 12.22
CA PRO B 18 -11.97 4.56 10.95
C PRO B 18 -10.97 4.98 9.85
N GLU B 19 -11.46 5.01 8.60
CA GLU B 19 -10.69 5.22 7.37
C GLU B 19 -10.01 6.62 7.31
N SER B 20 -10.75 7.67 7.67
CA SER B 20 -10.21 9.04 7.72
C SER B 20 -9.08 9.14 8.78
N HIS B 21 -9.32 8.47 9.92
CA HIS B 21 -8.38 8.44 11.05
C HIS B 21 -7.17 7.56 10.74
N ILE B 22 -7.33 6.56 9.85
CA ILE B 22 -6.25 5.63 9.50
C ILE B 22 -5.17 6.37 8.72
N ASN B 23 -5.59 7.21 7.75
CA ASN B 23 -4.66 7.97 6.90
C ASN B 23 -3.91 9.02 7.74
N LYS B 24 -4.61 9.65 8.71
CA LYS B 24 -3.98 10.61 9.64
C LYS B 24 -3.01 9.91 10.61
N HIS B 25 -3.41 8.72 11.11
CA HIS B 25 -2.62 7.95 12.10
C HIS B 25 -1.30 7.56 11.48
N LEU B 26 -1.36 7.07 10.23
CA LEU B 26 -0.18 6.70 9.45
C LEU B 26 0.72 7.89 9.22
N ASP B 27 0.10 9.02 8.87
CA ASP B 27 0.82 10.26 8.52
C ASP B 27 1.77 10.69 9.67
N SER B 28 1.40 10.30 10.91
CA SER B 28 2.25 10.47 12.11
C SER B 28 3.14 9.21 12.35
N CYS B 29 2.56 8.01 12.15
CA CYS B 29 3.17 6.71 12.51
C CYS B 29 4.31 6.30 11.55
N LEU B 30 4.30 6.83 10.31
CA LEU B 30 5.32 6.51 9.28
C LEU B 30 6.51 7.44 9.47
N SER B 31 6.26 8.60 10.09
CA SER B 31 7.28 9.61 10.40
C SER B 31 8.19 9.09 11.52
N ARG B 32 9.20 8.32 11.12
CA ARG B 32 10.17 7.67 12.01
C ARG B 32 11.47 8.48 12.06
N GLU B 33 11.85 9.07 10.90
CA GLU B 33 13.08 9.85 10.74
C GLU B 33 12.74 11.18 10.03
ZN ZN C . -1.00 4.43 14.09
N GLY A 1 14.46 -7.03 -16.30
CA GLY A 1 14.71 -8.49 -16.31
C GLY A 1 13.42 -9.28 -16.06
N SER A 2 13.50 -10.24 -15.12
CA SER A 2 12.38 -11.15 -14.80
C SER A 2 11.40 -10.51 -13.81
N HIS A 3 10.15 -10.29 -14.27
CA HIS A 3 9.07 -9.72 -13.44
C HIS A 3 8.60 -10.77 -12.41
N MET A 4 8.96 -10.55 -11.15
CA MET A 4 8.66 -11.48 -10.03
C MET A 4 7.25 -11.19 -9.43
N GLN A 5 6.81 -12.08 -8.53
CA GLN A 5 5.50 -11.93 -7.83
C GLN A 5 5.71 -11.54 -6.37
N ILE A 6 4.87 -10.61 -5.90
CA ILE A 6 4.84 -10.14 -4.48
C ILE A 6 3.38 -10.02 -4.01
N PHE A 7 3.19 -10.16 -2.68
CA PHE A 7 1.86 -10.17 -2.04
C PHE A 7 1.63 -8.84 -1.33
N VAL A 8 0.75 -8.00 -1.88
CA VAL A 8 0.30 -6.75 -1.25
C VAL A 8 -1.10 -6.98 -0.69
N LYS A 9 -1.22 -6.86 0.64
CA LYS A 9 -2.44 -7.22 1.37
C LYS A 9 -3.16 -5.95 1.85
N THR A 10 -4.41 -5.73 1.42
CA THR A 10 -5.19 -4.56 1.86
C THR A 10 -5.65 -4.72 3.33
N LEU A 11 -6.08 -3.59 3.90
CA LEU A 11 -6.72 -3.54 5.21
C LEU A 11 -8.13 -4.18 5.17
N THR A 12 -8.71 -4.31 3.96
CA THR A 12 -9.98 -5.04 3.76
C THR A 12 -9.73 -6.57 3.72
N GLY A 13 -8.44 -6.97 3.60
CA GLY A 13 -8.04 -8.36 3.77
C GLY A 13 -7.97 -9.15 2.45
N LYS A 14 -7.91 -8.44 1.32
CA LYS A 14 -7.74 -9.06 -0.01
C LYS A 14 -6.23 -9.09 -0.37
N THR A 15 -5.84 -10.05 -1.20
CA THR A 15 -4.47 -10.17 -1.72
C THR A 15 -4.40 -9.61 -3.16
N ILE A 16 -3.37 -8.81 -3.41
CA ILE A 16 -3.04 -8.24 -4.73
C ILE A 16 -1.62 -8.71 -5.08
N THR A 17 -1.50 -9.61 -6.08
CA THR A 17 -0.19 -10.07 -6.56
C THR A 17 0.25 -9.24 -7.77
N LEU A 18 1.49 -8.72 -7.73
CA LEU A 18 2.06 -7.85 -8.78
C LEU A 18 3.18 -8.59 -9.49
N GLU A 19 3.42 -8.19 -10.75
CA GLU A 19 4.44 -8.80 -11.62
C GLU A 19 5.58 -7.79 -11.83
N VAL A 20 6.39 -7.57 -10.78
CA VAL A 20 7.53 -6.62 -10.80
C VAL A 20 8.72 -7.21 -10.03
N GLU A 21 9.85 -6.52 -10.11
CA GLU A 21 11.14 -7.01 -9.59
C GLU A 21 11.47 -6.29 -8.26
N PRO A 22 12.41 -6.86 -7.42
CA PRO A 22 12.91 -6.14 -6.22
C PRO A 22 13.56 -4.80 -6.61
N SER A 23 14.26 -4.78 -7.74
CA SER A 23 15.04 -3.63 -8.22
C SER A 23 14.25 -2.79 -9.22
N ASP A 24 12.91 -3.01 -9.27
CA ASP A 24 11.99 -2.28 -10.15
C ASP A 24 11.81 -0.82 -9.64
N THR A 25 10.72 -0.53 -8.90
CA THR A 25 10.46 0.76 -8.22
C THR A 25 9.06 0.75 -7.60
N ILE A 26 8.93 1.35 -6.41
CA ILE A 26 7.67 1.38 -5.63
C ILE A 26 6.53 2.09 -6.41
N GLU A 27 6.88 3.19 -7.13
CA GLU A 27 5.92 3.95 -7.95
C GLU A 27 5.22 3.06 -9.01
N ASN A 28 5.99 2.10 -9.53
CA ASN A 28 5.49 1.16 -10.53
C ASN A 28 4.61 0.09 -9.88
N VAL A 29 5.07 -0.39 -8.70
CA VAL A 29 4.37 -1.41 -7.90
C VAL A 29 2.94 -0.95 -7.60
N LYS A 30 2.78 0.31 -7.13
CA LYS A 30 1.47 0.89 -6.76
C LYS A 30 0.58 1.11 -7.99
N ALA A 31 1.22 1.42 -9.15
CA ALA A 31 0.52 1.46 -10.45
C ALA A 31 0.02 0.05 -10.85
N LYS A 32 0.74 -0.99 -10.39
CA LYS A 32 0.35 -2.40 -10.63
C LYS A 32 -0.83 -2.80 -9.72
N ILE A 33 -0.89 -2.30 -8.45
CA ILE A 33 -2.07 -2.49 -7.57
C ILE A 33 -3.34 -1.94 -8.28
N GLN A 34 -3.17 -0.74 -8.87
CA GLN A 34 -4.20 -0.08 -9.69
C GLN A 34 -4.58 -0.93 -10.93
N ASP A 35 -3.60 -1.68 -11.45
CA ASP A 35 -3.82 -2.61 -12.58
C ASP A 35 -4.63 -3.86 -12.15
N LYS A 36 -4.51 -4.28 -10.87
CA LYS A 36 -5.13 -5.53 -10.39
C LYS A 36 -6.51 -5.25 -9.76
N GLU A 37 -6.54 -4.59 -8.57
CA GLU A 37 -7.81 -4.34 -7.84
C GLU A 37 -8.56 -3.14 -8.42
N GLY A 38 -7.81 -2.20 -9.04
CA GLY A 38 -8.40 -1.06 -9.74
C GLY A 38 -8.46 0.21 -8.91
N ILE A 39 -7.65 0.27 -7.85
CA ILE A 39 -7.61 1.43 -6.94
C ILE A 39 -6.35 2.28 -7.26
N PRO A 40 -6.50 3.61 -7.58
CA PRO A 40 -5.36 4.47 -8.03
C PRO A 40 -4.37 4.77 -6.89
N PRO A 41 -3.06 5.12 -7.21
CA PRO A 41 -2.01 5.42 -6.20
C PRO A 41 -2.38 6.55 -5.22
N ASP A 42 -3.41 7.35 -5.55
CA ASP A 42 -3.93 8.37 -4.61
C ASP A 42 -4.71 7.68 -3.46
N GLN A 43 -5.58 6.73 -3.83
CA GLN A 43 -6.54 6.08 -2.91
C GLN A 43 -5.88 4.92 -2.13
N GLN A 44 -4.79 4.38 -2.65
CA GLN A 44 -4.03 3.29 -1.98
C GLN A 44 -2.67 3.82 -1.47
N ARG A 45 -2.14 3.18 -0.40
CA ARG A 45 -0.84 3.57 0.19
C ARG A 45 -0.03 2.32 0.56
N LEU A 46 1.28 2.35 0.27
CA LEU A 46 2.19 1.20 0.46
C LEU A 46 2.94 1.32 1.78
N ILE A 47 2.85 0.27 2.62
CA ILE A 47 3.56 0.20 3.93
C ILE A 47 4.03 -1.25 4.17
N PHE A 48 5.33 -1.43 4.43
CA PHE A 48 5.94 -2.74 4.74
C PHE A 48 6.69 -2.60 6.08
N ALA A 49 6.37 -3.48 7.04
CA ALA A 49 7.06 -3.55 8.36
C ALA A 49 6.96 -2.22 9.17
N GLY A 50 5.88 -1.44 8.91
CA GLY A 50 5.59 -0.22 9.67
C GLY A 50 6.09 1.06 8.99
N LYS A 51 6.97 0.93 7.98
CA LYS A 51 7.53 2.08 7.25
C LYS A 51 6.77 2.24 5.91
N GLN A 52 6.53 3.49 5.51
CA GLN A 52 5.82 3.79 4.27
C GLN A 52 6.81 3.73 3.08
N LEU A 53 6.38 3.03 2.00
CA LEU A 53 7.24 2.79 0.83
C LEU A 53 7.22 4.00 -0.12
N GLU A 54 8.40 4.61 -0.30
CA GLU A 54 8.59 5.84 -1.08
C GLU A 54 8.75 5.50 -2.59
N ASP A 55 8.12 6.33 -3.45
CA ASP A 55 8.01 6.09 -4.92
C ASP A 55 9.39 5.91 -5.59
N GLY A 56 10.31 6.84 -5.26
CA GLY A 56 11.64 6.90 -5.87
C GLY A 56 12.55 5.75 -5.49
N ARG A 57 12.19 5.05 -4.40
CA ARG A 57 12.88 3.85 -3.92
C ARG A 57 12.36 2.61 -4.64
N THR A 58 12.97 1.45 -4.32
CA THR A 58 12.60 0.14 -4.86
C THR A 58 12.11 -0.75 -3.72
N LEU A 59 11.55 -1.92 -4.09
CA LEU A 59 11.20 -2.96 -3.12
C LEU A 59 12.47 -3.37 -2.33
N SER A 60 13.55 -3.61 -3.08
CA SER A 60 14.84 -4.10 -2.56
C SER A 60 15.47 -3.09 -1.58
N ASP A 61 15.13 -1.79 -1.74
CA ASP A 61 15.59 -0.71 -0.84
C ASP A 61 15.09 -0.99 0.58
N TYR A 62 13.81 -1.35 0.67
CA TYR A 62 13.11 -1.61 1.93
C TYR A 62 13.26 -3.09 2.38
N ASN A 63 14.25 -3.81 1.76
CA ASN A 63 14.56 -5.24 2.02
C ASN A 63 13.48 -6.19 1.48
N ILE A 64 12.51 -5.64 0.71
CA ILE A 64 11.41 -6.41 0.12
C ILE A 64 11.92 -7.16 -1.12
N GLN A 65 11.64 -8.46 -1.16
CA GLN A 65 11.98 -9.30 -2.31
C GLN A 65 10.68 -9.96 -2.82
N LYS A 66 10.82 -10.84 -3.82
CA LYS A 66 9.72 -11.66 -4.32
C LYS A 66 9.16 -12.55 -3.19
N GLU A 67 7.83 -12.73 -3.22
CA GLU A 67 7.08 -13.55 -2.26
C GLU A 67 7.07 -12.93 -0.84
N SER A 68 7.47 -11.64 -0.71
CA SER A 68 7.33 -10.90 0.57
C SER A 68 5.91 -10.29 0.64
N THR A 69 5.28 -10.35 1.82
CA THR A 69 3.96 -9.76 2.06
C THR A 69 4.10 -8.39 2.75
N LEU A 70 3.47 -7.38 2.14
CA LEU A 70 3.40 -6.02 2.64
C LEU A 70 1.92 -5.61 2.75
N HIS A 71 1.67 -4.44 3.31
CA HIS A 71 0.30 -3.95 3.58
C HIS A 71 -0.06 -2.79 2.64
N LEU A 72 -1.37 -2.63 2.45
CA LEU A 72 -1.96 -1.66 1.53
C LEU A 72 -3.10 -0.97 2.28
N VAL A 73 -3.05 0.37 2.32
CA VAL A 73 -4.05 1.19 2.99
C VAL A 73 -4.96 1.85 1.95
N LEU A 74 -6.23 1.47 2.00
CA LEU A 74 -7.29 2.00 1.16
C LEU A 74 -7.89 3.30 1.74
N ARG A 75 -8.32 4.20 0.84
CA ARG A 75 -8.95 5.49 1.18
C ARG A 75 -10.36 5.58 0.54
N LEU A 76 -10.46 5.21 -0.76
CA LEU A 76 -11.73 5.20 -1.54
C LEU A 76 -12.49 6.55 -1.49
N ARG A 77 -11.71 7.63 -1.33
CA ARG A 77 -12.26 9.00 -1.18
C ARG A 77 -12.99 9.43 -2.47
N GLY A 78 -12.36 9.14 -3.61
CA GLY A 78 -12.95 9.39 -4.94
C GLY A 78 -13.28 8.10 -5.66
N GLY A 79 -13.71 7.07 -4.91
CA GLY A 79 -14.04 5.75 -5.46
C GLY A 79 -12.80 4.89 -5.70
N GLY B 1 -20.82 -0.74 -3.49
CA GLY B 1 -20.17 0.43 -4.12
C GLY B 1 -20.29 1.72 -3.30
N SER B 2 -21.03 1.64 -2.18
CA SER B 2 -21.25 2.78 -1.27
C SER B 2 -19.96 3.08 -0.48
N ARG B 3 -19.42 4.31 -0.65
CA ARG B 3 -18.17 4.72 0.00
C ARG B 3 -18.45 5.26 1.40
N GLN B 4 -18.76 4.32 2.32
CA GLN B 4 -18.86 4.59 3.75
C GLN B 4 -17.43 4.60 4.35
N VAL B 5 -17.21 5.38 5.41
CA VAL B 5 -15.93 5.41 6.13
C VAL B 5 -15.62 4.00 6.71
N THR B 6 -14.70 3.30 6.04
CA THR B 6 -14.34 1.90 6.34
C THR B 6 -13.63 1.81 7.70
N LYS B 7 -13.88 0.73 8.46
CA LYS B 7 -13.16 0.46 9.72
C LYS B 7 -12.00 -0.49 9.38
N VAL B 8 -10.79 -0.04 9.70
CA VAL B 8 -9.54 -0.64 9.23
C VAL B 8 -8.49 -0.59 10.35
N ASP B 9 -7.27 -1.08 10.07
CA ASP B 9 -6.17 -1.12 11.05
C ASP B 9 -4.98 -0.28 10.56
N CYS B 10 -4.27 0.34 11.51
CA CYS B 10 -3.04 1.11 11.25
C CYS B 10 -1.87 0.12 11.18
N PRO B 11 -1.34 -0.24 9.95
CA PRO B 11 -0.34 -1.34 9.78
C PRO B 11 1.00 -1.09 10.51
N VAL B 12 1.19 0.14 11.02
CA VAL B 12 2.39 0.52 11.77
C VAL B 12 2.25 0.13 13.26
N CYS B 13 1.28 0.76 13.98
CA CYS B 13 1.12 0.59 15.45
C CYS B 13 0.00 -0.41 15.81
N GLY B 14 -0.62 -1.01 14.77
CA GLY B 14 -1.58 -2.13 14.92
C GLY B 14 -2.85 -1.81 15.70
N VAL B 15 -3.41 -0.60 15.50
CA VAL B 15 -4.65 -0.15 16.19
C VAL B 15 -5.81 -0.03 15.18
N ASN B 16 -7.00 -0.56 15.55
CA ASN B 16 -8.19 -0.53 14.68
C ASN B 16 -8.93 0.82 14.87
N ILE B 17 -9.10 1.54 13.75
CA ILE B 17 -9.61 2.93 13.69
C ILE B 17 -10.37 3.14 12.34
N PRO B 18 -11.29 4.16 12.23
CA PRO B 18 -11.97 4.50 10.93
C PRO B 18 -10.96 4.95 9.84
N GLU B 19 -11.44 4.92 8.58
CA GLU B 19 -10.62 5.10 7.34
C GLU B 19 -9.99 6.51 7.21
N SER B 20 -10.73 7.54 7.65
CA SER B 20 -10.20 8.93 7.69
C SER B 20 -9.09 9.03 8.79
N HIS B 21 -9.32 8.34 9.92
CA HIS B 21 -8.38 8.33 11.07
C HIS B 21 -7.16 7.44 10.78
N ILE B 22 -7.31 6.47 9.86
CA ILE B 22 -6.20 5.57 9.48
C ILE B 22 -5.17 6.40 8.68
N ASN B 23 -5.68 7.25 7.75
CA ASN B 23 -4.85 8.16 6.96
C ASN B 23 -4.02 9.07 7.90
N LYS B 24 -4.72 9.73 8.85
CA LYS B 24 -4.10 10.60 9.87
C LYS B 24 -2.99 9.87 10.66
N HIS B 25 -3.34 8.64 11.11
CA HIS B 25 -2.46 7.81 11.94
C HIS B 25 -1.20 7.44 11.18
N LEU B 26 -1.30 7.22 9.87
CA LEU B 26 -0.15 6.85 9.04
C LEU B 26 0.87 7.96 9.00
N ASP B 27 0.40 9.16 8.67
CA ASP B 27 1.25 10.35 8.50
C ASP B 27 2.04 10.67 9.78
N SER B 28 1.45 10.31 10.93
CA SER B 28 2.09 10.44 12.24
C SER B 28 3.04 9.25 12.51
N CYS B 29 2.56 8.04 12.18
CA CYS B 29 3.20 6.76 12.55
C CYS B 29 4.37 6.37 11.60
N LEU B 30 4.43 6.95 10.37
CA LEU B 30 5.46 6.59 9.36
C LEU B 30 6.78 7.36 9.61
N SER B 31 6.79 8.18 10.69
CA SER B 31 7.95 8.94 11.16
C SER B 31 9.20 8.02 11.30
N ARG B 32 10.11 8.14 10.32
CA ARG B 32 11.39 7.43 10.31
C ARG B 32 12.30 7.95 11.43
N GLU B 33 12.81 7.02 12.24
CA GLU B 33 13.75 7.31 13.34
C GLU B 33 15.20 7.40 12.78
ZN ZN C . -0.91 4.40 14.20
N GLY A 1 8.63 -13.07 -20.36
CA GLY A 1 9.08 -11.93 -19.54
C GLY A 1 9.50 -12.35 -18.14
N SER A 2 9.66 -11.35 -17.25
CA SER A 2 10.11 -11.55 -15.86
C SER A 2 9.31 -10.65 -14.88
N HIS A 3 8.07 -10.29 -15.28
CA HIS A 3 7.12 -9.57 -14.40
C HIS A 3 6.54 -10.55 -13.36
N MET A 4 7.13 -10.53 -12.16
CA MET A 4 6.84 -11.50 -11.08
C MET A 4 5.62 -11.05 -10.25
N GLN A 5 4.96 -12.01 -9.61
CA GLN A 5 3.73 -11.78 -8.86
C GLN A 5 4.02 -11.50 -7.38
N ILE A 6 3.52 -10.34 -6.92
CA ILE A 6 3.58 -9.90 -5.52
C ILE A 6 2.16 -9.65 -5.03
N PHE A 7 1.97 -9.70 -3.71
CA PHE A 7 0.64 -9.65 -3.07
C PHE A 7 0.50 -8.39 -2.20
N VAL A 8 -0.26 -7.42 -2.69
CA VAL A 8 -0.59 -6.20 -1.93
C VAL A 8 -1.95 -6.41 -1.25
N LYS A 9 -1.99 -6.29 0.08
CA LYS A 9 -3.19 -6.60 0.89
C LYS A 9 -3.80 -5.31 1.45
N THR A 10 -5.09 -5.02 1.10
CA THR A 10 -5.78 -3.81 1.60
C THR A 10 -6.26 -3.99 3.04
N LEU A 11 -6.66 -2.86 3.63
CA LEU A 11 -7.25 -2.80 4.96
C LEU A 11 -8.68 -3.36 4.98
N THR A 12 -9.32 -3.43 3.79
CA THR A 12 -10.65 -4.07 3.62
C THR A 12 -10.50 -5.60 3.57
N GLY A 13 -9.26 -6.07 3.32
CA GLY A 13 -8.92 -7.48 3.47
C GLY A 13 -8.82 -8.25 2.17
N LYS A 14 -8.76 -7.54 1.04
CA LYS A 14 -8.60 -8.19 -0.28
C LYS A 14 -7.10 -8.25 -0.64
N THR A 15 -6.75 -9.25 -1.46
CA THR A 15 -5.41 -9.36 -2.05
C THR A 15 -5.45 -8.75 -3.47
N ILE A 16 -4.35 -8.08 -3.83
CA ILE A 16 -4.14 -7.49 -5.15
C ILE A 16 -2.82 -8.05 -5.71
N THR A 17 -2.93 -9.02 -6.63
CA THR A 17 -1.77 -9.64 -7.27
C THR A 17 -1.32 -8.77 -8.46
N LEU A 18 -0.10 -8.24 -8.39
CA LEU A 18 0.52 -7.47 -9.50
C LEU A 18 1.56 -8.35 -10.18
N GLU A 19 1.81 -8.10 -11.46
CA GLU A 19 2.90 -8.74 -12.19
C GLU A 19 3.93 -7.65 -12.55
N VAL A 20 4.92 -7.43 -11.68
CA VAL A 20 6.04 -6.49 -11.92
C VAL A 20 7.33 -7.11 -11.42
N GLU A 21 8.45 -6.49 -11.76
CA GLU A 21 9.78 -6.99 -11.38
C GLU A 21 10.19 -6.38 -10.03
N PRO A 22 11.05 -7.08 -9.22
CA PRO A 22 11.62 -6.49 -7.98
C PRO A 22 12.51 -5.26 -8.31
N SER A 23 13.08 -5.27 -9.53
CA SER A 23 14.01 -4.23 -10.00
C SER A 23 13.27 -3.22 -10.90
N ASP A 24 11.91 -3.23 -10.88
CA ASP A 24 11.07 -2.38 -11.75
C ASP A 24 10.98 -0.96 -11.15
N THR A 25 9.91 -0.67 -10.37
CA THR A 25 9.74 0.61 -9.61
C THR A 25 8.40 0.57 -8.84
N ILE A 26 8.40 1.20 -7.65
CA ILE A 26 7.21 1.30 -6.77
C ILE A 26 6.07 2.09 -7.47
N GLU A 27 6.45 3.11 -8.25
CA GLU A 27 5.49 3.95 -9.01
C GLU A 27 4.62 3.10 -9.96
N ASN A 28 5.24 2.04 -10.51
CA ASN A 28 4.55 1.10 -11.41
C ASN A 28 3.62 0.20 -10.62
N VAL A 29 4.12 -0.28 -9.47
CA VAL A 29 3.38 -1.21 -8.58
C VAL A 29 2.04 -0.59 -8.14
N LYS A 30 2.09 0.67 -7.64
CA LYS A 30 0.90 1.40 -7.17
C LYS A 30 -0.05 1.73 -8.35
N ALA A 31 0.54 1.93 -9.56
CA ALA A 31 -0.23 2.06 -10.80
C ALA A 31 -0.98 0.76 -11.13
N LYS A 32 -0.34 -0.39 -10.80
CA LYS A 32 -0.92 -1.72 -11.01
C LYS A 32 -2.05 -2.01 -10.00
N ILE A 33 -1.96 -1.45 -8.76
CA ILE A 33 -3.10 -1.47 -7.80
C ILE A 33 -4.36 -0.85 -8.46
N GLN A 34 -4.18 0.31 -9.10
CA GLN A 34 -5.28 0.97 -9.82
C GLN A 34 -5.72 0.15 -11.05
N ASP A 35 -4.78 -0.59 -11.65
CA ASP A 35 -5.04 -1.48 -12.80
C ASP A 35 -5.87 -2.72 -12.39
N LYS A 36 -5.75 -3.14 -11.11
CA LYS A 36 -6.40 -4.38 -10.61
C LYS A 36 -7.69 -4.05 -9.84
N GLU A 37 -7.56 -3.42 -8.64
CA GLU A 37 -8.72 -3.15 -7.76
C GLU A 37 -9.44 -1.85 -8.18
N GLY A 38 -8.72 -0.95 -8.89
CA GLY A 38 -9.32 0.24 -9.49
C GLY A 38 -9.14 1.51 -8.66
N ILE A 39 -8.34 1.40 -7.59
CA ILE A 39 -8.12 2.50 -6.63
C ILE A 39 -6.83 3.28 -7.00
N PRO A 40 -6.93 4.64 -7.22
CA PRO A 40 -5.80 5.48 -7.71
C PRO A 40 -4.61 5.54 -6.72
N PRO A 41 -3.35 5.83 -7.23
CA PRO A 41 -2.10 5.88 -6.39
C PRO A 41 -2.18 6.88 -5.21
N ASP A 42 -3.14 7.82 -5.27
CA ASP A 42 -3.40 8.78 -4.20
C ASP A 42 -4.24 8.13 -3.07
N GLN A 43 -5.32 7.42 -3.46
CA GLN A 43 -6.31 6.85 -2.50
C GLN A 43 -5.77 5.55 -1.86
N GLN A 44 -4.84 4.90 -2.56
CA GLN A 44 -4.08 3.78 -2.02
C GLN A 44 -2.80 4.33 -1.41
N ARG A 45 -2.25 3.63 -0.41
CA ARG A 45 -0.97 3.99 0.20
C ARG A 45 -0.18 2.72 0.49
N LEU A 46 0.96 2.63 -0.18
CA LEU A 46 1.70 1.40 -0.37
C LEU A 46 2.76 1.30 0.74
N ILE A 47 2.73 0.19 1.53
CA ILE A 47 3.54 0.06 2.77
C ILE A 47 4.11 -1.36 2.89
N PHE A 48 5.40 -1.46 3.26
CA PHE A 48 6.07 -2.72 3.63
C PHE A 48 6.91 -2.46 4.88
N ALA A 49 6.80 -3.36 5.89
CA ALA A 49 7.57 -3.29 7.16
C ALA A 49 7.19 -2.06 8.03
N GLY A 50 6.02 -1.47 7.75
CA GLY A 50 5.51 -0.31 8.51
C GLY A 50 6.05 1.04 8.00
N LYS A 51 6.63 1.05 6.77
CA LYS A 51 7.13 2.29 6.12
C LYS A 51 6.45 2.44 4.74
N GLN A 52 6.17 3.70 4.36
CA GLN A 52 5.55 4.01 3.06
C GLN A 52 6.59 3.88 1.91
N LEU A 53 6.21 3.15 0.85
CA LEU A 53 7.09 2.89 -0.28
C LEU A 53 7.16 4.10 -1.21
N GLU A 54 8.39 4.62 -1.42
CA GLU A 54 8.66 5.79 -2.24
C GLU A 54 8.59 5.38 -3.72
N ASP A 55 7.93 6.23 -4.53
CA ASP A 55 7.64 5.94 -5.95
C ASP A 55 8.93 5.76 -6.78
N GLY A 56 9.95 6.57 -6.46
CA GLY A 56 11.22 6.56 -7.17
C GLY A 56 12.07 5.32 -6.89
N ARG A 57 11.89 4.74 -5.70
CA ARG A 57 12.58 3.48 -5.30
C ARG A 57 11.95 2.25 -5.98
N THR A 58 12.55 1.09 -5.73
CA THR A 58 12.08 -0.20 -6.27
C THR A 58 11.62 -1.10 -5.13
N LEU A 59 10.94 -2.21 -5.49
CA LEU A 59 10.56 -3.25 -4.53
C LEU A 59 11.81 -3.76 -3.79
N SER A 60 12.83 -4.14 -4.58
CA SER A 60 14.10 -4.70 -4.08
C SER A 60 14.84 -3.72 -3.13
N ASP A 61 14.59 -2.40 -3.31
CA ASP A 61 15.21 -1.35 -2.46
C ASP A 61 14.67 -1.44 -1.02
N TYR A 62 13.35 -1.72 -0.92
CA TYR A 62 12.65 -1.87 0.36
C TYR A 62 12.66 -3.35 0.83
N ASN A 63 13.62 -4.15 0.30
CA ASN A 63 13.82 -5.57 0.70
C ASN A 63 12.64 -6.47 0.24
N ILE A 64 11.80 -5.95 -0.67
CA ILE A 64 10.64 -6.68 -1.22
C ILE A 64 11.11 -7.47 -2.45
N GLN A 65 10.69 -8.73 -2.52
CA GLN A 65 10.95 -9.60 -3.67
C GLN A 65 9.62 -10.11 -4.24
N LYS A 66 9.72 -11.03 -5.20
CA LYS A 66 8.57 -11.76 -5.72
C LYS A 66 7.88 -12.55 -4.59
N GLU A 67 6.55 -12.61 -4.71
CA GLU A 67 5.63 -13.30 -3.77
C GLU A 67 5.62 -12.65 -2.36
N SER A 68 6.29 -11.49 -2.18
CA SER A 68 6.24 -10.76 -0.91
C SER A 68 4.87 -10.09 -0.75
N THR A 69 4.25 -10.31 0.42
CA THR A 69 2.97 -9.70 0.76
C THR A 69 3.21 -8.48 1.66
N LEU A 70 2.44 -7.42 1.43
CA LEU A 70 2.59 -6.13 2.12
C LEU A 70 1.20 -5.52 2.36
N HIS A 71 1.17 -4.39 3.08
CA HIS A 71 -0.09 -3.71 3.43
C HIS A 71 -0.38 -2.53 2.47
N LEU A 72 -1.68 -2.21 2.37
CA LEU A 72 -2.19 -1.15 1.51
C LEU A 72 -3.26 -0.40 2.30
N VAL A 73 -3.02 0.90 2.50
CA VAL A 73 -3.94 1.80 3.19
C VAL A 73 -4.86 2.49 2.19
N LEU A 74 -6.13 2.10 2.24
CA LEU A 74 -7.21 2.75 1.51
C LEU A 74 -7.63 4.05 2.23
N ARG A 75 -7.85 5.10 1.44
CA ARG A 75 -8.20 6.44 1.93
C ARG A 75 -9.61 6.81 1.47
N LEU A 76 -9.85 6.61 0.15
CA LEU A 76 -11.15 6.88 -0.55
C LEU A 76 -11.70 8.29 -0.21
N ARG A 77 -10.78 9.29 -0.29
CA ARG A 77 -11.09 10.70 0.01
C ARG A 77 -12.01 11.28 -1.07
N GLY A 78 -11.80 10.84 -2.33
CA GLY A 78 -12.63 11.22 -3.47
C GLY A 78 -13.84 10.31 -3.65
N GLY A 79 -14.18 9.50 -2.62
CA GLY A 79 -15.33 8.61 -2.64
C GLY A 79 -15.14 7.43 -3.60
N GLY B 1 -17.92 0.15 -2.95
CA GLY B 1 -16.83 0.98 -2.39
C GLY B 1 -17.08 1.34 -0.95
N SER B 2 -16.47 2.44 -0.47
CA SER B 2 -16.70 2.96 0.89
C SER B 2 -18.05 3.73 0.94
N ARG B 3 -19.15 2.96 1.03
CA ARG B 3 -20.52 3.48 1.19
C ARG B 3 -20.65 4.20 2.55
N GLN B 4 -19.94 3.67 3.55
CA GLN B 4 -19.82 4.24 4.89
C GLN B 4 -18.32 4.33 5.23
N VAL B 5 -17.95 5.20 6.18
CA VAL B 5 -16.57 5.28 6.69
C VAL B 5 -16.13 3.92 7.28
N THR B 6 -15.21 3.26 6.56
CA THR B 6 -14.72 1.91 6.85
C THR B 6 -13.86 1.89 8.15
N LYS B 7 -14.05 0.87 9.02
CA LYS B 7 -13.15 0.66 10.19
C LYS B 7 -12.09 -0.37 9.80
N VAL B 8 -10.83 0.01 10.02
CA VAL B 8 -9.64 -0.61 9.42
C VAL B 8 -8.47 -0.58 10.43
N ASP B 9 -7.27 -1.06 10.04
CA ASP B 9 -6.09 -1.12 10.96
C ASP B 9 -4.95 -0.20 10.46
N CYS B 10 -4.34 0.53 11.42
CA CYS B 10 -3.14 1.37 11.17
C CYS B 10 -1.91 0.45 11.16
N PRO B 11 -1.36 0.08 9.96
CA PRO B 11 -0.47 -1.12 9.81
C PRO B 11 0.93 -0.98 10.45
N VAL B 12 1.20 0.18 11.05
CA VAL B 12 2.49 0.46 11.72
C VAL B 12 2.35 0.14 13.23
N CYS B 13 1.47 0.87 13.92
CA CYS B 13 1.27 0.71 15.39
C CYS B 13 0.17 -0.35 15.69
N GLY B 14 -0.55 -0.76 14.63
CA GLY B 14 -1.58 -1.82 14.69
C GLY B 14 -2.74 -1.50 15.62
N VAL B 15 -3.42 -0.37 15.36
CA VAL B 15 -4.63 0.05 16.11
C VAL B 15 -5.83 0.12 15.15
N ASN B 16 -6.99 -0.42 15.58
CA ASN B 16 -8.20 -0.45 14.76
C ASN B 16 -8.95 0.89 14.89
N ILE B 17 -8.98 1.64 13.77
CA ILE B 17 -9.55 3.00 13.69
C ILE B 17 -10.28 3.20 12.34
N PRO B 18 -11.27 4.16 12.24
CA PRO B 18 -11.96 4.48 10.96
C PRO B 18 -10.99 4.99 9.85
N GLU B 19 -11.47 4.97 8.59
CA GLU B 19 -10.66 5.12 7.36
C GLU B 19 -10.00 6.53 7.23
N SER B 20 -10.72 7.57 7.64
CA SER B 20 -10.16 8.95 7.69
C SER B 20 -9.01 9.00 8.72
N HIS B 21 -9.27 8.39 9.89
CA HIS B 21 -8.30 8.31 11.00
C HIS B 21 -7.12 7.40 10.67
N ILE B 22 -7.29 6.42 9.76
CA ILE B 22 -6.22 5.48 9.43
C ILE B 22 -5.13 6.22 8.65
N ASN B 23 -5.55 7.07 7.68
CA ASN B 23 -4.59 7.87 6.91
C ASN B 23 -3.83 8.84 7.84
N LYS B 24 -4.59 9.53 8.73
CA LYS B 24 -4.03 10.55 9.62
C LYS B 24 -3.02 9.97 10.63
N HIS B 25 -3.41 8.85 11.28
CA HIS B 25 -2.57 8.15 12.26
C HIS B 25 -1.32 7.63 11.58
N LEU B 26 -1.49 7.16 10.33
CA LEU B 26 -0.40 6.68 9.49
C LEU B 26 0.61 7.81 9.18
N ASP B 27 0.11 9.02 8.87
CA ASP B 27 0.98 10.21 8.60
C ASP B 27 1.96 10.43 9.76
N SER B 28 1.45 10.24 10.98
CA SER B 28 2.24 10.37 12.22
C SER B 28 3.17 9.13 12.40
N CYS B 29 2.60 7.95 12.11
CA CYS B 29 3.22 6.65 12.39
C CYS B 29 4.32 6.27 11.36
N LEU B 30 4.31 6.92 10.16
CA LEU B 30 5.31 6.63 9.10
C LEU B 30 6.53 7.55 9.25
N SER B 31 6.46 8.50 10.22
CA SER B 31 7.58 9.39 10.55
C SER B 31 8.68 8.56 11.27
N ARG B 32 9.57 7.97 10.47
CA ARG B 32 10.59 7.01 10.92
C ARG B 32 12.00 7.60 10.75
N GLU B 33 12.86 7.39 11.74
CA GLU B 33 14.23 7.95 11.79
C GLU B 33 15.23 6.86 12.29
ZN ZN C . -0.95 4.52 14.15
N GLY A 1 13.38 -7.62 -17.25
CA GLY A 1 13.58 -9.05 -16.88
C GLY A 1 12.27 -9.72 -16.49
N SER A 2 12.37 -10.93 -15.92
CA SER A 2 11.20 -11.69 -15.47
C SER A 2 10.57 -11.01 -14.25
N HIS A 3 9.28 -10.65 -14.38
CA HIS A 3 8.54 -9.88 -13.37
C HIS A 3 8.06 -10.80 -12.23
N MET A 4 8.53 -10.49 -11.02
CA MET A 4 8.25 -11.27 -9.79
C MET A 4 6.86 -10.93 -9.23
N GLN A 5 6.30 -11.83 -8.44
CA GLN A 5 4.99 -11.66 -7.81
C GLN A 5 5.13 -11.32 -6.33
N ILE A 6 4.54 -10.18 -5.93
CA ILE A 6 4.58 -9.65 -4.56
C ILE A 6 3.15 -9.44 -4.04
N PHE A 7 3.00 -9.47 -2.71
CA PHE A 7 1.68 -9.43 -2.03
C PHE A 7 1.49 -8.07 -1.36
N VAL A 8 0.67 -7.21 -1.96
CA VAL A 8 0.29 -5.91 -1.39
C VAL A 8 -1.15 -6.05 -0.88
N LYS A 9 -1.29 -6.24 0.44
CA LYS A 9 -2.55 -6.60 1.07
C LYS A 9 -3.22 -5.36 1.71
N THR A 10 -4.47 -5.08 1.28
CA THR A 10 -5.26 -3.96 1.78
C THR A 10 -5.67 -4.16 3.25
N LEU A 11 -6.07 -3.05 3.87
CA LEU A 11 -6.56 -3.02 5.27
C LEU A 11 -7.93 -3.71 5.42
N THR A 12 -8.61 -3.93 4.29
CA THR A 12 -9.87 -4.70 4.24
C THR A 12 -9.61 -6.22 4.26
N GLY A 13 -8.31 -6.61 4.32
CA GLY A 13 -7.91 -8.03 4.45
C GLY A 13 -7.80 -8.74 3.11
N LYS A 14 -7.89 -7.97 2.01
CA LYS A 14 -7.80 -8.49 0.63
C LYS A 14 -6.36 -8.38 0.15
N THR A 15 -5.90 -9.38 -0.61
CA THR A 15 -4.50 -9.44 -1.10
C THR A 15 -4.45 -9.10 -2.61
N ILE A 16 -3.47 -8.27 -3.00
CA ILE A 16 -3.24 -7.86 -4.39
C ILE A 16 -1.87 -8.38 -4.85
N THR A 17 -1.88 -9.37 -5.77
CA THR A 17 -0.66 -9.90 -6.39
C THR A 17 -0.29 -9.02 -7.59
N LEU A 18 0.94 -8.47 -7.57
CA LEU A 18 1.49 -7.67 -8.69
C LEU A 18 2.58 -8.48 -9.36
N GLU A 19 2.88 -8.11 -10.60
CA GLU A 19 3.89 -8.79 -11.42
C GLU A 19 4.91 -7.73 -11.88
N VAL A 20 5.88 -7.41 -10.99
CA VAL A 20 6.94 -6.41 -11.23
C VAL A 20 8.27 -6.91 -10.65
N GLU A 21 9.34 -6.17 -10.93
CA GLU A 21 10.69 -6.53 -10.49
C GLU A 21 10.99 -5.78 -9.17
N PRO A 22 11.83 -6.36 -8.24
CA PRO A 22 12.24 -5.66 -7.00
C PRO A 22 13.04 -4.36 -7.31
N SER A 23 13.72 -4.34 -8.47
CA SER A 23 14.57 -3.21 -8.88
C SER A 23 13.83 -2.29 -9.86
N ASP A 24 12.49 -2.43 -9.94
CA ASP A 24 11.66 -1.66 -10.89
C ASP A 24 11.45 -0.22 -10.36
N THR A 25 10.29 0.07 -9.71
CA THR A 25 9.96 1.36 -9.06
C THR A 25 8.65 1.18 -8.25
N ILE A 26 8.58 1.85 -7.08
CA ILE A 26 7.36 1.88 -6.22
C ILE A 26 6.18 2.56 -6.96
N GLU A 27 6.52 3.61 -7.75
CA GLU A 27 5.55 4.36 -8.56
C GLU A 27 4.82 3.44 -9.56
N ASN A 28 5.57 2.45 -10.07
CA ASN A 28 5.04 1.43 -10.97
C ASN A 28 4.12 0.48 -10.21
N VAL A 29 4.60 0.03 -9.04
CA VAL A 29 3.88 -0.95 -8.18
C VAL A 29 2.47 -0.43 -7.83
N LYS A 30 2.38 0.86 -7.46
CA LYS A 30 1.10 1.49 -7.08
C LYS A 30 0.17 1.69 -8.31
N ALA A 31 0.79 1.90 -9.48
CA ALA A 31 0.06 1.89 -10.77
C ALA A 31 -0.53 0.49 -11.06
N LYS A 32 0.20 -0.55 -10.61
CA LYS A 32 -0.25 -1.95 -10.79
C LYS A 32 -1.46 -2.25 -9.88
N ILE A 33 -1.52 -1.66 -8.66
CA ILE A 33 -2.72 -1.71 -7.80
C ILE A 33 -3.94 -1.14 -8.55
N GLN A 34 -3.74 0.01 -9.21
CA GLN A 34 -4.78 0.66 -10.03
C GLN A 34 -5.15 -0.19 -11.26
N ASP A 35 -4.23 -1.08 -11.68
CA ASP A 35 -4.43 -2.05 -12.77
C ASP A 35 -5.16 -3.32 -12.28
N LYS A 36 -4.95 -3.69 -11.00
CA LYS A 36 -5.49 -4.94 -10.43
C LYS A 36 -6.86 -4.70 -9.78
N GLU A 37 -6.87 -3.99 -8.63
CA GLU A 37 -8.09 -3.77 -7.85
C GLU A 37 -8.86 -2.53 -8.34
N GLY A 38 -8.12 -1.60 -9.00
CA GLY A 38 -8.73 -0.44 -9.63
C GLY A 38 -8.86 0.74 -8.70
N ILE A 39 -7.88 0.91 -7.79
CA ILE A 39 -7.83 2.04 -6.84
C ILE A 39 -6.63 2.96 -7.22
N PRO A 40 -6.88 4.31 -7.44
CA PRO A 40 -5.84 5.26 -7.90
C PRO A 40 -4.71 5.50 -6.85
N PRO A 41 -3.44 5.83 -7.30
CA PRO A 41 -2.25 6.00 -6.39
C PRO A 41 -2.41 7.11 -5.34
N ASP A 42 -3.44 7.97 -5.51
CA ASP A 42 -3.79 9.02 -4.54
C ASP A 42 -4.53 8.41 -3.34
N GLN A 43 -5.47 7.49 -3.64
CA GLN A 43 -6.36 6.87 -2.62
C GLN A 43 -5.65 5.73 -1.89
N GLN A 44 -4.83 4.98 -2.61
CA GLN A 44 -4.04 3.89 -2.03
C GLN A 44 -2.70 4.42 -1.49
N ARG A 45 -2.19 3.78 -0.41
CA ARG A 45 -0.94 4.21 0.26
C ARG A 45 -0.07 2.97 0.55
N LEU A 46 1.22 3.05 0.19
CA LEU A 46 2.17 1.92 0.28
C LEU A 46 2.94 1.99 1.59
N ILE A 47 2.85 0.92 2.41
CA ILE A 47 3.57 0.81 3.69
C ILE A 47 4.07 -0.64 3.89
N PHE A 48 5.40 -0.80 3.97
CA PHE A 48 6.07 -2.08 4.26
C PHE A 48 6.85 -1.94 5.58
N ALA A 49 6.60 -2.86 6.53
CA ALA A 49 7.35 -2.95 7.81
C ALA A 49 7.21 -1.68 8.67
N GLY A 50 6.13 -0.89 8.45
CA GLY A 50 5.85 0.30 9.25
C GLY A 50 6.38 1.60 8.65
N LYS A 51 7.02 1.53 7.46
CA LYS A 51 7.55 2.70 6.75
C LYS A 51 6.75 2.92 5.45
N GLN A 52 6.54 4.19 5.05
CA GLN A 52 5.87 4.51 3.78
C GLN A 52 6.86 4.38 2.61
N LEU A 53 6.37 3.86 1.47
CA LEU A 53 7.20 3.63 0.28
C LEU A 53 7.08 4.83 -0.68
N GLU A 54 8.24 5.44 -1.01
CA GLU A 54 8.34 6.62 -1.89
C GLU A 54 8.44 6.17 -3.36
N ASP A 55 7.76 6.93 -4.24
CA ASP A 55 7.59 6.63 -5.68
C ASP A 55 8.93 6.38 -6.41
N GLY A 56 9.84 7.35 -6.23
CA GLY A 56 11.14 7.37 -6.92
C GLY A 56 12.06 6.23 -6.52
N ARG A 57 11.81 5.63 -5.34
CA ARG A 57 12.58 4.49 -4.84
C ARG A 57 12.06 3.18 -5.45
N THR A 58 12.72 2.07 -5.10
CA THR A 58 12.36 0.72 -5.60
C THR A 58 11.94 -0.16 -4.42
N LEU A 59 11.37 -1.33 -4.75
CA LEU A 59 11.02 -2.35 -3.74
C LEU A 59 12.28 -2.74 -2.96
N SER A 60 13.34 -3.09 -3.71
CA SER A 60 14.62 -3.57 -3.17
C SER A 60 15.30 -2.48 -2.32
N ASP A 61 14.99 -1.20 -2.61
CA ASP A 61 15.52 -0.05 -1.82
C ASP A 61 15.00 -0.12 -0.39
N TYR A 62 13.71 -0.47 -0.25
CA TYR A 62 13.04 -0.59 1.05
C TYR A 62 13.14 -2.04 1.63
N ASN A 63 14.08 -2.85 1.10
CA ASN A 63 14.36 -4.25 1.55
C ASN A 63 13.21 -5.22 1.19
N ILE A 64 12.35 -4.78 0.26
CA ILE A 64 11.25 -5.60 -0.30
C ILE A 64 11.80 -6.39 -1.49
N GLN A 65 11.39 -7.65 -1.61
CA GLN A 65 11.78 -8.52 -2.72
C GLN A 65 10.56 -9.31 -3.19
N LYS A 66 10.80 -10.33 -4.02
CA LYS A 66 9.75 -11.25 -4.49
C LYS A 66 9.00 -11.91 -3.31
N GLU A 67 7.69 -12.08 -3.52
CA GLU A 67 6.74 -12.69 -2.56
C GLU A 67 6.73 -12.00 -1.18
N SER A 68 7.30 -10.78 -1.06
CA SER A 68 7.26 -10.01 0.19
C SER A 68 5.88 -9.40 0.38
N THR A 69 5.32 -9.54 1.59
CA THR A 69 3.98 -9.03 1.92
C THR A 69 4.10 -7.66 2.61
N LEU A 70 3.41 -6.68 2.03
CA LEU A 70 3.30 -5.32 2.54
C LEU A 70 1.83 -4.95 2.61
N HIS A 71 1.55 -3.77 3.17
CA HIS A 71 0.18 -3.29 3.42
C HIS A 71 -0.18 -2.15 2.46
N LEU A 72 -1.47 -2.12 2.11
CA LEU A 72 -2.05 -1.13 1.22
C LEU A 72 -3.19 -0.45 2.00
N VAL A 73 -3.13 0.88 2.06
CA VAL A 73 -4.04 1.69 2.84
C VAL A 73 -5.03 2.38 1.92
N LEU A 74 -6.32 2.16 2.19
CA LEU A 74 -7.42 2.69 1.40
C LEU A 74 -7.96 3.99 2.05
N ARG A 75 -7.81 5.11 1.33
CA ARG A 75 -8.44 6.40 1.68
C ARG A 75 -9.84 6.42 1.06
N LEU A 76 -9.89 6.00 -0.22
CA LEU A 76 -11.12 5.76 -1.01
C LEU A 76 -12.11 6.93 -0.96
N ARG A 77 -11.56 8.14 -1.16
CA ARG A 77 -12.34 9.34 -1.44
C ARG A 77 -12.98 9.18 -2.84
N GLY A 78 -14.16 8.54 -2.85
CA GLY A 78 -14.87 8.16 -4.06
C GLY A 78 -15.74 6.94 -3.81
N GLY A 79 -15.21 5.97 -3.03
CA GLY A 79 -15.91 4.72 -2.74
C GLY A 79 -15.86 3.74 -3.91
N GLY B 1 -17.93 -1.86 -2.58
CA GLY B 1 -18.19 -0.43 -2.76
C GLY B 1 -18.77 0.21 -1.50
N SER B 2 -17.89 0.57 -0.56
CA SER B 2 -18.27 1.21 0.72
C SER B 2 -18.66 2.68 0.48
N ARG B 3 -19.80 3.08 1.08
CA ARG B 3 -20.30 4.47 1.08
C ARG B 3 -20.33 4.99 2.54
N GLN B 4 -19.71 4.24 3.46
CA GLN B 4 -19.74 4.52 4.91
C GLN B 4 -18.31 4.70 5.46
N VAL B 5 -18.24 5.06 6.76
CA VAL B 5 -16.96 5.16 7.48
C VAL B 5 -16.40 3.73 7.72
N THR B 6 -15.46 3.34 6.85
CA THR B 6 -14.83 2.00 6.90
C THR B 6 -13.89 1.90 8.13
N LYS B 7 -13.95 0.77 8.86
CA LYS B 7 -13.04 0.48 9.97
C LYS B 7 -11.90 -0.39 9.44
N VAL B 8 -10.67 0.09 9.63
CA VAL B 8 -9.44 -0.48 9.05
C VAL B 8 -8.27 -0.28 10.04
N ASP B 9 -7.28 -1.18 9.97
CA ASP B 9 -6.16 -1.22 10.94
C ASP B 9 -4.98 -0.37 10.46
N CYS B 10 -4.26 0.23 11.43
CA CYS B 10 -3.06 1.05 11.20
C CYS B 10 -1.84 0.13 11.20
N PRO B 11 -1.32 -0.30 10.00
CA PRO B 11 -0.30 -1.40 9.88
C PRO B 11 1.03 -1.12 10.62
N VAL B 12 1.25 0.14 11.00
CA VAL B 12 2.50 0.57 11.66
C VAL B 12 2.45 0.30 13.19
N CYS B 13 1.32 0.70 13.86
CA CYS B 13 1.19 0.55 15.34
C CYS B 13 0.13 -0.52 15.73
N GLY B 14 -0.55 -1.09 14.72
CA GLY B 14 -1.48 -2.22 14.91
C GLY B 14 -2.76 -1.87 15.69
N VAL B 15 -3.37 -0.71 15.39
CA VAL B 15 -4.62 -0.25 16.06
C VAL B 15 -5.77 -0.12 15.03
N ASN B 16 -6.96 -0.65 15.38
CA ASN B 16 -8.15 -0.62 14.50
C ASN B 16 -8.91 0.71 14.72
N ILE B 17 -9.07 1.48 13.64
CA ILE B 17 -9.58 2.87 13.66
C ILE B 17 -10.41 3.17 12.37
N PRO B 18 -11.25 4.26 12.35
CA PRO B 18 -11.95 4.71 11.11
C PRO B 18 -10.98 5.07 9.95
N GLU B 19 -11.54 5.10 8.72
CA GLU B 19 -10.79 5.19 7.44
C GLU B 19 -10.02 6.53 7.29
N SER B 20 -10.66 7.64 7.65
CA SER B 20 -10.03 8.97 7.56
C SER B 20 -8.95 9.13 8.67
N HIS B 21 -9.24 8.55 9.84
CA HIS B 21 -8.33 8.56 10.99
C HIS B 21 -7.16 7.58 10.76
N ILE B 22 -7.35 6.59 9.85
CA ILE B 22 -6.30 5.62 9.50
C ILE B 22 -5.20 6.35 8.71
N ASN B 23 -5.63 7.16 7.73
CA ASN B 23 -4.70 7.93 6.88
C ASN B 23 -3.90 8.94 7.72
N LYS B 24 -4.58 9.57 8.70
CA LYS B 24 -3.95 10.54 9.61
C LYS B 24 -2.98 9.86 10.60
N HIS B 25 -3.39 8.71 11.17
CA HIS B 25 -2.59 7.98 12.19
C HIS B 25 -1.28 7.53 11.59
N LEU B 26 -1.34 7.13 10.30
CA LEU B 26 -0.17 6.73 9.53
C LEU B 26 0.73 7.90 9.23
N ASP B 27 0.12 9.03 8.87
CA ASP B 27 0.85 10.27 8.50
C ASP B 27 1.76 10.73 9.66
N SER B 28 1.38 10.33 10.89
CA SER B 28 2.21 10.51 12.10
C SER B 28 3.12 9.27 12.33
N CYS B 29 2.54 8.06 12.18
CA CYS B 29 3.19 6.77 12.52
C CYS B 29 4.35 6.41 11.56
N LEU B 30 4.38 6.99 10.33
CA LEU B 30 5.36 6.61 9.27
C LEU B 30 6.68 7.41 9.39
N SER B 31 6.76 8.33 10.38
CA SER B 31 7.96 9.15 10.61
C SER B 31 9.11 8.27 11.15
N ARG B 32 9.82 7.63 10.20
CA ARG B 32 10.91 6.67 10.49
C ARG B 32 12.27 7.26 10.07
N GLU B 33 12.22 8.26 9.17
CA GLU B 33 13.42 8.86 8.55
C GLU B 33 14.09 9.92 9.46
ZN ZN C . -0.97 4.36 14.14
N GLY A 1 9.04 -4.01 -18.73
CA GLY A 1 9.75 -4.60 -17.57
C GLY A 1 9.46 -6.08 -17.41
N SER A 2 10.41 -6.80 -16.77
CA SER A 2 10.25 -8.22 -16.41
C SER A 2 9.20 -8.35 -15.30
N HIS A 3 8.00 -8.84 -15.66
CA HIS A 3 6.84 -8.84 -14.76
C HIS A 3 7.03 -9.89 -13.63
N MET A 4 7.51 -9.42 -12.47
CA MET A 4 7.61 -10.24 -11.25
C MET A 4 6.44 -9.89 -10.33
N GLN A 5 5.95 -10.87 -9.60
CA GLN A 5 4.74 -10.73 -8.79
C GLN A 5 5.08 -10.37 -7.35
N ILE A 6 4.45 -9.31 -6.84
CA ILE A 6 4.53 -8.87 -5.43
C ILE A 6 3.11 -8.80 -4.85
N PHE A 7 2.98 -9.08 -3.55
CA PHE A 7 1.69 -9.22 -2.87
C PHE A 7 1.39 -7.97 -2.04
N VAL A 8 0.53 -7.10 -2.58
CA VAL A 8 0.07 -5.90 -1.87
C VAL A 8 -1.29 -6.23 -1.24
N LYS A 9 -1.36 -6.18 0.09
CA LYS A 9 -2.55 -6.55 0.86
C LYS A 9 -3.22 -5.28 1.44
N THR A 10 -4.53 -5.06 1.15
CA THR A 10 -5.28 -3.93 1.72
C THR A 10 -5.58 -4.15 3.20
N LEU A 11 -6.01 -3.06 3.85
CA LEU A 11 -6.53 -3.09 5.22
C LEU A 11 -7.88 -3.83 5.30
N THR A 12 -8.58 -3.86 4.15
CA THR A 12 -9.87 -4.56 4.01
C THR A 12 -9.65 -6.09 3.84
N GLY A 13 -8.39 -6.49 3.56
CA GLY A 13 -7.99 -7.89 3.58
C GLY A 13 -8.05 -8.57 2.22
N LYS A 14 -8.06 -7.77 1.15
CA LYS A 14 -7.95 -8.30 -0.23
C LYS A 14 -6.48 -8.28 -0.66
N THR A 15 -6.11 -9.18 -1.57
CA THR A 15 -4.77 -9.21 -2.15
C THR A 15 -4.78 -8.59 -3.56
N ILE A 16 -3.67 -7.92 -3.88
CA ILE A 16 -3.43 -7.26 -5.17
C ILE A 16 -2.08 -7.75 -5.69
N THR A 17 -2.12 -8.58 -6.75
CA THR A 17 -0.91 -9.09 -7.40
C THR A 17 -0.46 -8.10 -8.49
N LEU A 18 0.73 -7.50 -8.31
CA LEU A 18 1.34 -6.59 -9.30
C LEU A 18 2.43 -7.35 -10.03
N GLU A 19 2.69 -6.96 -11.27
CA GLU A 19 3.59 -7.69 -12.18
C GLU A 19 4.63 -6.72 -12.75
N VAL A 20 5.66 -6.41 -11.95
CA VAL A 20 6.76 -5.48 -12.28
C VAL A 20 8.06 -5.97 -11.64
N GLU A 21 9.16 -5.24 -11.87
CA GLU A 21 10.47 -5.59 -11.29
C GLU A 21 10.59 -4.99 -9.88
N PRO A 22 11.42 -5.62 -8.97
CA PRO A 22 11.87 -4.94 -7.74
C PRO A 22 12.64 -3.64 -8.06
N SER A 23 13.36 -3.65 -9.19
CA SER A 23 14.21 -2.53 -9.64
C SER A 23 13.43 -1.57 -10.57
N ASP A 24 12.09 -1.76 -10.69
CA ASP A 24 11.22 -0.97 -11.60
C ASP A 24 11.00 0.46 -11.02
N THR A 25 9.90 0.66 -10.24
CA THR A 25 9.64 1.91 -9.47
C THR A 25 8.29 1.81 -8.76
N ILE A 26 8.20 2.41 -7.55
CA ILE A 26 6.98 2.44 -6.72
C ILE A 26 5.84 3.20 -7.45
N GLU A 27 6.22 4.24 -8.22
CA GLU A 27 5.29 5.05 -9.05
C GLU A 27 4.47 4.15 -9.96
N ASN A 28 5.15 3.14 -10.53
CA ASN A 28 4.55 2.20 -11.47
C ASN A 28 3.70 1.18 -10.72
N VAL A 29 4.27 0.68 -9.59
CA VAL A 29 3.61 -0.32 -8.72
C VAL A 29 2.25 0.17 -8.24
N LYS A 30 2.19 1.45 -7.82
CA LYS A 30 0.97 2.07 -7.30
C LYS A 30 -0.05 2.31 -8.44
N ALA A 31 0.47 2.60 -9.65
CA ALA A 31 -0.35 2.65 -10.88
C ALA A 31 -0.89 1.25 -11.25
N LYS A 32 -0.13 0.19 -10.86
CA LYS A 32 -0.53 -1.21 -11.09
C LYS A 32 -1.68 -1.59 -10.14
N ILE A 33 -1.67 -1.09 -8.87
CA ILE A 33 -2.82 -1.28 -7.94
C ILE A 33 -4.11 -0.67 -8.57
N GLN A 34 -3.95 0.52 -9.17
CA GLN A 34 -5.03 1.21 -9.90
C GLN A 34 -5.50 0.38 -11.12
N ASP A 35 -4.58 -0.43 -11.68
CA ASP A 35 -4.88 -1.38 -12.78
C ASP A 35 -5.58 -2.66 -12.26
N LYS A 36 -5.33 -3.04 -10.98
CA LYS A 36 -5.85 -4.32 -10.43
C LYS A 36 -7.16 -4.10 -9.67
N GLU A 37 -7.11 -3.40 -8.50
CA GLU A 37 -8.31 -3.17 -7.67
C GLU A 37 -9.10 -1.92 -8.14
N GLY A 38 -8.44 -1.03 -8.90
CA GLY A 38 -9.11 0.09 -9.55
C GLY A 38 -9.23 1.32 -8.66
N ILE A 39 -8.31 1.44 -7.69
CA ILE A 39 -8.25 2.60 -6.78
C ILE A 39 -7.01 3.45 -7.15
N PRO A 40 -7.18 4.80 -7.38
CA PRO A 40 -6.09 5.69 -7.88
C PRO A 40 -4.98 5.89 -6.82
N PRO A 41 -3.68 6.15 -7.25
CA PRO A 41 -2.53 6.33 -6.33
C PRO A 41 -2.68 7.45 -5.30
N ASP A 42 -3.68 8.32 -5.50
CA ASP A 42 -4.05 9.36 -4.52
C ASP A 42 -4.71 8.71 -3.29
N GLN A 43 -5.63 7.76 -3.55
CA GLN A 43 -6.44 7.09 -2.52
C GLN A 43 -5.72 5.88 -1.90
N GLN A 44 -4.95 5.16 -2.70
CA GLN A 44 -4.25 3.95 -2.21
C GLN A 44 -2.80 4.32 -1.78
N ARG A 45 -2.50 4.06 -0.50
CA ARG A 45 -1.23 4.47 0.15
C ARG A 45 -0.34 3.24 0.35
N LEU A 46 0.91 3.34 -0.11
CA LEU A 46 1.87 2.23 -0.11
C LEU A 46 2.73 2.28 1.15
N ILE A 47 2.80 1.14 1.87
CA ILE A 47 3.58 1.01 3.13
C ILE A 47 4.25 -0.37 3.20
N PHE A 48 5.55 -0.39 3.51
CA PHE A 48 6.32 -1.62 3.78
C PHE A 48 7.21 -1.34 5.01
N ALA A 49 7.14 -2.24 6.00
CA ALA A 49 7.92 -2.16 7.25
C ALA A 49 7.53 -0.94 8.12
N GLY A 50 6.31 -0.41 7.90
CA GLY A 50 5.78 0.71 8.68
C GLY A 50 6.07 2.08 8.08
N LYS A 51 6.78 2.13 6.92
CA LYS A 51 7.16 3.40 6.26
C LYS A 51 6.41 3.56 4.93
N GLN A 52 6.17 4.81 4.53
CA GLN A 52 5.51 5.15 3.25
C GLN A 52 6.48 4.98 2.08
N LEU A 53 6.02 4.31 1.02
CA LEU A 53 6.83 4.07 -0.17
C LEU A 53 6.71 5.27 -1.15
N GLU A 54 7.87 5.90 -1.44
CA GLU A 54 7.95 7.08 -2.30
C GLU A 54 7.88 6.65 -3.76
N ASP A 55 7.09 7.37 -4.56
CA ASP A 55 6.84 7.06 -5.98
C ASP A 55 8.15 7.08 -6.80
N GLY A 56 9.04 8.04 -6.46
CA GLY A 56 10.32 8.19 -7.14
C GLY A 56 11.23 6.98 -6.98
N ARG A 57 11.21 6.38 -5.76
CA ARG A 57 12.06 5.22 -5.41
C ARG A 57 11.57 3.91 -6.04
N THR A 58 12.32 2.82 -5.80
CA THR A 58 11.97 1.47 -6.30
C THR A 58 11.57 0.57 -5.13
N LEU A 59 10.99 -0.60 -5.46
CA LEU A 59 10.69 -1.65 -4.47
C LEU A 59 11.99 -2.03 -3.73
N SER A 60 13.03 -2.32 -4.53
CA SER A 60 14.34 -2.79 -4.06
C SER A 60 15.04 -1.73 -3.17
N ASP A 61 14.68 -0.44 -3.37
CA ASP A 61 15.25 0.67 -2.59
C ASP A 61 14.70 0.64 -1.15
N TYR A 62 13.46 0.16 -1.00
CA TYR A 62 12.80 -0.02 0.31
C TYR A 62 12.98 -1.46 0.84
N ASN A 63 13.96 -2.21 0.29
CA ASN A 63 14.30 -3.60 0.69
C ASN A 63 13.18 -4.61 0.30
N ILE A 64 12.28 -4.18 -0.61
CA ILE A 64 11.19 -5.02 -1.14
C ILE A 64 11.71 -5.79 -2.35
N GLN A 65 11.69 -7.12 -2.28
CA GLN A 65 12.03 -7.98 -3.42
C GLN A 65 10.72 -8.46 -4.07
N LYS A 66 10.84 -9.26 -5.13
CA LYS A 66 9.69 -9.96 -5.71
C LYS A 66 9.05 -10.90 -4.67
N GLU A 67 7.71 -10.97 -4.72
CA GLU A 67 6.88 -11.80 -3.82
C GLU A 67 6.88 -11.31 -2.36
N SER A 68 7.46 -10.12 -2.08
CA SER A 68 7.34 -9.51 -0.75
C SER A 68 5.89 -9.02 -0.52
N THR A 69 5.38 -9.27 0.70
CA THR A 69 4.05 -8.84 1.09
C THR A 69 4.13 -7.52 1.88
N LEU A 70 3.39 -6.51 1.42
CA LEU A 70 3.34 -5.17 2.02
C LEU A 70 1.88 -4.74 2.17
N HIS A 71 1.65 -3.60 2.84
CA HIS A 71 0.30 -3.12 3.17
C HIS A 71 -0.16 -2.01 2.22
N LEU A 72 -1.48 -1.89 2.10
CA LEU A 72 -2.17 -0.93 1.24
C LEU A 72 -3.31 -0.32 2.03
N VAL A 73 -3.40 1.01 1.97
CA VAL A 73 -4.38 1.80 2.72
C VAL A 73 -5.33 2.53 1.77
N LEU A 74 -6.63 2.31 1.94
CA LEU A 74 -7.67 2.96 1.14
C LEU A 74 -8.14 4.24 1.85
N ARG A 75 -7.99 5.39 1.17
CA ARG A 75 -8.47 6.71 1.64
C ARG A 75 -9.89 6.95 1.13
N LEU A 76 -10.15 6.49 -0.12
CA LEU A 76 -11.46 6.54 -0.82
C LEU A 76 -12.14 7.93 -0.73
N ARG A 77 -11.28 8.98 -0.79
CA ARG A 77 -11.68 10.41 -0.72
C ARG A 77 -12.67 10.78 -1.86
N GLY A 78 -12.59 10.03 -2.97
CA GLY A 78 -13.55 10.13 -4.07
C GLY A 78 -13.69 8.80 -4.79
N GLY A 79 -13.79 7.72 -3.99
CA GLY A 79 -13.83 6.35 -4.51
C GLY A 79 -14.80 5.46 -3.75
N GLY B 1 -16.45 -2.28 -1.87
CA GLY B 1 -17.76 -1.60 -1.94
C GLY B 1 -18.06 -0.80 -0.69
N SER B 2 -17.20 0.18 -0.42
CA SER B 2 -17.33 1.08 0.73
C SER B 2 -18.32 2.22 0.41
N ARG B 3 -19.60 2.00 0.77
CA ARG B 3 -20.66 3.03 0.74
C ARG B 3 -20.78 3.69 2.14
N GLN B 4 -20.04 3.11 3.11
CA GLN B 4 -19.94 3.59 4.50
C GLN B 4 -18.45 3.84 4.83
N VAL B 5 -18.18 4.62 5.91
CA VAL B 5 -16.81 4.88 6.38
C VAL B 5 -16.18 3.56 6.88
N THR B 6 -15.13 3.12 6.17
CA THR B 6 -14.54 1.79 6.32
C THR B 6 -13.78 1.64 7.65
N LYS B 7 -14.01 0.51 8.35
CA LYS B 7 -13.25 0.13 9.56
C LYS B 7 -12.03 -0.67 9.08
N VAL B 8 -10.85 -0.19 9.46
CA VAL B 8 -9.55 -0.67 8.94
C VAL B 8 -8.54 -0.72 10.09
N ASP B 9 -7.28 -1.07 9.77
CA ASP B 9 -6.19 -1.15 10.78
C ASP B 9 -5.03 -0.26 10.34
N CYS B 10 -4.37 0.38 11.33
CA CYS B 10 -3.12 1.16 11.14
C CYS B 10 -1.94 0.17 11.20
N PRO B 11 -1.40 -0.30 10.02
CA PRO B 11 -0.39 -1.40 9.97
C PRO B 11 0.89 -1.10 10.79
N VAL B 12 1.18 0.20 10.97
CA VAL B 12 2.42 0.67 11.58
C VAL B 12 2.42 0.41 13.11
N CYS B 13 1.36 0.87 13.82
CA CYS B 13 1.28 0.76 15.30
C CYS B 13 0.24 -0.30 15.73
N GLY B 14 -0.47 -0.89 14.75
CA GLY B 14 -1.32 -2.08 14.96
C GLY B 14 -2.62 -1.81 15.73
N VAL B 15 -3.35 -0.74 15.37
CA VAL B 15 -4.62 -0.35 16.03
C VAL B 15 -5.79 -0.35 15.00
N ASN B 16 -6.98 -0.85 15.40
CA ASN B 16 -8.17 -0.87 14.52
C ASN B 16 -8.96 0.44 14.67
N ILE B 17 -9.03 1.21 13.57
CA ILE B 17 -9.58 2.59 13.53
C ILE B 17 -10.29 2.84 12.18
N PRO B 18 -11.27 3.81 12.09
CA PRO B 18 -11.95 4.15 10.82
C PRO B 18 -11.02 4.80 9.76
N GLU B 19 -11.54 4.83 8.52
CA GLU B 19 -10.80 5.15 7.27
C GLU B 19 -10.09 6.54 7.28
N SER B 20 -10.77 7.60 7.70
CA SER B 20 -10.16 8.95 7.74
C SER B 20 -9.09 9.04 8.85
N HIS B 21 -9.40 8.36 9.98
CA HIS B 21 -8.51 8.28 11.15
C HIS B 21 -7.25 7.47 10.82
N ILE B 22 -7.38 6.48 9.90
CA ILE B 22 -6.28 5.59 9.55
C ILE B 22 -5.22 6.37 8.77
N ASN B 23 -5.66 7.16 7.77
CA ASN B 23 -4.74 7.93 6.90
C ASN B 23 -3.91 8.95 7.75
N LYS B 24 -4.62 9.62 8.68
CA LYS B 24 -4.01 10.57 9.63
C LYS B 24 -2.94 9.87 10.52
N HIS B 25 -3.39 8.73 11.13
CA HIS B 25 -2.58 7.96 12.10
C HIS B 25 -1.27 7.54 11.47
N LEU B 26 -1.35 7.11 10.20
CA LEU B 26 -0.21 6.69 9.41
C LEU B 26 0.80 7.80 9.28
N ASP B 27 0.34 8.97 8.81
CA ASP B 27 1.20 10.10 8.45
C ASP B 27 2.10 10.52 9.63
N SER B 28 1.60 10.31 10.87
CA SER B 28 2.36 10.53 12.11
C SER B 28 3.23 9.29 12.44
N CYS B 29 2.62 8.09 12.31
CA CYS B 29 3.22 6.80 12.69
C CYS B 29 4.42 6.38 11.79
N LEU B 30 4.39 6.83 10.50
CA LEU B 30 5.38 6.42 9.47
C LEU B 30 6.51 7.44 9.41
N SER B 31 6.20 8.68 9.84
CA SER B 31 7.18 9.77 9.97
C SER B 31 8.19 9.42 11.09
N ARG B 32 7.70 8.67 12.10
CA ARG B 32 8.56 8.03 13.12
C ARG B 32 9.21 6.77 12.50
N GLU B 33 10.25 6.99 11.69
CA GLU B 33 10.98 5.91 11.00
C GLU B 33 12.30 5.63 11.77
ZN ZN C . -1.02 4.45 14.13
N GLY A 1 10.71 -9.10 -22.01
CA GLY A 1 11.16 -8.45 -20.76
C GLY A 1 10.61 -9.18 -19.53
N SER A 2 11.41 -10.12 -18.99
CA SER A 2 11.04 -10.91 -17.80
C SER A 2 11.02 -10.05 -16.53
N HIS A 3 9.83 -9.88 -15.94
CA HIS A 3 9.64 -9.11 -14.68
C HIS A 3 9.31 -10.08 -13.53
N MET A 4 9.15 -9.52 -12.32
CA MET A 4 8.83 -10.30 -11.10
C MET A 4 7.42 -9.91 -10.62
N GLN A 5 6.87 -10.69 -9.68
CA GLN A 5 5.56 -10.41 -9.07
C GLN A 5 5.69 -10.24 -7.56
N ILE A 6 4.91 -9.30 -7.01
CA ILE A 6 4.81 -9.04 -5.55
C ILE A 6 3.33 -8.95 -5.15
N PHE A 7 3.05 -9.23 -3.86
CA PHE A 7 1.68 -9.32 -3.32
C PHE A 7 1.44 -8.18 -2.33
N VAL A 8 0.62 -7.21 -2.74
CA VAL A 8 0.27 -6.04 -1.93
C VAL A 8 -1.18 -6.21 -1.42
N LYS A 9 -1.34 -6.22 -0.10
CA LYS A 9 -2.61 -6.56 0.56
C LYS A 9 -3.27 -5.29 1.14
N THR A 10 -4.53 -5.00 0.78
CA THR A 10 -5.27 -3.85 1.34
C THR A 10 -5.77 -4.12 2.78
N LEU A 11 -6.22 -3.04 3.45
CA LEU A 11 -6.89 -3.11 4.76
C LEU A 11 -8.30 -3.76 4.63
N THR A 12 -8.88 -3.69 3.41
CA THR A 12 -10.16 -4.36 3.09
C THR A 12 -9.94 -5.86 2.79
N GLY A 13 -8.66 -6.29 2.76
CA GLY A 13 -8.29 -7.71 2.78
C GLY A 13 -8.20 -8.34 1.39
N LYS A 14 -8.04 -7.50 0.36
CA LYS A 14 -7.87 -7.97 -1.04
C LYS A 14 -6.36 -8.08 -1.36
N THR A 15 -6.00 -8.96 -2.30
CA THR A 15 -4.62 -9.11 -2.80
C THR A 15 -4.46 -8.47 -4.19
N ILE A 16 -3.38 -7.71 -4.36
CA ILE A 16 -3.00 -7.05 -5.62
C ILE A 16 -1.64 -7.60 -6.07
N THR A 17 -1.63 -8.40 -7.14
CA THR A 17 -0.39 -8.94 -7.74
C THR A 17 0.12 -7.97 -8.83
N LEU A 18 1.35 -7.45 -8.64
CA LEU A 18 2.00 -6.52 -9.61
C LEU A 18 3.08 -7.25 -10.36
N GLU A 19 3.40 -6.75 -11.56
CA GLU A 19 4.33 -7.39 -12.50
C GLU A 19 5.47 -6.40 -12.81
N VAL A 20 6.35 -6.20 -11.82
CA VAL A 20 7.45 -5.20 -11.88
C VAL A 20 8.74 -5.82 -11.28
N GLU A 21 9.81 -5.02 -11.19
CA GLU A 21 11.14 -5.52 -10.79
C GLU A 21 11.50 -5.02 -9.36
N PRO A 22 12.44 -5.70 -8.63
CA PRO A 22 12.96 -5.20 -7.32
C PRO A 22 13.71 -3.85 -7.48
N SER A 23 14.29 -3.63 -8.66
CA SER A 23 15.08 -2.41 -8.97
C SER A 23 14.29 -1.52 -9.96
N ASP A 24 12.95 -1.68 -9.95
CA ASP A 24 12.02 -0.84 -10.75
C ASP A 24 11.88 0.55 -10.08
N THR A 25 10.79 0.78 -9.32
CA THR A 25 10.55 2.00 -8.51
C THR A 25 9.12 1.94 -7.92
N ILE A 26 8.98 2.37 -6.66
CA ILE A 26 7.71 2.32 -5.89
C ILE A 26 6.58 3.09 -6.59
N GLU A 27 6.92 4.23 -7.21
CA GLU A 27 5.96 5.08 -7.96
C GLU A 27 5.28 4.29 -9.09
N ASN A 28 6.07 3.43 -9.73
CA ASN A 28 5.61 2.58 -10.85
C ASN A 28 4.74 1.45 -10.32
N VAL A 29 5.18 0.86 -9.19
CA VAL A 29 4.47 -0.26 -8.52
C VAL A 29 3.04 0.16 -8.12
N LYS A 30 2.93 1.36 -7.53
CA LYS A 30 1.64 1.90 -7.03
C LYS A 30 0.74 2.36 -8.20
N ALA A 31 1.37 2.75 -9.31
CA ALA A 31 0.68 3.02 -10.58
C ALA A 31 0.07 1.73 -11.15
N LYS A 32 0.77 0.59 -10.94
CA LYS A 32 0.29 -0.74 -11.33
C LYS A 32 -0.84 -1.24 -10.41
N ILE A 33 -0.84 -0.79 -9.16
CA ILE A 33 -1.93 -1.11 -8.20
C ILE A 33 -3.24 -0.45 -8.66
N GLN A 34 -3.12 0.77 -9.22
CA GLN A 34 -4.23 1.46 -9.91
C GLN A 34 -4.65 0.68 -11.18
N ASP A 35 -3.67 0.04 -11.84
CA ASP A 35 -3.91 -0.82 -13.03
C ASP A 35 -4.63 -2.13 -12.65
N LYS A 36 -4.52 -2.57 -11.37
CA LYS A 36 -5.13 -3.85 -10.93
C LYS A 36 -6.49 -3.61 -10.23
N GLU A 37 -6.46 -2.97 -9.04
CA GLU A 37 -7.68 -2.77 -8.22
C GLU A 37 -8.47 -1.52 -8.66
N GLY A 38 -7.78 -0.56 -9.30
CA GLY A 38 -8.43 0.62 -9.88
C GLY A 38 -8.37 1.85 -9.01
N ILE A 39 -7.61 1.77 -7.90
CA ILE A 39 -7.51 2.85 -6.90
C ILE A 39 -6.19 3.64 -7.17
N PRO A 40 -6.27 5.00 -7.36
CA PRO A 40 -5.11 5.83 -7.80
C PRO A 40 -4.01 5.94 -6.72
N PRO A 41 -2.72 6.19 -7.12
CA PRO A 41 -1.57 6.37 -6.17
C PRO A 41 -1.81 7.48 -5.10
N ASP A 42 -2.83 8.32 -5.33
CA ASP A 42 -3.27 9.35 -4.40
C ASP A 42 -4.11 8.72 -3.25
N GLN A 43 -5.01 7.77 -3.60
CA GLN A 43 -5.98 7.15 -2.66
C GLN A 43 -5.46 5.86 -2.01
N GLN A 44 -4.44 5.25 -2.60
CA GLN A 44 -3.76 4.08 -2.01
C GLN A 44 -2.41 4.52 -1.42
N ARG A 45 -1.96 3.83 -0.35
CA ARG A 45 -0.74 4.19 0.39
C ARG A 45 0.09 2.93 0.65
N LEU A 46 1.39 3.01 0.32
CA LEU A 46 2.31 1.85 0.35
C LEU A 46 3.06 1.79 1.68
N ILE A 47 2.96 0.66 2.40
CA ILE A 47 3.64 0.45 3.70
C ILE A 47 4.13 -1.01 3.80
N PHE A 48 5.44 -1.18 4.07
CA PHE A 48 6.08 -2.50 4.29
C PHE A 48 6.79 -2.45 5.64
N ALA A 49 6.45 -3.38 6.54
CA ALA A 49 7.10 -3.52 7.87
C ALA A 49 6.97 -2.23 8.74
N GLY A 50 5.91 -1.43 8.48
CA GLY A 50 5.62 -0.22 9.25
C GLY A 50 6.09 1.06 8.58
N LYS A 51 7.06 0.96 7.66
CA LYS A 51 7.64 2.14 6.96
C LYS A 51 6.86 2.42 5.66
N GLN A 52 6.53 3.69 5.43
CA GLN A 52 5.82 4.12 4.20
C GLN A 52 6.85 4.17 3.05
N LEU A 53 6.44 3.71 1.86
CA LEU A 53 7.34 3.52 0.73
C LEU A 53 7.38 4.79 -0.16
N GLU A 54 8.60 5.33 -0.32
CA GLU A 54 8.87 6.56 -1.06
C GLU A 54 8.86 6.27 -2.58
N ASP A 55 8.24 7.18 -3.35
CA ASP A 55 8.01 7.01 -4.80
C ASP A 55 9.31 6.88 -5.58
N GLY A 56 10.29 7.73 -5.23
CA GLY A 56 11.58 7.76 -5.91
C GLY A 56 12.44 6.52 -5.67
N ARG A 57 12.20 5.83 -4.53
CA ARG A 57 12.95 4.60 -4.17
C ARG A 57 12.44 3.37 -4.92
N THR A 58 13.10 2.23 -4.68
CA THR A 58 12.77 0.94 -5.31
C THR A 58 12.28 -0.05 -4.25
N LEU A 59 11.69 -1.18 -4.72
CA LEU A 59 11.22 -2.26 -3.85
C LEU A 59 12.37 -2.77 -2.95
N SER A 60 13.47 -3.19 -3.61
CA SER A 60 14.63 -3.82 -2.95
C SER A 60 15.36 -2.83 -2.01
N ASP A 61 15.12 -1.51 -2.18
CA ASP A 61 15.64 -0.47 -1.26
C ASP A 61 15.01 -0.66 0.13
N TYR A 62 13.68 -0.85 0.12
CA TYR A 62 12.87 -1.07 1.32
C TYR A 62 12.84 -2.56 1.74
N ASN A 63 13.80 -3.36 1.23
CA ASN A 63 13.97 -4.79 1.58
C ASN A 63 12.84 -5.67 0.99
N ILE A 64 12.12 -5.14 -0.01
CA ILE A 64 11.02 -5.85 -0.70
C ILE A 64 11.60 -6.59 -1.93
N GLN A 65 11.64 -7.91 -1.86
CA GLN A 65 12.05 -8.74 -3.00
C GLN A 65 10.80 -9.27 -3.71
N LYS A 66 11.00 -10.15 -4.70
CA LYS A 66 9.89 -10.77 -5.43
C LYS A 66 9.07 -11.66 -4.50
N GLU A 67 7.74 -11.52 -4.64
CA GLU A 67 6.73 -12.31 -3.91
C GLU A 67 6.71 -11.96 -2.40
N SER A 68 7.32 -10.80 -2.05
CA SER A 68 7.18 -10.20 -0.71
C SER A 68 5.76 -9.63 -0.56
N THR A 69 5.18 -9.83 0.63
CA THR A 69 3.85 -9.31 0.96
C THR A 69 3.97 -8.06 1.82
N LEU A 70 3.29 -6.99 1.40
CA LEU A 70 3.31 -5.68 2.06
C LEU A 70 1.87 -5.16 2.18
N HIS A 71 1.69 -4.11 2.97
CA HIS A 71 0.36 -3.53 3.26
C HIS A 71 0.04 -2.38 2.31
N LEU A 72 -1.28 -2.18 2.11
CA LEU A 72 -1.85 -1.14 1.27
C LEU A 72 -2.99 -0.52 2.08
N VAL A 73 -2.97 0.81 2.16
CA VAL A 73 -3.99 1.58 2.87
C VAL A 73 -4.81 2.39 1.88
N LEU A 74 -6.11 2.08 1.84
CA LEU A 74 -7.08 2.78 1.03
C LEU A 74 -7.53 4.08 1.73
N ARG A 75 -7.91 5.07 0.92
CA ARG A 75 -8.41 6.37 1.41
C ARG A 75 -9.82 6.62 0.85
N LEU A 76 -9.96 6.44 -0.49
CA LEU A 76 -11.22 6.68 -1.25
C LEU A 76 -11.76 8.11 -1.05
N ARG A 77 -10.82 9.06 -0.84
CA ARG A 77 -11.16 10.48 -0.57
C ARG A 77 -11.59 11.20 -1.86
N GLY A 78 -11.14 10.68 -3.01
CA GLY A 78 -11.59 11.14 -4.33
C GLY A 78 -12.61 10.20 -4.95
N GLY A 79 -13.19 9.29 -4.11
CA GLY A 79 -14.12 8.28 -4.57
C GLY A 79 -13.42 7.12 -5.30
N GLY B 1 -18.07 -1.06 -1.74
CA GLY B 1 -19.46 -0.61 -1.86
C GLY B 1 -19.87 0.28 -0.69
N SER B 2 -19.21 0.07 0.47
CA SER B 2 -19.47 0.85 1.69
C SER B 2 -18.75 2.21 1.61
N ARG B 3 -19.51 3.26 1.23
CA ARG B 3 -19.03 4.66 1.19
C ARG B 3 -18.97 5.27 2.60
N GLN B 4 -19.65 4.61 3.55
CA GLN B 4 -19.71 5.04 4.96
C GLN B 4 -18.34 4.83 5.69
N VAL B 5 -18.29 5.30 6.94
CA VAL B 5 -17.11 5.18 7.82
C VAL B 5 -16.66 3.70 7.99
N THR B 6 -15.59 3.34 7.24
CA THR B 6 -15.04 1.97 7.21
C THR B 6 -14.05 1.76 8.36
N LYS B 7 -14.25 0.68 9.13
CA LYS B 7 -13.35 0.29 10.23
C LYS B 7 -12.21 -0.56 9.65
N VAL B 8 -10.97 -0.13 9.89
CA VAL B 8 -9.74 -0.76 9.36
C VAL B 8 -8.66 -0.74 10.46
N ASP B 9 -7.44 -1.20 10.13
CA ASP B 9 -6.32 -1.24 11.12
C ASP B 9 -5.14 -0.38 10.59
N CYS B 10 -4.40 0.24 11.54
CA CYS B 10 -3.19 1.03 11.23
C CYS B 10 -1.97 0.10 11.21
N PRO B 11 -1.45 -0.31 10.00
CA PRO B 11 -0.47 -1.45 9.88
C PRO B 11 0.96 -1.14 10.41
N VAL B 12 1.12 0.00 11.11
CA VAL B 12 2.40 0.40 11.72
C VAL B 12 2.36 0.15 13.25
N CYS B 13 1.32 0.68 13.94
CA CYS B 13 1.17 0.57 15.42
C CYS B 13 0.05 -0.43 15.79
N GLY B 14 -0.68 -0.93 14.78
CA GLY B 14 -1.73 -1.95 14.93
C GLY B 14 -2.90 -1.56 15.84
N VAL B 15 -3.59 -0.46 15.49
CA VAL B 15 -4.82 -0.03 16.18
C VAL B 15 -6.00 0.01 15.19
N ASN B 16 -7.15 -0.54 15.61
CA ASN B 16 -8.39 -0.48 14.81
C ASN B 16 -9.00 0.93 14.93
N ILE B 17 -9.14 1.61 13.78
CA ILE B 17 -9.62 3.00 13.66
C ILE B 17 -10.36 3.16 12.31
N PRO B 18 -11.20 4.23 12.12
CA PRO B 18 -11.86 4.53 10.82
C PRO B 18 -10.83 4.90 9.72
N GLU B 19 -11.26 4.80 8.44
CA GLU B 19 -10.39 4.99 7.26
C GLU B 19 -9.89 6.46 7.14
N SER B 20 -10.67 7.41 7.67
CA SER B 20 -10.25 8.83 7.75
C SER B 20 -9.08 8.99 8.76
N HIS B 21 -9.24 8.36 9.94
CA HIS B 21 -8.24 8.44 11.04
C HIS B 21 -7.07 7.47 10.81
N ILE B 22 -7.23 6.50 9.87
CA ILE B 22 -6.14 5.58 9.51
C ILE B 22 -5.13 6.37 8.66
N ASN B 23 -5.66 7.19 7.72
CA ASN B 23 -4.85 8.13 6.93
C ASN B 23 -4.00 9.00 7.86
N LYS B 24 -4.70 9.70 8.78
CA LYS B 24 -4.11 10.66 9.73
C LYS B 24 -3.03 9.96 10.61
N HIS B 25 -3.38 8.76 11.12
CA HIS B 25 -2.50 7.98 12.01
C HIS B 25 -1.17 7.67 11.32
N LEU B 26 -1.24 7.36 10.02
CA LEU B 26 -0.06 7.00 9.22
C LEU B 26 0.86 8.18 8.99
N ASP B 27 0.26 9.38 8.81
CA ASP B 27 1.05 10.62 8.66
C ASP B 27 1.96 10.85 9.88
N SER B 28 1.48 10.42 11.05
CA SER B 28 2.27 10.44 12.30
C SER B 28 3.15 9.16 12.45
N CYS B 29 2.59 8.00 12.04
CA CYS B 29 3.18 6.66 12.30
C CYS B 29 4.30 6.29 11.30
N LEU B 30 4.35 6.96 10.13
CA LEU B 30 5.36 6.67 9.08
C LEU B 30 6.72 7.27 9.47
N SER B 31 6.69 8.25 10.39
CA SER B 31 7.88 8.84 10.98
C SER B 31 8.63 7.75 11.77
N ARG B 32 9.84 7.43 11.32
CA ARG B 32 10.60 6.27 11.79
C ARG B 32 11.99 6.73 12.28
N GLU B 33 12.69 5.85 13.01
CA GLU B 33 14.06 6.11 13.47
C GLU B 33 15.05 5.74 12.33
ZN ZN C . -0.95 4.34 14.05
N GLY A 1 9.46 -7.66 -20.58
CA GLY A 1 10.67 -7.71 -19.73
C GLY A 1 10.49 -8.66 -18.55
N SER A 2 11.57 -9.37 -18.18
CA SER A 2 11.56 -10.38 -17.10
C SER A 2 11.27 -9.71 -15.74
N HIS A 3 10.01 -9.77 -15.32
CA HIS A 3 9.53 -9.18 -14.06
C HIS A 3 9.00 -10.25 -13.12
N MET A 4 9.07 -9.96 -11.81
CA MET A 4 8.62 -10.87 -10.73
C MET A 4 7.24 -10.43 -10.22
N GLN A 5 6.71 -11.20 -9.25
CA GLN A 5 5.45 -10.88 -8.57
C GLN A 5 5.73 -10.46 -7.12
N ILE A 6 4.94 -9.51 -6.62
CA ILE A 6 4.91 -9.13 -5.19
C ILE A 6 3.44 -8.95 -4.75
N PHE A 7 3.21 -9.24 -3.46
CA PHE A 7 1.86 -9.27 -2.87
C PHE A 7 1.63 -8.02 -1.97
N VAL A 8 0.94 -7.03 -2.52
CA VAL A 8 0.55 -5.81 -1.79
C VAL A 8 -0.89 -5.98 -1.28
N LYS A 9 -1.05 -6.03 0.04
CA LYS A 9 -2.32 -6.35 0.71
C LYS A 9 -2.99 -5.05 1.22
N THR A 10 -4.25 -4.76 0.78
CA THR A 10 -5.00 -3.61 1.31
C THR A 10 -5.44 -3.85 2.75
N LEU A 11 -5.80 -2.75 3.42
CA LEU A 11 -6.43 -2.78 4.75
C LEU A 11 -7.88 -3.31 4.66
N THR A 12 -8.48 -3.25 3.45
CA THR A 12 -9.82 -3.82 3.16
C THR A 12 -9.73 -5.35 2.93
N GLY A 13 -8.50 -5.89 2.91
CA GLY A 13 -8.27 -7.33 3.01
C GLY A 13 -8.15 -8.03 1.66
N LYS A 14 -7.95 -7.27 0.58
CA LYS A 14 -7.72 -7.84 -0.76
C LYS A 14 -6.20 -7.92 -1.02
N THR A 15 -5.78 -8.86 -1.86
CA THR A 15 -4.39 -8.97 -2.33
C THR A 15 -4.27 -8.37 -3.74
N ILE A 16 -3.16 -7.67 -3.99
CA ILE A 16 -2.82 -7.10 -5.31
C ILE A 16 -1.44 -7.65 -5.72
N THR A 17 -1.39 -8.42 -6.81
CA THR A 17 -0.16 -9.03 -7.33
C THR A 17 0.36 -8.21 -8.53
N LEU A 18 1.57 -7.62 -8.37
CA LEU A 18 2.18 -6.72 -9.37
C LEU A 18 3.28 -7.46 -10.12
N GLU A 19 3.50 -7.04 -11.36
CA GLU A 19 4.49 -7.67 -12.26
C GLU A 19 5.68 -6.71 -12.45
N VAL A 20 6.56 -6.64 -11.44
CA VAL A 20 7.76 -5.76 -11.49
C VAL A 20 8.96 -6.50 -10.85
N GLU A 21 10.14 -5.92 -11.00
CA GLU A 21 11.39 -6.47 -10.47
C GLU A 21 11.64 -5.88 -9.06
N PRO A 22 12.46 -6.56 -8.18
CA PRO A 22 12.94 -5.92 -6.93
C PRO A 22 13.79 -4.67 -7.23
N SER A 23 14.47 -4.66 -8.39
CA SER A 23 15.36 -3.56 -8.82
C SER A 23 14.62 -2.64 -9.83
N ASP A 24 13.26 -2.69 -9.84
CA ASP A 24 12.44 -1.91 -10.78
C ASP A 24 12.31 -0.45 -10.26
N THR A 25 11.20 -0.14 -9.52
CA THR A 25 10.97 1.14 -8.82
C THR A 25 9.58 1.14 -8.15
N ILE A 26 9.49 1.76 -6.96
CA ILE A 26 8.24 1.86 -6.16
C ILE A 26 7.15 2.63 -6.92
N GLU A 27 7.57 3.68 -7.65
CA GLU A 27 6.68 4.52 -8.49
C GLU A 27 5.86 3.64 -9.46
N ASN A 28 6.53 2.63 -10.02
CA ASN A 28 5.91 1.70 -10.98
C ASN A 28 4.94 0.78 -10.27
N VAL A 29 5.38 0.24 -9.10
CA VAL A 29 4.60 -0.72 -8.29
C VAL A 29 3.21 -0.15 -7.94
N LYS A 30 3.19 1.10 -7.46
CA LYS A 30 1.95 1.77 -7.05
C LYS A 30 1.04 2.10 -8.26
N ALA A 31 1.68 2.41 -9.40
CA ALA A 31 0.98 2.56 -10.69
C ALA A 31 0.43 1.20 -11.19
N LYS A 32 1.08 0.09 -10.74
CA LYS A 32 0.61 -1.27 -11.06
C LYS A 32 -0.60 -1.65 -10.19
N ILE A 33 -0.68 -1.15 -8.92
CA ILE A 33 -1.93 -1.29 -8.10
C ILE A 33 -3.12 -0.68 -8.85
N GLN A 34 -2.88 0.50 -9.44
CA GLN A 34 -3.86 1.20 -10.29
C GLN A 34 -4.21 0.37 -11.56
N ASP A 35 -3.25 -0.43 -12.02
CA ASP A 35 -3.42 -1.37 -13.15
C ASP A 35 -4.26 -2.61 -12.74
N LYS A 36 -4.18 -3.01 -11.44
CA LYS A 36 -4.82 -4.25 -10.95
C LYS A 36 -6.22 -4.00 -10.34
N GLU A 37 -6.27 -3.29 -9.18
CA GLU A 37 -7.55 -3.05 -8.46
C GLU A 37 -8.28 -1.82 -9.06
N GLY A 38 -7.50 -0.92 -9.70
CA GLY A 38 -8.06 0.23 -10.43
C GLY A 38 -8.05 1.51 -9.62
N ILE A 39 -7.27 1.52 -8.51
CA ILE A 39 -7.21 2.65 -7.56
C ILE A 39 -5.88 3.43 -7.78
N PRO A 40 -5.94 4.77 -8.03
CA PRO A 40 -4.75 5.59 -8.39
C PRO A 40 -3.78 5.79 -7.21
N PRO A 41 -2.45 6.11 -7.47
CA PRO A 41 -1.45 6.40 -6.40
C PRO A 41 -1.84 7.56 -5.45
N ASP A 42 -2.84 8.37 -5.88
CA ASP A 42 -3.41 9.46 -5.08
C ASP A 42 -4.33 8.91 -3.96
N GLN A 43 -4.91 7.72 -4.21
CA GLN A 43 -5.89 7.04 -3.32
C GLN A 43 -5.32 5.80 -2.61
N GLN A 44 -4.23 5.28 -3.12
CA GLN A 44 -3.53 4.13 -2.50
C GLN A 44 -2.19 4.58 -1.91
N ARG A 45 -1.68 3.83 -0.92
CA ARG A 45 -0.46 4.21 -0.18
C ARG A 45 0.41 2.97 0.09
N LEU A 46 1.69 3.03 -0.33
CA LEU A 46 2.65 1.89 -0.24
C LEU A 46 3.45 2.01 1.06
N ILE A 47 3.41 0.94 1.88
CA ILE A 47 4.13 0.85 3.17
C ILE A 47 4.65 -0.59 3.36
N PHE A 48 5.94 -0.71 3.71
CA PHE A 48 6.58 -1.98 4.11
C PHE A 48 7.30 -1.74 5.44
N ALA A 49 7.14 -2.68 6.38
CA ALA A 49 7.84 -2.69 7.69
C ALA A 49 7.40 -1.50 8.59
N GLY A 50 6.25 -0.87 8.26
CA GLY A 50 5.74 0.28 9.00
C GLY A 50 6.36 1.62 8.58
N LYS A 51 6.93 1.68 7.36
CA LYS A 51 7.47 2.93 6.78
C LYS A 51 6.92 3.11 5.35
N GLN A 52 6.67 4.36 4.95
CA GLN A 52 6.13 4.70 3.62
C GLN A 52 7.23 4.53 2.55
N LEU A 53 6.83 3.98 1.38
CA LEU A 53 7.77 3.68 0.29
C LEU A 53 7.87 4.87 -0.68
N GLU A 54 9.11 5.34 -0.91
CA GLU A 54 9.40 6.51 -1.75
C GLU A 54 9.49 6.10 -3.23
N ASP A 55 8.90 6.94 -4.10
CA ASP A 55 8.72 6.66 -5.55
C ASP A 55 10.05 6.38 -6.26
N GLY A 56 11.06 7.23 -5.98
CA GLY A 56 12.37 7.16 -6.63
C GLY A 56 13.15 5.90 -6.29
N ARG A 57 12.87 5.34 -5.10
CA ARG A 57 13.53 4.11 -4.61
C ARG A 57 12.96 2.86 -5.29
N THR A 58 13.55 1.71 -4.95
CA THR A 58 13.12 0.39 -5.47
C THR A 58 12.61 -0.47 -4.32
N LEU A 59 11.98 -1.60 -4.68
CA LEU A 59 11.53 -2.60 -3.72
C LEU A 59 12.73 -3.08 -2.87
N SER A 60 13.81 -3.50 -3.57
CA SER A 60 15.02 -4.05 -2.98
C SER A 60 15.72 -3.03 -2.05
N ASP A 61 15.48 -1.72 -2.30
CA ASP A 61 16.02 -0.63 -1.47
C ASP A 61 15.41 -0.71 -0.05
N TYR A 62 14.09 -0.97 -0.01
CA TYR A 62 13.32 -1.12 1.23
C TYR A 62 13.28 -2.60 1.71
N ASN A 63 14.24 -3.43 1.24
CA ASN A 63 14.40 -4.87 1.64
C ASN A 63 13.30 -5.79 1.06
N ILE A 64 12.47 -5.25 0.16
CA ILE A 64 11.37 -5.98 -0.49
C ILE A 64 11.93 -6.75 -1.71
N GLN A 65 11.85 -8.06 -1.67
CA GLN A 65 12.26 -8.93 -2.79
C GLN A 65 11.02 -9.50 -3.48
N LYS A 66 11.23 -10.43 -4.43
CA LYS A 66 10.13 -11.19 -5.06
C LYS A 66 9.32 -11.95 -4.00
N GLU A 67 8.02 -12.07 -4.29
CA GLU A 67 7.01 -12.74 -3.43
C GLU A 67 6.82 -12.07 -2.05
N SER A 68 7.47 -10.91 -1.79
CA SER A 68 7.34 -10.21 -0.50
C SER A 68 5.94 -9.59 -0.35
N THR A 69 5.43 -9.62 0.89
CA THR A 69 4.12 -9.07 1.24
C THR A 69 4.28 -7.79 2.06
N LEU A 70 3.50 -6.77 1.68
CA LEU A 70 3.54 -5.42 2.27
C LEU A 70 2.11 -4.87 2.28
N HIS A 71 1.91 -3.69 2.91
CA HIS A 71 0.55 -3.13 3.14
C HIS A 71 0.23 -1.99 2.16
N LEU A 72 -1.09 -1.83 1.94
CA LEU A 72 -1.69 -0.83 1.06
C LEU A 72 -2.80 -0.14 1.86
N VAL A 73 -2.74 1.19 1.93
CA VAL A 73 -3.75 2.00 2.64
C VAL A 73 -4.56 2.80 1.62
N LEU A 74 -5.89 2.64 1.67
CA LEU A 74 -6.84 3.37 0.82
C LEU A 74 -7.19 4.72 1.46
N ARG A 75 -7.44 5.73 0.60
CA ARG A 75 -7.66 7.13 1.01
C ARG A 75 -9.03 7.64 0.52
N LEU A 76 -9.34 7.31 -0.76
CA LEU A 76 -10.59 7.70 -1.45
C LEU A 76 -10.80 9.24 -1.46
N ARG A 77 -9.69 9.97 -1.68
CA ARG A 77 -9.68 11.46 -1.73
C ARG A 77 -10.42 11.96 -2.99
N GLY A 78 -9.93 11.52 -4.16
CA GLY A 78 -10.53 11.84 -5.46
C GLY A 78 -11.23 10.63 -6.11
N GLY A 79 -11.48 9.56 -5.30
CA GLY A 79 -12.17 8.35 -5.78
C GLY A 79 -11.27 7.41 -6.60
N GLY B 1 -16.46 0.37 -3.63
CA GLY B 1 -16.20 1.81 -3.55
C GLY B 1 -16.43 2.36 -2.15
N SER B 2 -16.33 3.69 -1.99
CA SER B 2 -16.54 4.39 -0.71
C SER B 2 -18.04 4.54 -0.42
N ARG B 3 -18.67 3.42 -0.01
CA ARG B 3 -20.12 3.34 0.30
C ARG B 3 -20.35 3.34 1.82
N GLN B 4 -19.29 3.64 2.58
CA GLN B 4 -19.28 3.54 4.06
C GLN B 4 -18.08 4.32 4.63
N VAL B 5 -18.06 4.45 5.98
CA VAL B 5 -16.84 4.84 6.70
C VAL B 5 -16.15 3.55 7.20
N THR B 6 -15.22 3.04 6.39
CA THR B 6 -14.53 1.76 6.61
C THR B 6 -13.63 1.84 7.85
N LYS B 7 -13.73 0.84 8.75
CA LYS B 7 -12.77 0.68 9.87
C LYS B 7 -11.67 -0.29 9.43
N VAL B 8 -10.43 0.18 9.51
CA VAL B 8 -9.24 -0.50 9.02
C VAL B 8 -8.07 -0.30 10.01
N ASP B 9 -7.16 -1.27 10.03
CA ASP B 9 -6.02 -1.30 10.97
C ASP B 9 -4.90 -0.36 10.51
N CYS B 10 -4.20 0.24 11.48
CA CYS B 10 -3.08 1.15 11.24
C CYS B 10 -1.79 0.31 11.17
N PRO B 11 -1.28 -0.04 9.94
CA PRO B 11 -0.26 -1.12 9.74
C PRO B 11 1.16 -0.84 10.30
N VAL B 12 1.31 0.25 11.06
CA VAL B 12 2.57 0.58 11.75
C VAL B 12 2.46 0.27 13.27
N CYS B 13 1.37 0.74 13.92
CA CYS B 13 1.20 0.66 15.39
C CYS B 13 0.15 -0.40 15.80
N GLY B 14 -0.58 -0.96 14.81
CA GLY B 14 -1.51 -2.08 15.00
C GLY B 14 -2.79 -1.75 15.77
N VAL B 15 -3.42 -0.59 15.49
CA VAL B 15 -4.71 -0.20 16.10
C VAL B 15 -5.79 -0.02 15.00
N ASN B 16 -6.99 -0.60 15.21
CA ASN B 16 -8.10 -0.50 14.24
C ASN B 16 -8.91 0.79 14.51
N ILE B 17 -9.07 1.58 13.45
CA ILE B 17 -9.60 2.97 13.46
C ILE B 17 -10.34 3.25 12.13
N PRO B 18 -11.27 4.26 12.05
CA PRO B 18 -11.93 4.65 10.76
C PRO B 18 -10.89 5.08 9.69
N GLU B 19 -11.27 4.98 8.39
CA GLU B 19 -10.34 5.16 7.26
C GLU B 19 -9.81 6.61 7.14
N SER B 20 -10.62 7.58 7.57
CA SER B 20 -10.20 8.98 7.66
C SER B 20 -9.06 9.10 8.70
N HIS B 21 -9.30 8.53 9.88
CA HIS B 21 -8.34 8.53 10.99
C HIS B 21 -7.20 7.53 10.78
N ILE B 22 -7.34 6.62 9.78
CA ILE B 22 -6.25 5.70 9.45
C ILE B 22 -5.16 6.49 8.75
N ASN B 23 -5.52 7.27 7.69
CA ASN B 23 -4.53 8.06 6.92
C ASN B 23 -3.88 9.16 7.79
N LYS B 24 -4.65 9.68 8.78
CA LYS B 24 -4.15 10.64 9.77
C LYS B 24 -3.09 10.00 10.70
N HIS B 25 -3.53 8.98 11.48
CA HIS B 25 -2.70 8.25 12.47
C HIS B 25 -1.42 7.73 11.78
N LEU B 26 -1.65 7.18 10.58
CA LEU B 26 -0.64 6.57 9.75
C LEU B 26 0.40 7.57 9.31
N ASP B 27 -0.04 8.76 8.85
CA ASP B 27 0.85 9.84 8.37
C ASP B 27 1.90 10.19 9.44
N SER B 28 1.47 10.12 10.71
CA SER B 28 2.35 10.34 11.87
C SER B 28 3.18 9.06 12.18
N CYS B 29 2.54 7.89 12.03
CA CYS B 29 3.10 6.58 12.42
C CYS B 29 4.20 6.09 11.46
N LEU B 30 4.06 6.38 10.14
CA LEU B 30 4.88 5.77 9.07
C LEU B 30 6.31 6.32 9.06
N SER B 31 6.54 7.36 9.86
CA SER B 31 7.85 7.94 10.08
C SER B 31 8.68 6.96 10.97
N ARG B 32 9.34 6.00 10.31
CA ARG B 32 10.16 4.96 10.97
C ARG B 32 11.57 4.97 10.36
N GLU B 33 12.58 5.15 11.24
CA GLU B 33 14.00 5.18 10.85
C GLU B 33 14.62 3.75 11.03
ZN ZN C . -1.11 4.47 14.16
N GLY A 1 16.96 -7.12 -14.73
CA GLY A 1 16.49 -7.94 -15.87
C GLY A 1 15.73 -9.18 -15.43
N SER A 2 14.58 -8.94 -14.76
CA SER A 2 13.66 -10.00 -14.28
C SER A 2 12.22 -9.44 -14.16
N HIS A 3 11.26 -10.30 -13.77
CA HIS A 3 9.91 -9.92 -13.29
C HIS A 3 9.42 -11.04 -12.36
N MET A 4 9.25 -10.70 -11.07
CA MET A 4 8.92 -11.67 -10.01
C MET A 4 7.63 -11.23 -9.29
N GLN A 5 6.99 -12.18 -8.61
CA GLN A 5 5.74 -11.94 -7.89
C GLN A 5 6.01 -11.51 -6.45
N ILE A 6 5.29 -10.46 -6.02
CA ILE A 6 5.26 -9.95 -4.64
C ILE A 6 3.81 -9.78 -4.20
N PHE A 7 3.59 -9.78 -2.88
CA PHE A 7 2.25 -9.77 -2.28
C PHE A 7 2.04 -8.49 -1.48
N VAL A 8 1.04 -7.72 -1.88
CA VAL A 8 0.59 -6.52 -1.16
C VAL A 8 -0.78 -6.83 -0.54
N LYS A 9 -0.95 -6.53 0.74
CA LYS A 9 -2.16 -6.91 1.48
C LYS A 9 -2.89 -5.65 1.98
N THR A 10 -4.13 -5.40 1.52
CA THR A 10 -4.91 -4.24 1.94
C THR A 10 -5.37 -4.35 3.40
N LEU A 11 -5.82 -3.22 3.94
CA LEU A 11 -6.43 -3.12 5.27
C LEU A 11 -7.81 -3.82 5.29
N THR A 12 -8.44 -3.97 4.10
CA THR A 12 -9.71 -4.69 3.93
C THR A 12 -9.48 -6.22 3.90
N GLY A 13 -8.21 -6.64 3.69
CA GLY A 13 -7.80 -8.04 3.85
C GLY A 13 -7.71 -8.81 2.54
N LYS A 14 -7.57 -8.10 1.41
CA LYS A 14 -7.35 -8.73 0.08
C LYS A 14 -5.84 -8.81 -0.22
N THR A 15 -5.45 -9.78 -1.05
CA THR A 15 -4.07 -9.90 -1.55
C THR A 15 -3.99 -9.34 -3.00
N ILE A 16 -2.85 -8.70 -3.32
CA ILE A 16 -2.56 -8.11 -4.65
C ILE A 16 -1.17 -8.62 -5.12
N THR A 17 -1.16 -9.41 -6.20
CA THR A 17 0.08 -9.99 -6.76
C THR A 17 0.56 -9.16 -7.96
N LEU A 18 1.80 -8.64 -7.89
CA LEU A 18 2.44 -7.83 -8.96
C LEU A 18 3.60 -8.63 -9.56
N GLU A 19 3.92 -8.37 -10.85
CA GLU A 19 5.00 -9.10 -11.56
C GLU A 19 6.12 -8.10 -11.92
N VAL A 20 6.96 -7.71 -10.92
CA VAL A 20 8.05 -6.72 -11.09
C VAL A 20 9.32 -7.17 -10.33
N GLU A 21 10.38 -6.37 -10.46
CA GLU A 21 11.71 -6.69 -9.91
C GLU A 21 11.85 -6.09 -8.49
N PRO A 22 12.76 -6.65 -7.63
CA PRO A 22 13.17 -5.95 -6.39
C PRO A 22 13.85 -4.59 -6.72
N SER A 23 14.60 -4.54 -7.84
CA SER A 23 15.34 -3.33 -8.26
C SER A 23 14.50 -2.50 -9.25
N ASP A 24 13.18 -2.79 -9.35
CA ASP A 24 12.25 -2.07 -10.24
C ASP A 24 12.09 -0.59 -9.78
N THR A 25 11.02 -0.29 -9.00
CA THR A 25 10.72 1.03 -8.43
C THR A 25 9.31 0.99 -7.83
N ILE A 26 9.16 1.62 -6.65
CA ILE A 26 7.89 1.63 -5.91
C ILE A 26 6.78 2.34 -6.72
N GLU A 27 7.17 3.36 -7.52
CA GLU A 27 6.23 4.11 -8.39
C GLU A 27 5.55 3.17 -9.42
N ASN A 28 6.33 2.20 -9.89
CA ASN A 28 5.83 1.21 -10.85
C ASN A 28 4.96 0.18 -10.14
N VAL A 29 5.43 -0.27 -8.97
CA VAL A 29 4.74 -1.28 -8.14
C VAL A 29 3.33 -0.79 -7.78
N LYS A 30 3.22 0.50 -7.40
CA LYS A 30 1.95 1.12 -6.96
C LYS A 30 1.00 1.28 -8.15
N ALA A 31 1.58 1.57 -9.34
CA ALA A 31 0.85 1.58 -10.62
C ALA A 31 0.31 0.17 -10.95
N LYS A 32 1.05 -0.88 -10.52
CA LYS A 32 0.63 -2.28 -10.71
C LYS A 32 -0.55 -2.64 -9.78
N ILE A 33 -0.59 -2.08 -8.53
CA ILE A 33 -1.76 -2.21 -7.64
C ILE A 33 -3.04 -1.69 -8.34
N GLN A 34 -2.91 -0.54 -9.03
CA GLN A 34 -4.00 0.04 -9.84
C GLN A 34 -4.36 -0.86 -11.04
N ASP A 35 -3.37 -1.61 -11.55
CA ASP A 35 -3.56 -2.60 -12.62
C ASP A 35 -4.34 -3.84 -12.12
N LYS A 36 -4.27 -4.13 -10.79
CA LYS A 36 -4.91 -5.34 -10.21
C LYS A 36 -6.26 -5.02 -9.56
N GLU A 37 -6.24 -4.27 -8.43
CA GLU A 37 -7.46 -3.97 -7.65
C GLU A 37 -8.21 -2.74 -8.20
N GLY A 38 -7.49 -1.88 -8.94
CA GLY A 38 -8.11 -0.77 -9.69
C GLY A 38 -8.11 0.56 -8.94
N ILE A 39 -7.32 0.65 -7.86
CA ILE A 39 -7.28 1.86 -7.00
C ILE A 39 -6.03 2.71 -7.37
N PRO A 40 -6.20 4.06 -7.68
CA PRO A 40 -5.09 4.94 -8.14
C PRO A 40 -4.03 5.20 -7.04
N PRO A 41 -2.74 5.52 -7.43
CA PRO A 41 -1.61 5.79 -6.48
C PRO A 41 -1.89 6.90 -5.44
N ASP A 42 -2.95 7.69 -5.68
CA ASP A 42 -3.42 8.71 -4.73
C ASP A 42 -4.12 8.02 -3.53
N GLN A 43 -5.02 7.08 -3.85
CA GLN A 43 -5.93 6.44 -2.87
C GLN A 43 -5.33 5.18 -2.22
N GLN A 44 -4.35 4.55 -2.87
CA GLN A 44 -3.62 3.39 -2.30
C GLN A 44 -2.25 3.87 -1.77
N ARG A 45 -1.98 3.59 -0.48
CA ARG A 45 -0.80 4.10 0.26
C ARG A 45 0.11 2.91 0.59
N LEU A 46 1.40 3.05 0.28
CA LEU A 46 2.39 1.95 0.35
C LEU A 46 3.12 1.98 1.70
N ILE A 47 2.99 0.88 2.48
CA ILE A 47 3.66 0.73 3.79
C ILE A 47 4.13 -0.74 3.95
N PHE A 48 5.42 -0.92 4.28
CA PHE A 48 6.05 -2.22 4.55
C PHE A 48 6.80 -2.13 5.88
N ALA A 49 6.51 -3.06 6.80
CA ALA A 49 7.23 -3.21 8.09
C ALA A 49 7.13 -1.96 9.00
N GLY A 50 6.13 -1.08 8.74
CA GLY A 50 5.92 0.12 9.55
C GLY A 50 6.51 1.39 8.97
N LYS A 51 7.07 1.31 7.75
CA LYS A 51 7.66 2.47 7.03
C LYS A 51 6.89 2.70 5.72
N GLN A 52 6.77 3.96 5.31
CA GLN A 52 6.13 4.34 4.02
C GLN A 52 7.13 4.15 2.86
N LEU A 53 6.64 3.65 1.72
CA LEU A 53 7.47 3.34 0.55
C LEU A 53 7.48 4.52 -0.44
N GLU A 54 8.66 5.14 -0.62
CA GLU A 54 8.84 6.30 -1.51
C GLU A 54 8.90 5.85 -2.97
N ASP A 55 8.24 6.64 -3.84
CA ASP A 55 8.09 6.35 -5.28
C ASP A 55 9.46 6.21 -6.00
N GLY A 56 10.40 7.10 -5.62
CA GLY A 56 11.73 7.17 -6.23
C GLY A 56 12.65 6.04 -5.81
N ARG A 57 12.33 5.37 -4.70
CA ARG A 57 13.05 4.19 -4.21
C ARG A 57 12.54 2.91 -4.87
N THR A 58 13.20 1.79 -4.53
CA THR A 58 12.87 0.45 -5.05
C THR A 58 12.39 -0.44 -3.92
N LEU A 59 11.84 -1.61 -4.30
CA LEU A 59 11.45 -2.65 -3.35
C LEU A 59 12.68 -3.06 -2.49
N SER A 60 13.79 -3.34 -3.19
CA SER A 60 15.05 -3.84 -2.59
C SER A 60 15.66 -2.81 -1.64
N ASP A 61 15.36 -1.51 -1.86
CA ASP A 61 15.83 -0.42 -0.99
C ASP A 61 15.20 -0.57 0.41
N TYR A 62 13.91 -0.91 0.40
CA TYR A 62 13.12 -1.09 1.63
C TYR A 62 13.18 -2.54 2.15
N ASN A 63 14.16 -3.35 1.63
CA ASN A 63 14.41 -4.77 2.02
C ASN A 63 13.31 -5.72 1.51
N ILE A 64 12.47 -5.24 0.57
CA ILE A 64 11.41 -6.03 -0.07
C ILE A 64 12.02 -6.80 -1.26
N GLN A 65 11.91 -8.11 -1.25
CA GLN A 65 12.29 -8.96 -2.39
C GLN A 65 11.03 -9.66 -2.93
N LYS A 66 11.22 -10.59 -3.87
CA LYS A 66 10.13 -11.45 -4.36
C LYS A 66 9.49 -12.23 -3.18
N GLU A 67 8.15 -12.41 -3.28
CA GLU A 67 7.33 -13.16 -2.32
C GLU A 67 7.15 -12.41 -0.97
N SER A 68 7.74 -11.20 -0.84
CA SER A 68 7.62 -10.40 0.40
C SER A 68 6.22 -9.76 0.48
N THR A 69 5.60 -9.82 1.66
CA THR A 69 4.28 -9.24 1.91
C THR A 69 4.40 -7.88 2.62
N LEU A 70 3.69 -6.89 2.07
CA LEU A 70 3.58 -5.54 2.62
C LEU A 70 2.10 -5.22 2.81
N HIS A 71 1.82 -4.05 3.39
CA HIS A 71 0.44 -3.58 3.63
C HIS A 71 0.07 -2.42 2.70
N LEU A 72 -1.24 -2.29 2.45
CA LEU A 72 -1.82 -1.33 1.51
C LEU A 72 -2.97 -0.62 2.21
N VAL A 73 -2.90 0.70 2.21
CA VAL A 73 -3.89 1.56 2.87
C VAL A 73 -4.80 2.20 1.83
N LEU A 74 -6.05 1.75 1.81
CA LEU A 74 -7.09 2.30 0.94
C LEU A 74 -7.68 3.58 1.54
N ARG A 75 -7.92 4.57 0.68
CA ARG A 75 -8.46 5.89 1.06
C ARG A 75 -9.86 6.09 0.49
N LEU A 76 -10.01 5.78 -0.82
CA LEU A 76 -11.29 5.95 -1.57
C LEU A 76 -11.80 7.41 -1.54
N ARG A 77 -10.88 8.35 -1.27
CA ARG A 77 -11.21 9.77 -1.09
C ARG A 77 -11.76 10.37 -2.40
N GLY A 78 -11.02 10.13 -3.49
CA GLY A 78 -11.46 10.48 -4.84
C GLY A 78 -12.25 9.37 -5.52
N GLY A 79 -12.04 8.11 -5.05
CA GLY A 79 -12.64 6.93 -5.68
C GLY A 79 -11.65 5.78 -5.77
N GLY B 1 -22.65 1.50 -6.43
CA GLY B 1 -22.55 2.74 -5.66
C GLY B 1 -22.51 2.49 -4.16
N SER B 2 -21.30 2.37 -3.60
CA SER B 2 -21.09 2.09 -2.17
C SER B 2 -19.72 2.64 -1.74
N ARG B 3 -19.69 3.35 -0.58
CA ARG B 3 -18.46 3.91 0.02
C ARG B 3 -18.80 4.54 1.38
N GLN B 4 -18.70 3.73 2.45
CA GLN B 4 -18.96 4.19 3.84
C GLN B 4 -17.65 4.14 4.65
N VAL B 5 -17.61 4.90 5.78
CA VAL B 5 -16.46 4.95 6.69
C VAL B 5 -16.03 3.53 7.18
N THR B 6 -14.97 3.00 6.54
CA THR B 6 -14.46 1.64 6.80
C THR B 6 -13.50 1.64 8.01
N LYS B 7 -13.68 0.68 8.93
CA LYS B 7 -12.82 0.51 10.10
C LYS B 7 -11.71 -0.49 9.76
N VAL B 8 -10.47 -0.05 9.92
CA VAL B 8 -9.29 -0.69 9.33
C VAL B 8 -8.05 -0.52 10.23
N ASP B 9 -7.17 -1.54 10.24
CA ASP B 9 -5.98 -1.59 11.11
C ASP B 9 -4.89 -0.63 10.64
N CYS B 10 -4.12 -0.08 11.60
CA CYS B 10 -3.01 0.86 11.34
C CYS B 10 -1.71 0.07 11.18
N PRO B 11 -1.24 -0.24 9.92
CA PRO B 11 -0.17 -1.24 9.66
C PRO B 11 1.20 -0.97 10.33
N VAL B 12 1.35 0.18 11.00
CA VAL B 12 2.55 0.48 11.80
C VAL B 12 2.32 0.09 13.27
N CYS B 13 1.27 0.67 13.90
CA CYS B 13 1.06 0.55 15.37
C CYS B 13 -0.10 -0.42 15.72
N GLY B 14 -0.62 -1.15 14.71
CA GLY B 14 -1.58 -2.26 14.91
C GLY B 14 -3.07 -1.83 15.02
N VAL B 15 -3.33 -0.68 15.69
CA VAL B 15 -4.68 -0.30 16.17
C VAL B 15 -5.74 -0.15 15.03
N ASN B 16 -6.95 -0.71 15.25
CA ASN B 16 -8.07 -0.61 14.30
C ASN B 16 -8.82 0.71 14.57
N ILE B 17 -8.97 1.51 13.50
CA ILE B 17 -9.49 2.89 13.54
C ILE B 17 -10.24 3.18 12.19
N PRO B 18 -11.20 4.16 12.16
CA PRO B 18 -11.90 4.55 10.90
C PRO B 18 -10.92 5.11 9.84
N GLU B 19 -11.29 4.94 8.55
CA GLU B 19 -10.38 5.13 7.39
C GLU B 19 -9.76 6.55 7.29
N SER B 20 -10.55 7.61 7.50
CA SER B 20 -10.02 8.99 7.40
C SER B 20 -8.98 9.25 8.53
N HIS B 21 -9.24 8.67 9.73
CA HIS B 21 -8.33 8.74 10.88
C HIS B 21 -7.23 7.67 10.76
N ILE B 22 -7.39 6.72 9.83
CA ILE B 22 -6.35 5.73 9.50
C ILE B 22 -5.19 6.47 8.81
N ASN B 23 -5.54 7.34 7.85
CA ASN B 23 -4.55 8.09 7.06
C ASN B 23 -3.90 9.21 7.86
N LYS B 24 -4.64 9.80 8.83
CA LYS B 24 -4.06 10.78 9.79
C LYS B 24 -3.06 10.08 10.75
N HIS B 25 -3.50 8.96 11.38
CA HIS B 25 -2.67 8.18 12.33
C HIS B 25 -1.38 7.75 11.66
N LEU B 26 -1.55 7.24 10.42
CA LEU B 26 -0.44 6.74 9.60
C LEU B 26 0.47 7.85 9.13
N ASP B 27 -0.08 9.05 8.86
CA ASP B 27 0.73 10.22 8.43
C ASP B 27 1.80 10.53 9.49
N SER B 28 1.46 10.24 10.77
CA SER B 28 2.38 10.37 11.91
C SER B 28 3.14 9.05 12.19
N CYS B 29 2.46 7.89 11.99
CA CYS B 29 2.99 6.56 12.36
C CYS B 29 4.08 6.06 11.39
N LEU B 30 4.01 6.52 10.11
CA LEU B 30 4.93 6.08 9.04
C LEU B 30 6.31 6.73 9.20
N SER B 31 6.39 7.72 10.14
CA SER B 31 7.63 8.39 10.50
C SER B 31 8.59 7.38 11.17
N ARG B 32 9.30 6.64 10.32
CA ARG B 32 10.29 5.63 10.73
C ARG B 32 11.57 6.34 11.20
N GLU B 33 11.79 7.53 10.62
CA GLU B 33 12.92 8.42 10.94
C GLU B 33 12.38 9.58 11.80
ZN ZN C . -1.15 4.39 14.19
N GLY A 1 10.62 -6.84 -17.48
CA GLY A 1 11.59 -7.88 -17.13
C GLY A 1 10.93 -9.20 -16.77
N SER A 2 11.37 -9.81 -15.66
CA SER A 2 10.82 -11.07 -15.13
C SER A 2 9.76 -10.77 -14.05
N HIS A 3 8.46 -10.93 -14.39
CA HIS A 3 7.35 -10.59 -13.49
C HIS A 3 7.21 -11.63 -12.35
N MET A 4 7.77 -11.29 -11.17
CA MET A 4 7.65 -12.10 -9.94
C MET A 4 6.40 -11.66 -9.17
N GLN A 5 5.88 -12.54 -8.33
CA GLN A 5 4.65 -12.29 -7.56
C GLN A 5 4.99 -11.84 -6.14
N ILE A 6 4.26 -10.81 -5.67
CA ILE A 6 4.32 -10.30 -4.28
C ILE A 6 2.89 -10.04 -3.79
N PHE A 7 2.71 -10.07 -2.47
CA PHE A 7 1.37 -10.04 -1.84
C PHE A 7 1.18 -8.72 -1.05
N VAL A 8 0.47 -7.78 -1.68
CA VAL A 8 0.17 -6.47 -1.08
C VAL A 8 -1.26 -6.54 -0.54
N LYS A 9 -1.37 -6.74 0.78
CA LYS A 9 -2.63 -7.01 1.47
C LYS A 9 -3.22 -5.71 2.04
N THR A 10 -4.46 -5.40 1.64
CA THR A 10 -5.21 -4.25 2.13
C THR A 10 -5.63 -4.44 3.60
N LEU A 11 -6.08 -3.33 4.19
CA LEU A 11 -6.57 -3.26 5.58
C LEU A 11 -7.88 -4.04 5.76
N THR A 12 -8.59 -4.29 4.64
CA THR A 12 -9.87 -5.03 4.63
C THR A 12 -9.64 -6.56 4.72
N GLY A 13 -8.35 -6.97 4.71
CA GLY A 13 -7.97 -8.38 4.80
C GLY A 13 -7.84 -9.04 3.43
N LYS A 14 -7.97 -8.25 2.37
CA LYS A 14 -7.92 -8.70 0.98
C LYS A 14 -6.48 -8.64 0.48
N THR A 15 -6.07 -9.67 -0.26
CA THR A 15 -4.68 -9.81 -0.76
C THR A 15 -4.63 -9.54 -2.26
N ILE A 16 -3.71 -8.66 -2.66
CA ILE A 16 -3.47 -8.30 -4.06
C ILE A 16 -2.13 -8.90 -4.52
N THR A 17 -2.21 -9.86 -5.46
CA THR A 17 -1.04 -10.49 -6.09
C THR A 17 -0.60 -9.65 -7.31
N LEU A 18 0.61 -9.09 -7.25
CA LEU A 18 1.20 -8.29 -8.34
C LEU A 18 2.24 -9.12 -9.07
N GLU A 19 2.56 -8.71 -10.30
CA GLU A 19 3.52 -9.39 -11.16
C GLU A 19 4.57 -8.36 -11.64
N VAL A 20 5.55 -8.08 -10.76
CA VAL A 20 6.64 -7.10 -11.00
C VAL A 20 7.97 -7.70 -10.49
N GLU A 21 9.09 -6.99 -10.71
CA GLU A 21 10.39 -7.40 -10.13
C GLU A 21 10.57 -6.71 -8.77
N PRO A 22 11.14 -7.41 -7.74
CA PRO A 22 11.62 -6.77 -6.48
C PRO A 22 12.64 -5.64 -6.76
N SER A 23 13.39 -5.78 -7.86
CA SER A 23 14.46 -4.86 -8.25
C SER A 23 13.93 -3.76 -9.20
N ASP A 24 12.60 -3.73 -9.45
CA ASP A 24 11.99 -2.83 -10.43
C ASP A 24 11.75 -1.42 -9.82
N THR A 25 10.58 -1.21 -9.16
CA THR A 25 10.24 0.06 -8.44
C THR A 25 8.83 -0.01 -7.82
N ILE A 26 8.64 0.71 -6.69
CA ILE A 26 7.36 0.79 -5.93
C ILE A 26 6.28 1.50 -6.77
N GLU A 27 6.72 2.49 -7.58
CA GLU A 27 5.85 3.29 -8.46
C GLU A 27 5.08 2.37 -9.44
N ASN A 28 5.80 1.35 -9.91
CA ASN A 28 5.24 0.34 -10.82
C ASN A 28 4.26 -0.57 -10.06
N VAL A 29 4.70 -1.00 -8.85
CA VAL A 29 3.90 -1.88 -7.97
C VAL A 29 2.52 -1.29 -7.69
N LYS A 30 2.47 0.00 -7.32
CA LYS A 30 1.22 0.70 -6.93
C LYS A 30 0.30 0.89 -8.14
N ALA A 31 0.92 1.07 -9.33
CA ALA A 31 0.19 1.07 -10.62
C ALA A 31 -0.51 -0.27 -10.87
N LYS A 32 0.12 -1.36 -10.39
CA LYS A 32 -0.41 -2.72 -10.55
C LYS A 32 -1.53 -3.02 -9.54
N ILE A 33 -1.50 -2.43 -8.31
CA ILE A 33 -2.66 -2.51 -7.37
C ILE A 33 -3.91 -1.91 -8.05
N GLN A 34 -3.72 -0.75 -8.71
CA GLN A 34 -4.77 -0.09 -9.50
C GLN A 34 -5.22 -0.97 -10.68
N ASP A 35 -4.29 -1.77 -11.22
CA ASP A 35 -4.57 -2.75 -12.29
C ASP A 35 -5.40 -3.95 -11.77
N LYS A 36 -5.15 -4.36 -10.51
CA LYS A 36 -5.73 -5.61 -9.95
C LYS A 36 -7.09 -5.33 -9.30
N GLU A 37 -7.10 -4.57 -8.19
CA GLU A 37 -8.34 -4.30 -7.43
C GLU A 37 -9.06 -3.05 -7.97
N GLY A 38 -8.33 -2.17 -8.67
CA GLY A 38 -8.92 -1.01 -9.34
C GLY A 38 -8.82 0.28 -8.55
N ILE A 39 -8.01 0.29 -7.48
CA ILE A 39 -7.88 1.45 -6.57
C ILE A 39 -6.61 2.25 -6.96
N PRO A 40 -6.77 3.58 -7.28
CA PRO A 40 -5.66 4.42 -7.83
C PRO A 40 -4.56 4.74 -6.79
N PRO A 41 -3.28 5.05 -7.24
CA PRO A 41 -2.10 5.27 -6.35
C PRO A 41 -2.29 6.39 -5.31
N ASP A 42 -3.34 7.21 -5.46
CA ASP A 42 -3.70 8.23 -4.46
C ASP A 42 -4.47 7.58 -3.30
N GLN A 43 -5.47 6.75 -3.63
CA GLN A 43 -6.38 6.13 -2.64
C GLN A 43 -5.70 4.95 -1.91
N GLN A 44 -4.77 4.32 -2.60
CA GLN A 44 -3.96 3.23 -2.01
C GLN A 44 -2.62 3.81 -1.52
N ARG A 45 -2.08 3.22 -0.44
CA ARG A 45 -0.83 3.67 0.19
C ARG A 45 0.03 2.45 0.55
N LEU A 46 1.32 2.46 0.15
CA LEU A 46 2.22 1.31 0.30
C LEU A 46 2.97 1.42 1.61
N ILE A 47 2.88 0.36 2.44
CA ILE A 47 3.56 0.29 3.75
C ILE A 47 4.06 -1.15 4.01
N PHE A 48 5.33 -1.27 4.42
CA PHE A 48 5.95 -2.52 4.86
C PHE A 48 6.76 -2.23 6.12
N ALA A 49 6.52 -3.00 7.19
CA ALA A 49 7.23 -2.86 8.49
C ALA A 49 6.91 -1.52 9.18
N GLY A 50 5.77 -0.91 8.80
CA GLY A 50 5.28 0.33 9.39
C GLY A 50 5.83 1.61 8.75
N LYS A 51 6.65 1.46 7.69
CA LYS A 51 7.20 2.61 6.94
C LYS A 51 6.53 2.68 5.57
N GLN A 52 6.26 3.90 5.10
CA GLN A 52 5.65 4.14 3.78
C GLN A 52 6.70 3.96 2.67
N LEU A 53 6.36 3.11 1.69
CA LEU A 53 7.25 2.78 0.58
C LEU A 53 7.26 3.91 -0.45
N GLU A 54 8.45 4.50 -0.69
CA GLU A 54 8.61 5.63 -1.61
C GLU A 54 8.55 5.12 -3.05
N ASP A 55 7.85 5.88 -3.91
CA ASP A 55 7.58 5.49 -5.30
C ASP A 55 8.88 5.32 -6.12
N GLY A 56 9.87 6.21 -5.88
CA GLY A 56 11.15 6.18 -6.58
C GLY A 56 12.02 4.97 -6.20
N ARG A 57 11.83 4.45 -4.97
CA ARG A 57 12.58 3.28 -4.45
C ARG A 57 12.06 1.97 -5.04
N THR A 58 12.73 0.86 -4.67
CA THR A 58 12.34 -0.50 -5.11
C THR A 58 11.79 -1.29 -3.91
N LEU A 59 11.17 -2.45 -4.21
CA LEU A 59 10.72 -3.39 -3.17
C LEU A 59 11.95 -3.83 -2.36
N SER A 60 12.98 -4.26 -3.10
CA SER A 60 14.25 -4.75 -2.55
C SER A 60 14.98 -3.69 -1.70
N ASP A 61 14.72 -2.39 -1.98
CA ASP A 61 15.34 -1.28 -1.22
C ASP A 61 14.78 -1.23 0.21
N TYR A 62 13.48 -1.59 0.34
CA TYR A 62 12.79 -1.70 1.63
C TYR A 62 12.86 -3.14 2.20
N ASN A 63 13.78 -3.98 1.66
CA ASN A 63 14.02 -5.37 2.12
C ASN A 63 12.81 -6.28 1.83
N ILE A 64 12.06 -5.95 0.75
CA ILE A 64 10.93 -6.75 0.25
C ILE A 64 11.42 -7.56 -0.96
N GLN A 65 11.37 -8.87 -0.86
CA GLN A 65 11.72 -9.76 -1.98
C GLN A 65 10.43 -10.32 -2.62
N LYS A 66 10.61 -11.20 -3.61
CA LYS A 66 9.51 -11.95 -4.21
C LYS A 66 8.77 -12.77 -3.13
N GLU A 67 7.43 -12.83 -3.26
CA GLU A 67 6.51 -13.58 -2.38
C GLU A 67 6.34 -12.92 -0.99
N SER A 68 7.02 -11.77 -0.74
CA SER A 68 6.91 -11.05 0.55
C SER A 68 5.55 -10.35 0.65
N THR A 69 4.95 -10.44 1.84
CA THR A 69 3.67 -9.80 2.15
C THR A 69 3.91 -8.44 2.83
N LEU A 70 3.14 -7.45 2.41
CA LEU A 70 3.17 -6.09 2.94
C LEU A 70 1.72 -5.57 3.05
N HIS A 71 1.54 -4.39 3.62
CA HIS A 71 0.20 -3.77 3.80
C HIS A 71 -0.08 -2.69 2.75
N LEU A 72 -1.40 -2.43 2.58
CA LEU A 72 -1.94 -1.46 1.64
C LEU A 72 -3.08 -0.73 2.36
N VAL A 73 -3.01 0.60 2.38
CA VAL A 73 -4.02 1.45 3.02
C VAL A 73 -4.96 2.02 1.96
N LEU A 74 -6.24 1.71 2.12
CA LEU A 74 -7.32 2.25 1.29
C LEU A 74 -7.85 3.56 1.92
N ARG A 75 -8.16 4.55 1.07
CA ARG A 75 -8.63 5.90 1.49
C ARG A 75 -10.03 6.22 0.94
N LEU A 76 -10.37 5.61 -0.23
CA LEU A 76 -11.69 5.72 -0.93
C LEU A 76 -12.23 7.16 -1.00
N ARG A 77 -11.35 8.11 -1.37
CA ARG A 77 -11.72 9.52 -1.60
C ARG A 77 -12.69 9.67 -2.81
N GLY A 78 -12.65 8.68 -3.72
CA GLY A 78 -13.58 8.61 -4.86
C GLY A 78 -14.72 7.62 -4.65
N GLY A 79 -14.59 6.78 -3.59
CA GLY A 79 -15.58 5.72 -3.28
C GLY A 79 -15.34 4.45 -4.09
N GLY B 1 -19.46 -0.83 -2.09
CA GLY B 1 -20.27 -0.22 -1.05
C GLY B 1 -19.45 0.65 -0.10
N SER B 2 -18.26 1.09 -0.57
CA SER B 2 -17.41 2.03 0.16
C SER B 2 -17.98 3.46 0.07
N ARG B 3 -19.01 3.70 0.90
CA ARG B 3 -19.74 4.98 1.00
C ARG B 3 -19.95 5.35 2.47
N GLN B 4 -19.35 4.56 3.38
CA GLN B 4 -19.56 4.67 4.83
C GLN B 4 -18.21 4.64 5.58
N VAL B 5 -18.27 4.83 6.92
CA VAL B 5 -17.11 4.74 7.81
C VAL B 5 -16.61 3.28 7.91
N THR B 6 -15.62 2.94 7.07
CA THR B 6 -14.97 1.63 7.08
C THR B 6 -13.94 1.57 8.21
N LYS B 7 -14.12 0.62 9.16
CA LYS B 7 -13.15 0.36 10.24
C LYS B 7 -12.04 -0.55 9.70
N VAL B 8 -10.81 -0.07 9.81
CA VAL B 8 -9.60 -0.69 9.25
C VAL B 8 -8.49 -0.59 10.30
N ASP B 9 -7.34 -1.23 10.05
CA ASP B 9 -6.22 -1.27 11.03
C ASP B 9 -5.06 -0.39 10.56
N CYS B 10 -4.35 0.24 11.51
CA CYS B 10 -3.14 1.06 11.26
C CYS B 10 -1.92 0.12 11.15
N PRO B 11 -1.37 -0.14 9.91
CA PRO B 11 -0.30 -1.17 9.67
C PRO B 11 1.05 -0.91 10.38
N VAL B 12 1.13 0.20 11.12
CA VAL B 12 2.36 0.61 11.83
C VAL B 12 2.30 0.26 13.33
N CYS B 13 1.19 0.67 13.99
CA CYS B 13 1.02 0.50 15.46
C CYS B 13 -0.13 -0.49 15.80
N GLY B 14 -0.77 -1.04 14.75
CA GLY B 14 -1.82 -2.07 14.87
C GLY B 14 -3.02 -1.68 15.73
N VAL B 15 -3.65 -0.54 15.40
CA VAL B 15 -4.87 -0.07 16.09
C VAL B 15 -6.04 0.01 15.08
N ASN B 16 -7.18 -0.64 15.41
CA ASN B 16 -8.38 -0.62 14.55
C ASN B 16 -9.14 0.70 14.76
N ILE B 17 -9.11 1.52 13.71
CA ILE B 17 -9.64 2.91 13.69
C ILE B 17 -10.38 3.16 12.34
N PRO B 18 -11.28 4.21 12.25
CA PRO B 18 -11.95 4.58 10.98
C PRO B 18 -10.96 4.98 9.85
N GLU B 19 -11.46 4.91 8.60
CA GLU B 19 -10.67 5.09 7.37
C GLU B 19 -10.05 6.51 7.25
N SER B 20 -10.76 7.53 7.77
CA SER B 20 -10.26 8.92 7.81
C SER B 20 -9.06 9.03 8.78
N HIS B 21 -9.22 8.42 9.97
CA HIS B 21 -8.21 8.49 11.05
C HIS B 21 -7.09 7.46 10.85
N ILE B 22 -7.28 6.50 9.92
CA ILE B 22 -6.24 5.54 9.56
C ILE B 22 -5.19 6.29 8.71
N ASN B 23 -5.70 7.10 7.75
CA ASN B 23 -4.87 7.96 6.89
C ASN B 23 -3.98 8.85 7.77
N LYS B 24 -4.63 9.59 8.69
CA LYS B 24 -3.96 10.53 9.60
C LYS B 24 -2.94 9.83 10.52
N HIS B 25 -3.32 8.63 11.00
CA HIS B 25 -2.45 7.83 11.89
C HIS B 25 -1.15 7.48 11.19
N LEU B 26 -1.21 7.21 9.87
CA LEU B 26 0.00 6.91 9.09
C LEU B 26 0.92 8.11 9.06
N ASP B 27 0.37 9.29 8.72
CA ASP B 27 1.17 10.54 8.60
C ASP B 27 1.98 10.84 9.89
N SER B 28 1.46 10.36 11.02
CA SER B 28 2.15 10.46 12.34
C SER B 28 3.08 9.23 12.57
N CYS B 29 2.58 8.04 12.17
CA CYS B 29 3.21 6.74 12.46
C CYS B 29 4.37 6.38 11.49
N LEU B 30 4.45 7.03 10.31
CA LEU B 30 5.49 6.71 9.27
C LEU B 30 6.69 7.67 9.43
N SER B 31 6.73 8.37 10.58
CA SER B 31 7.81 9.31 10.94
C SER B 31 9.12 8.57 11.38
N ARG B 32 9.26 7.29 10.99
CA ARG B 32 10.51 6.53 11.14
C ARG B 32 10.60 5.49 10.00
N GLU B 33 11.84 5.14 9.61
CA GLU B 33 12.13 4.14 8.58
C GLU B 33 13.23 3.18 9.09
ZN ZN C . -0.92 4.34 14.13
N GLY A 1 10.71 -8.51 -19.79
CA GLY A 1 11.53 -9.72 -19.96
C GLY A 1 11.21 -10.79 -18.92
N SER A 2 11.73 -10.59 -17.69
CA SER A 2 11.56 -11.54 -16.57
C SER A 2 11.08 -10.79 -15.32
N HIS A 3 9.76 -10.51 -15.27
CA HIS A 3 9.11 -9.90 -14.10
C HIS A 3 8.73 -11.00 -13.08
N MET A 4 8.68 -10.62 -11.80
CA MET A 4 8.34 -11.54 -10.69
C MET A 4 6.95 -11.21 -10.13
N GLN A 5 6.50 -11.98 -9.13
CA GLN A 5 5.19 -11.78 -8.48
C GLN A 5 5.38 -11.49 -6.98
N ILE A 6 4.68 -10.44 -6.51
CA ILE A 6 4.67 -10.00 -5.10
C ILE A 6 3.22 -9.86 -4.63
N PHE A 7 3.01 -9.95 -3.30
CA PHE A 7 1.67 -9.99 -2.69
C PHE A 7 1.45 -8.74 -1.84
N VAL A 8 0.54 -7.88 -2.29
CA VAL A 8 0.13 -6.66 -1.57
C VAL A 8 -1.24 -6.92 -0.94
N LYS A 9 -1.33 -6.80 0.39
CA LYS A 9 -2.53 -7.16 1.16
C LYS A 9 -3.18 -5.89 1.72
N THR A 10 -4.48 -5.67 1.44
CA THR A 10 -5.21 -4.48 1.92
C THR A 10 -5.63 -4.61 3.39
N LEU A 11 -6.08 -3.47 3.96
CA LEU A 11 -6.70 -3.42 5.29
C LEU A 11 -8.06 -4.16 5.29
N THR A 12 -8.71 -4.20 4.11
CA THR A 12 -9.99 -4.90 3.89
C THR A 12 -9.76 -6.42 3.73
N GLY A 13 -8.48 -6.82 3.61
CA GLY A 13 -8.08 -8.22 3.69
C GLY A 13 -8.11 -8.96 2.36
N LYS A 14 -8.02 -8.21 1.25
CA LYS A 14 -7.91 -8.79 -0.10
C LYS A 14 -6.42 -8.87 -0.50
N THR A 15 -6.07 -9.84 -1.38
CA THR A 15 -4.71 -9.97 -1.93
C THR A 15 -4.65 -9.40 -3.36
N ILE A 16 -3.55 -8.69 -3.64
CA ILE A 16 -3.26 -8.12 -4.97
C ILE A 16 -1.89 -8.64 -5.42
N THR A 17 -1.87 -9.58 -6.38
CA THR A 17 -0.62 -10.10 -6.97
C THR A 17 -0.20 -9.20 -8.13
N LEU A 18 1.02 -8.65 -8.07
CA LEU A 18 1.60 -7.82 -9.15
C LEU A 18 2.65 -8.63 -9.89
N GLU A 19 2.89 -8.24 -11.13
CA GLU A 19 3.82 -8.92 -12.03
C GLU A 19 4.91 -7.92 -12.46
N VAL A 20 5.78 -7.57 -11.50
CA VAL A 20 6.85 -6.57 -11.70
C VAL A 20 8.14 -7.10 -11.04
N GLU A 21 9.23 -6.37 -11.21
CA GLU A 21 10.55 -6.75 -10.67
C GLU A 21 10.71 -6.13 -9.26
N PRO A 22 11.46 -6.78 -8.34
CA PRO A 22 11.93 -6.11 -7.11
C PRO A 22 12.79 -4.85 -7.44
N SER A 23 13.54 -4.88 -8.55
CA SER A 23 14.41 -3.76 -8.98
C SER A 23 13.69 -2.86 -10.02
N ASP A 24 12.35 -2.99 -10.10
CA ASP A 24 11.49 -2.17 -10.98
C ASP A 24 11.38 -0.72 -10.43
N THR A 25 10.29 -0.41 -9.69
CA THR A 25 10.05 0.91 -9.05
C THR A 25 8.65 0.92 -8.42
N ILE A 26 8.54 1.53 -7.22
CA ILE A 26 7.30 1.56 -6.44
C ILE A 26 6.16 2.29 -7.19
N GLU A 27 6.53 3.36 -7.92
CA GLU A 27 5.57 4.14 -8.74
C GLU A 27 4.81 3.23 -9.72
N ASN A 28 5.56 2.29 -10.30
CA ASN A 28 5.04 1.33 -11.27
C ASN A 28 4.17 0.29 -10.57
N VAL A 29 4.68 -0.20 -9.41
CA VAL A 29 4.01 -1.24 -8.59
C VAL A 29 2.57 -0.80 -8.23
N LYS A 30 2.44 0.44 -7.73
CA LYS A 30 1.13 0.99 -7.29
C LYS A 30 0.19 1.22 -8.47
N ALA A 31 0.76 1.59 -9.63
CA ALA A 31 0.03 1.66 -10.91
C ALA A 31 -0.59 0.28 -11.26
N LYS A 32 0.13 -0.80 -10.89
CA LYS A 32 -0.34 -2.18 -11.08
C LYS A 32 -1.41 -2.60 -10.06
N ILE A 33 -1.39 -2.06 -8.81
CA ILE A 33 -2.54 -2.28 -7.87
C ILE A 33 -3.83 -1.69 -8.49
N GLN A 34 -3.70 -0.52 -9.14
CA GLN A 34 -4.79 0.11 -9.90
C GLN A 34 -5.22 -0.77 -11.09
N ASP A 35 -4.26 -1.47 -11.69
CA ASP A 35 -4.52 -2.43 -12.79
C ASP A 35 -5.27 -3.69 -12.30
N LYS A 36 -4.94 -4.13 -11.07
CA LYS A 36 -5.40 -5.44 -10.54
C LYS A 36 -6.76 -5.30 -9.83
N GLU A 37 -6.82 -4.56 -8.70
CA GLU A 37 -8.08 -4.41 -7.93
C GLU A 37 -8.94 -3.28 -8.51
N GLY A 38 -8.31 -2.32 -9.21
CA GLY A 38 -9.04 -1.26 -9.93
C GLY A 38 -9.15 0.04 -9.14
N ILE A 39 -8.29 0.20 -8.12
CA ILE A 39 -8.32 1.37 -7.22
C ILE A 39 -7.09 2.28 -7.52
N PRO A 40 -7.29 3.62 -7.78
CA PRO A 40 -6.20 4.54 -8.21
C PRO A 40 -5.13 4.77 -7.11
N PRO A 41 -3.84 5.12 -7.48
CA PRO A 41 -2.71 5.31 -6.51
C PRO A 41 -2.96 6.43 -5.47
N ASP A 42 -3.98 7.26 -5.73
CA ASP A 42 -4.42 8.33 -4.82
C ASP A 42 -5.27 7.74 -3.66
N GLN A 43 -6.00 6.66 -3.98
CA GLN A 43 -6.94 5.97 -3.06
C GLN A 43 -6.30 4.74 -2.37
N GLN A 44 -5.20 4.24 -2.92
CA GLN A 44 -4.45 3.11 -2.32
C GLN A 44 -3.00 3.53 -1.97
N ARG A 45 -2.57 3.17 -0.75
CA ARG A 45 -1.32 3.66 -0.13
C ARG A 45 -0.40 2.46 0.19
N LEU A 46 0.85 2.53 -0.27
CA LEU A 46 1.82 1.41 -0.20
C LEU A 46 2.64 1.52 1.08
N ILE A 47 2.68 0.43 1.87
CA ILE A 47 3.41 0.37 3.14
C ILE A 47 4.06 -1.01 3.32
N PHE A 48 5.35 -1.03 3.69
CA PHE A 48 6.09 -2.24 4.07
C PHE A 48 6.93 -1.88 5.28
N ALA A 49 6.88 -2.70 6.34
CA ALA A 49 7.63 -2.49 7.61
C ALA A 49 7.14 -1.24 8.38
N GLY A 50 5.91 -0.80 8.06
CA GLY A 50 5.27 0.34 8.74
C GLY A 50 5.62 1.70 8.13
N LYS A 51 6.35 1.71 7.00
CA LYS A 51 6.77 2.96 6.32
C LYS A 51 6.17 3.03 4.91
N GLN A 52 5.83 4.26 4.47
CA GLN A 52 5.15 4.49 3.18
C GLN A 52 6.19 4.39 2.04
N LEU A 53 5.93 3.49 1.08
CA LEU A 53 6.84 3.20 -0.02
C LEU A 53 6.87 4.37 -1.05
N GLU A 54 8.06 4.94 -1.22
CA GLU A 54 8.28 6.13 -2.05
C GLU A 54 8.40 5.72 -3.53
N ASP A 55 7.79 6.53 -4.40
CA ASP A 55 7.66 6.25 -5.85
C ASP A 55 9.02 6.14 -6.55
N GLY A 56 9.94 7.05 -6.19
CA GLY A 56 11.29 7.12 -6.79
C GLY A 56 12.23 6.01 -6.35
N ARG A 57 11.80 5.22 -5.35
CA ARG A 57 12.52 4.03 -4.87
C ARG A 57 12.00 2.74 -5.53
N THR A 58 12.63 1.61 -5.20
CA THR A 58 12.27 0.27 -5.72
C THR A 58 11.78 -0.61 -4.56
N LEU A 59 11.23 -1.79 -4.91
CA LEU A 59 10.80 -2.79 -3.92
C LEU A 59 12.03 -3.22 -3.09
N SER A 60 13.09 -3.61 -3.81
CA SER A 60 14.38 -4.05 -3.25
C SER A 60 15.00 -3.02 -2.29
N ASP A 61 14.70 -1.73 -2.55
CA ASP A 61 15.21 -0.61 -1.74
C ASP A 61 14.63 -0.69 -0.31
N TYR A 62 13.32 -0.98 -0.25
CA TYR A 62 12.59 -1.13 1.01
C TYR A 62 12.66 -2.58 1.55
N ASN A 63 13.67 -3.35 1.10
CA ASN A 63 13.94 -4.75 1.56
C ASN A 63 12.87 -5.74 1.04
N ILE A 64 12.06 -5.32 0.07
CA ILE A 64 10.98 -6.14 -0.53
C ILE A 64 11.57 -6.96 -1.69
N GLN A 65 11.52 -8.28 -1.58
CA GLN A 65 11.92 -9.20 -2.66
C GLN A 65 10.65 -9.75 -3.33
N LYS A 66 10.84 -10.69 -4.27
CA LYS A 66 9.72 -11.42 -4.89
C LYS A 66 8.90 -12.17 -3.81
N GLU A 67 7.57 -12.15 -3.99
CA GLU A 67 6.60 -12.88 -3.14
C GLU A 67 6.47 -12.29 -1.72
N SER A 68 7.11 -11.12 -1.46
CA SER A 68 7.00 -10.45 -0.16
C SER A 68 5.58 -9.88 0.05
N THR A 69 5.04 -10.09 1.25
CA THR A 69 3.73 -9.57 1.64
C THR A 69 3.91 -8.21 2.36
N LEU A 70 3.20 -7.20 1.86
CA LEU A 70 3.20 -5.84 2.42
C LEU A 70 1.75 -5.39 2.65
N HIS A 71 1.59 -4.29 3.39
CA HIS A 71 0.25 -3.74 3.70
C HIS A 71 -0.15 -2.65 2.69
N LEU A 72 -1.47 -2.52 2.49
CA LEU A 72 -2.07 -1.58 1.54
C LEU A 72 -3.23 -0.90 2.26
N VAL A 73 -3.22 0.44 2.25
CA VAL A 73 -4.26 1.27 2.87
C VAL A 73 -5.21 1.80 1.80
N LEU A 74 -6.44 1.26 1.79
CA LEU A 74 -7.52 1.74 0.93
C LEU A 74 -8.18 2.98 1.56
N ARG A 75 -8.61 3.91 0.68
CA ARG A 75 -9.24 5.17 1.07
C ARG A 75 -10.64 5.24 0.44
N LEU A 76 -10.70 4.94 -0.88
CA LEU A 76 -11.95 4.89 -1.68
C LEU A 76 -12.79 6.17 -1.54
N ARG A 77 -12.09 7.31 -1.63
CA ARG A 77 -12.71 8.65 -1.61
C ARG A 77 -13.50 8.91 -2.91
N GLY A 78 -13.21 8.10 -3.95
CA GLY A 78 -13.98 8.10 -5.21
C GLY A 78 -15.18 7.15 -5.18
N GLY A 79 -15.44 6.54 -4.02
CA GLY A 79 -16.57 5.62 -3.83
C GLY A 79 -16.22 4.18 -4.21
N GLY B 1 -17.50 -2.86 -3.27
CA GLY B 1 -17.32 -1.45 -2.87
C GLY B 1 -17.74 -1.22 -1.43
N SER B 2 -17.40 -0.03 -0.90
CA SER B 2 -17.76 0.37 0.48
C SER B 2 -17.87 1.91 0.54
N ARG B 3 -19.12 2.41 0.55
CA ARG B 3 -19.42 3.84 0.74
C ARG B 3 -19.33 4.22 2.23
N GLN B 4 -19.61 3.22 3.10
CA GLN B 4 -19.66 3.40 4.57
C GLN B 4 -18.26 3.71 5.13
N VAL B 5 -18.25 4.34 6.33
CA VAL B 5 -17.03 4.56 7.10
C VAL B 5 -16.40 3.19 7.44
N THR B 6 -15.35 2.85 6.69
CA THR B 6 -14.72 1.52 6.73
C THR B 6 -13.76 1.45 7.93
N LYS B 7 -14.10 0.60 8.92
CA LYS B 7 -13.23 0.34 10.09
C LYS B 7 -12.11 -0.61 9.63
N VAL B 8 -10.88 -0.19 9.84
CA VAL B 8 -9.66 -0.82 9.31
C VAL B 8 -8.56 -0.79 10.38
N ASP B 9 -7.34 -1.26 10.04
CA ASP B 9 -6.19 -1.26 10.97
C ASP B 9 -5.10 -0.30 10.47
N CYS B 10 -4.42 0.37 11.43
CA CYS B 10 -3.24 1.22 11.16
C CYS B 10 -2.01 0.32 11.17
N PRO B 11 -1.49 -0.13 9.97
CA PRO B 11 -0.52 -1.26 9.87
C PRO B 11 0.75 -1.08 10.73
N VAL B 12 1.10 0.18 11.03
CA VAL B 12 2.35 0.52 11.71
C VAL B 12 2.27 0.17 13.21
N CYS B 13 1.35 0.84 13.92
CA CYS B 13 1.15 0.64 15.39
C CYS B 13 0.09 -0.46 15.67
N GLY B 14 -0.62 -0.87 14.61
CA GLY B 14 -1.61 -1.95 14.67
C GLY B 14 -2.78 -1.67 15.59
N VAL B 15 -3.51 -0.56 15.32
CA VAL B 15 -4.72 -0.17 16.07
C VAL B 15 -5.94 -0.14 15.12
N ASN B 16 -7.08 -0.70 15.56
CA ASN B 16 -8.30 -0.77 14.73
C ASN B 16 -9.08 0.55 14.82
N ILE B 17 -8.99 1.34 13.75
CA ILE B 17 -9.56 2.70 13.64
C ILE B 17 -10.23 2.89 12.25
N PRO B 18 -11.28 3.78 12.13
CA PRO B 18 -11.91 4.11 10.82
C PRO B 18 -10.92 4.75 9.80
N GLU B 19 -11.33 4.74 8.51
CA GLU B 19 -10.46 5.05 7.36
C GLU B 19 -9.88 6.50 7.36
N SER B 20 -10.66 7.52 7.74
CA SER B 20 -10.12 8.90 7.81
C SER B 20 -9.04 9.01 8.92
N HIS B 21 -9.30 8.31 10.05
CA HIS B 21 -8.35 8.20 11.17
C HIS B 21 -7.13 7.35 10.80
N ILE B 22 -7.29 6.39 9.85
CA ILE B 22 -6.19 5.47 9.48
C ILE B 22 -5.10 6.26 8.74
N ASN B 23 -5.51 7.08 7.73
CA ASN B 23 -4.57 7.84 6.90
C ASN B 23 -3.86 8.93 7.71
N LYS B 24 -4.60 9.57 8.65
CA LYS B 24 -4.02 10.60 9.54
C LYS B 24 -3.00 9.96 10.52
N HIS B 25 -3.38 8.78 11.07
CA HIS B 25 -2.52 8.01 11.99
C HIS B 25 -1.22 7.64 11.29
N LEU B 26 -1.32 7.33 9.98
CA LEU B 26 -0.16 6.99 9.16
C LEU B 26 0.79 8.17 9.06
N ASP B 27 0.26 9.37 8.81
CA ASP B 27 1.08 10.59 8.64
C ASP B 27 1.98 10.85 9.87
N SER B 28 1.52 10.39 11.05
CA SER B 28 2.32 10.41 12.29
C SER B 28 3.17 9.13 12.45
N CYS B 29 2.58 7.97 12.12
CA CYS B 29 3.14 6.63 12.44
C CYS B 29 4.26 6.19 11.47
N LEU B 30 4.23 6.69 10.22
CA LEU B 30 5.21 6.34 9.18
C LEU B 30 6.47 7.22 9.37
N SER B 31 6.31 8.31 10.14
CA SER B 31 7.41 9.23 10.50
C SER B 31 8.29 8.56 11.59
N ARG B 32 9.09 7.58 11.13
CA ARG B 32 10.02 6.80 11.96
C ARG B 32 11.41 7.43 11.90
N GLU B 33 11.81 7.78 10.68
CA GLU B 33 13.17 8.16 10.32
C GLU B 33 13.14 9.45 9.46
ZN ZN C . -1.06 4.41 14.09
N GLY A 1 15.24 -5.60 -16.38
CA GLY A 1 14.45 -6.07 -17.56
C GLY A 1 14.03 -7.53 -17.41
N SER A 2 12.94 -7.75 -16.66
CA SER A 2 12.35 -9.10 -16.43
C SER A 2 10.90 -8.96 -15.92
N HIS A 3 10.72 -8.13 -14.87
CA HIS A 3 9.42 -7.90 -14.18
C HIS A 3 8.95 -9.15 -13.41
N MET A 4 8.86 -9.03 -12.08
CA MET A 4 8.43 -10.09 -11.16
C MET A 4 6.99 -9.80 -10.65
N GLN A 5 6.51 -10.55 -9.66
CA GLN A 5 5.22 -10.27 -8.99
C GLN A 5 5.40 -10.01 -7.49
N ILE A 6 4.48 -9.19 -6.93
CA ILE A 6 4.43 -8.82 -5.48
C ILE A 6 2.96 -8.77 -5.03
N PHE A 7 2.76 -8.88 -3.70
CA PHE A 7 1.43 -8.92 -3.06
C PHE A 7 1.16 -7.60 -2.33
N VAL A 8 0.24 -6.79 -2.86
CA VAL A 8 -0.26 -5.58 -2.20
C VAL A 8 -1.62 -5.92 -1.58
N LYS A 9 -1.66 -5.94 -0.25
CA LYS A 9 -2.82 -6.42 0.51
C LYS A 9 -3.48 -5.24 1.24
N THR A 10 -4.75 -4.93 0.90
CA THR A 10 -5.50 -3.85 1.53
C THR A 10 -5.85 -4.17 3.00
N LEU A 11 -6.17 -3.12 3.75
CA LEU A 11 -6.63 -3.23 5.15
C LEU A 11 -8.00 -3.93 5.25
N THR A 12 -8.73 -4.01 4.13
CA THR A 12 -10.02 -4.70 4.06
C THR A 12 -9.82 -6.22 3.84
N GLY A 13 -8.67 -6.59 3.20
CA GLY A 13 -8.30 -7.99 3.01
C GLY A 13 -8.24 -8.43 1.55
N LYS A 14 -8.33 -7.45 0.62
CA LYS A 14 -8.19 -7.71 -0.83
C LYS A 14 -6.70 -7.87 -1.17
N THR A 15 -6.40 -8.72 -2.18
CA THR A 15 -5.04 -8.89 -2.71
C THR A 15 -4.97 -8.26 -4.11
N ILE A 16 -3.85 -7.58 -4.38
CA ILE A 16 -3.56 -6.98 -5.69
C ILE A 16 -2.14 -7.44 -6.10
N THR A 17 -2.06 -8.37 -7.07
CA THR A 17 -0.78 -8.86 -7.59
C THR A 17 -0.32 -7.95 -8.75
N LEU A 18 0.87 -7.34 -8.61
CA LEU A 18 1.46 -6.44 -9.63
C LEU A 18 2.59 -7.17 -10.33
N GLU A 19 2.89 -6.76 -11.57
CA GLU A 19 3.91 -7.39 -12.41
C GLU A 19 5.03 -6.37 -12.72
N VAL A 20 5.88 -6.13 -11.70
CA VAL A 20 7.02 -5.18 -11.77
C VAL A 20 8.26 -5.79 -11.10
N GLU A 21 9.40 -5.15 -11.32
CA GLU A 21 10.69 -5.60 -10.76
C GLU A 21 10.86 -5.00 -9.35
N PRO A 22 11.68 -5.64 -8.45
CA PRO A 22 12.15 -4.98 -7.22
C PRO A 22 12.93 -3.67 -7.54
N SER A 23 13.67 -3.69 -8.66
CA SER A 23 14.52 -2.59 -9.11
C SER A 23 13.79 -1.73 -10.19
N ASP A 24 12.44 -1.85 -10.24
CA ASP A 24 11.60 -1.11 -11.22
C ASP A 24 11.45 0.37 -10.76
N THR A 25 10.33 0.68 -10.03
CA THR A 25 10.09 1.99 -9.38
C THR A 25 8.69 1.99 -8.74
N ILE A 26 8.58 2.60 -7.54
CA ILE A 26 7.33 2.66 -6.74
C ILE A 26 6.22 3.41 -7.49
N GLU A 27 6.61 4.47 -8.23
CA GLU A 27 5.70 5.28 -9.07
C GLU A 27 4.86 4.38 -9.99
N ASN A 28 5.55 3.42 -10.57
CA ASN A 28 4.96 2.45 -11.49
C ASN A 28 4.09 1.47 -10.71
N VAL A 29 4.61 0.99 -9.55
CA VAL A 29 3.93 -0.02 -8.70
C VAL A 29 2.51 0.44 -8.32
N LYS A 30 2.38 1.68 -7.81
CA LYS A 30 1.08 2.24 -7.38
C LYS A 30 0.16 2.50 -8.60
N ALA A 31 0.76 2.91 -9.73
CA ALA A 31 0.05 2.98 -11.02
C ALA A 31 -0.47 1.58 -11.45
N LYS A 32 0.22 0.51 -11.02
CA LYS A 32 -0.20 -0.88 -11.32
C LYS A 32 -1.43 -1.28 -10.49
N ILE A 33 -1.52 -0.85 -9.20
CA ILE A 33 -2.75 -1.08 -8.38
C ILE A 33 -3.95 -0.39 -9.07
N GLN A 34 -3.70 0.83 -9.59
CA GLN A 34 -4.67 1.61 -10.37
C GLN A 34 -5.04 0.90 -11.70
N ASP A 35 -4.11 0.06 -12.20
CA ASP A 35 -4.33 -0.76 -13.41
C ASP A 35 -5.12 -2.04 -13.08
N LYS A 36 -4.92 -2.59 -11.85
CA LYS A 36 -5.49 -3.91 -11.46
C LYS A 36 -6.90 -3.74 -10.87
N GLU A 37 -7.02 -3.14 -9.66
CA GLU A 37 -8.32 -2.95 -8.99
C GLU A 37 -9.04 -1.70 -9.54
N GLY A 38 -8.26 -0.73 -10.06
CA GLY A 38 -8.80 0.42 -10.78
C GLY A 38 -9.00 1.62 -9.89
N ILE A 39 -8.25 1.70 -8.77
CA ILE A 39 -8.35 2.80 -7.79
C ILE A 39 -7.09 3.70 -7.87
N PRO A 40 -7.25 5.07 -7.95
CA PRO A 40 -6.13 6.02 -8.17
C PRO A 40 -5.11 6.04 -7.00
N PRO A 41 -3.77 6.33 -7.28
CA PRO A 41 -2.69 6.33 -6.25
C PRO A 41 -2.91 7.34 -5.12
N ASP A 42 -3.87 8.26 -5.32
CA ASP A 42 -4.31 9.23 -4.31
C ASP A 42 -5.14 8.51 -3.22
N GLN A 43 -6.06 7.62 -3.66
CA GLN A 43 -7.01 6.90 -2.78
C GLN A 43 -6.37 5.63 -2.19
N GLN A 44 -5.42 5.04 -2.90
CA GLN A 44 -4.70 3.83 -2.45
C GLN A 44 -3.24 4.20 -2.08
N ARG A 45 -2.85 3.90 -0.83
CA ARG A 45 -1.60 4.36 -0.22
C ARG A 45 -0.64 3.19 0.00
N LEU A 46 0.59 3.33 -0.49
CA LEU A 46 1.60 2.24 -0.49
C LEU A 46 2.47 2.33 0.76
N ILE A 47 2.44 1.25 1.58
CA ILE A 47 3.21 1.13 2.83
C ILE A 47 3.73 -0.31 3.00
N PHE A 48 5.00 -0.42 3.40
CA PHE A 48 5.67 -1.71 3.70
C PHE A 48 6.37 -1.58 5.05
N ALA A 49 6.05 -2.46 6.00
CA ALA A 49 6.71 -2.51 7.33
C ALA A 49 6.55 -1.19 8.13
N GLY A 50 5.55 -0.37 7.75
CA GLY A 50 5.28 0.91 8.41
C GLY A 50 5.79 2.13 7.65
N LYS A 51 6.74 1.94 6.70
CA LYS A 51 7.33 3.03 5.90
C LYS A 51 6.45 3.30 4.66
N GLN A 52 6.23 4.60 4.33
CA GLN A 52 5.47 4.99 3.12
C GLN A 52 6.38 4.94 1.89
N LEU A 53 5.87 4.37 0.80
CA LEU A 53 6.63 4.18 -0.43
C LEU A 53 6.55 5.43 -1.35
N GLU A 54 7.73 6.07 -1.58
CA GLU A 54 7.86 7.28 -2.41
C GLU A 54 8.02 6.89 -3.89
N ASP A 55 7.34 7.64 -4.76
CA ASP A 55 7.30 7.40 -6.22
C ASP A 55 8.70 7.25 -6.84
N GLY A 56 9.61 8.18 -6.50
CA GLY A 56 10.94 8.24 -7.11
C GLY A 56 11.80 7.00 -6.84
N ARG A 57 11.58 6.37 -5.68
CA ARG A 57 12.38 5.22 -5.21
C ARG A 57 11.94 3.90 -5.88
N THR A 58 12.66 2.82 -5.55
CA THR A 58 12.34 1.45 -6.02
C THR A 58 11.87 0.59 -4.84
N LEU A 59 11.32 -0.60 -5.16
CA LEU A 59 10.89 -1.58 -4.14
C LEU A 59 12.12 -1.96 -3.28
N SER A 60 13.21 -2.33 -3.98
CA SER A 60 14.50 -2.74 -3.38
C SER A 60 15.07 -1.67 -2.43
N ASP A 61 14.77 -0.39 -2.71
CA ASP A 61 15.27 0.74 -1.90
C ASP A 61 14.65 0.68 -0.49
N TYR A 62 13.34 0.36 -0.46
CA TYR A 62 12.56 0.25 0.79
C TYR A 62 12.67 -1.16 1.42
N ASN A 63 13.63 -1.98 0.95
CA ASN A 63 13.91 -3.35 1.44
C ASN A 63 12.77 -4.32 1.05
N ILE A 64 12.10 -4.01 -0.07
CA ILE A 64 11.04 -4.85 -0.66
C ILE A 64 11.66 -5.65 -1.82
N GLN A 65 11.20 -6.88 -2.01
CA GLN A 65 11.60 -7.72 -3.14
C GLN A 65 10.35 -8.39 -3.72
N LYS A 66 10.56 -9.30 -4.69
CA LYS A 66 9.44 -10.06 -5.27
C LYS A 66 8.77 -10.94 -4.19
N GLU A 67 7.45 -11.11 -4.34
CA GLU A 67 6.60 -11.93 -3.47
C GLU A 67 6.44 -11.32 -2.06
N SER A 68 6.99 -10.08 -1.83
CA SER A 68 6.82 -9.38 -0.56
C SER A 68 5.38 -8.87 -0.43
N THR A 69 4.82 -8.99 0.78
CA THR A 69 3.47 -8.53 1.08
C THR A 69 3.53 -7.17 1.80
N LEU A 70 2.96 -6.16 1.16
CA LEU A 70 2.98 -4.77 1.65
C LEU A 70 1.53 -4.27 1.80
N HIS A 71 1.30 -3.49 2.86
CA HIS A 71 -0.04 -3.01 3.24
C HIS A 71 -0.49 -1.83 2.36
N LEU A 72 -1.70 -1.96 1.83
CA LEU A 72 -2.38 -0.93 1.06
C LEU A 72 -3.44 -0.30 1.97
N VAL A 73 -3.43 1.03 2.04
CA VAL A 73 -4.39 1.80 2.83
C VAL A 73 -5.32 2.59 1.90
N LEU A 74 -6.62 2.31 2.02
CA LEU A 74 -7.66 2.96 1.23
C LEU A 74 -8.05 4.32 1.81
N ARG A 75 -8.61 5.19 0.94
CA ARG A 75 -9.15 6.52 1.34
C ARG A 75 -10.59 6.68 0.81
N LEU A 76 -10.77 6.35 -0.49
CA LEU A 76 -12.07 6.48 -1.22
C LEU A 76 -12.69 7.89 -1.07
N ARG A 77 -11.81 8.91 -1.04
CA ARG A 77 -12.21 10.33 -0.91
C ARG A 77 -12.83 10.85 -2.23
N GLY A 78 -12.48 10.19 -3.35
CA GLY A 78 -13.11 10.45 -4.65
C GLY A 78 -14.33 9.57 -4.90
N GLY A 79 -14.66 8.70 -3.92
CA GLY A 79 -15.72 7.69 -4.06
C GLY A 79 -15.23 6.43 -4.75
N GLY B 1 -18.69 -1.68 -4.34
CA GLY B 1 -17.59 -0.79 -4.00
C GLY B 1 -17.64 -0.36 -2.54
N SER B 2 -18.04 0.90 -2.30
CA SER B 2 -18.22 1.47 -0.94
C SER B 2 -18.95 2.82 -1.05
N ARG B 3 -19.67 3.18 0.04
CA ARG B 3 -20.41 4.45 0.14
C ARG B 3 -20.42 4.91 1.62
N GLN B 4 -19.41 4.43 2.37
CA GLN B 4 -19.28 4.69 3.82
C GLN B 4 -17.79 4.70 4.22
N VAL B 5 -17.49 5.22 5.42
CA VAL B 5 -16.14 5.14 6.02
C VAL B 5 -15.91 3.70 6.54
N THR B 6 -14.81 3.08 6.09
CA THR B 6 -14.48 1.69 6.44
C THR B 6 -13.68 1.63 7.76
N LYS B 7 -14.01 0.66 8.61
CA LYS B 7 -13.26 0.39 9.84
C LYS B 7 -12.09 -0.55 9.50
N VAL B 8 -10.88 -0.08 9.80
CA VAL B 8 -9.62 -0.70 9.35
C VAL B 8 -8.57 -0.58 10.47
N ASP B 9 -7.36 -1.11 10.22
CA ASP B 9 -6.26 -1.07 11.21
C ASP B 9 -5.06 -0.30 10.65
N CYS B 10 -4.40 0.47 11.54
CA CYS B 10 -3.18 1.22 11.22
C CYS B 10 -1.99 0.24 11.15
N PRO B 11 -1.48 -0.11 9.93
CA PRO B 11 -0.50 -1.23 9.74
C PRO B 11 0.85 -1.05 10.46
N VAL B 12 1.10 0.17 10.95
CA VAL B 12 2.37 0.52 11.62
C VAL B 12 2.30 0.15 13.12
N CYS B 13 1.35 0.77 13.87
CA CYS B 13 1.23 0.59 15.34
C CYS B 13 0.12 -0.44 15.71
N GLY B 14 -0.64 -0.91 14.71
CA GLY B 14 -1.63 -1.97 14.88
C GLY B 14 -2.86 -1.59 15.71
N VAL B 15 -3.43 -0.39 15.45
CA VAL B 15 -4.63 0.09 16.18
C VAL B 15 -5.83 0.21 15.22
N ASN B 16 -7.01 -0.30 15.63
CA ASN B 16 -8.24 -0.27 14.81
C ASN B 16 -8.93 1.11 14.95
N ILE B 17 -9.11 1.77 13.81
CA ILE B 17 -9.59 3.16 13.68
C ILE B 17 -10.36 3.31 12.34
N PRO B 18 -11.26 4.34 12.17
CA PRO B 18 -11.92 4.63 10.87
C PRO B 18 -10.91 4.98 9.76
N GLU B 19 -11.33 4.80 8.51
CA GLU B 19 -10.49 4.98 7.30
C GLU B 19 -9.96 6.43 7.17
N SER B 20 -10.75 7.39 7.65
CA SER B 20 -10.35 8.81 7.72
C SER B 20 -9.15 8.97 8.70
N HIS B 21 -9.31 8.41 9.90
CA HIS B 21 -8.30 8.51 10.99
C HIS B 21 -7.16 7.51 10.81
N ILE B 22 -7.30 6.55 9.87
CA ILE B 22 -6.22 5.59 9.58
C ILE B 22 -5.14 6.33 8.80
N ASN B 23 -5.53 7.07 7.74
CA ASN B 23 -4.58 7.84 6.93
C ASN B 23 -3.91 8.94 7.77
N LYS B 24 -4.69 9.53 8.70
CA LYS B 24 -4.16 10.49 9.69
C LYS B 24 -3.04 9.84 10.55
N HIS B 25 -3.37 8.67 11.13
CA HIS B 25 -2.48 7.93 12.04
C HIS B 25 -1.19 7.54 11.31
N LEU B 26 -1.29 7.30 10.00
CA LEU B 26 -0.14 6.95 9.16
C LEU B 26 0.86 8.08 9.10
N ASP B 27 0.39 9.29 8.78
CA ASP B 27 1.26 10.49 8.66
C ASP B 27 2.04 10.76 9.95
N SER B 28 1.47 10.33 11.09
CA SER B 28 2.14 10.37 12.39
C SER B 28 3.12 9.17 12.53
N CYS B 29 2.63 7.98 12.16
CA CYS B 29 3.28 6.69 12.44
C CYS B 29 4.43 6.33 11.45
N LEU B 30 4.41 6.92 10.24
CA LEU B 30 5.41 6.66 9.18
C LEU B 30 6.59 7.63 9.37
N SER B 31 6.29 8.77 10.04
CA SER B 31 7.28 9.75 10.48
C SER B 31 8.09 9.15 11.64
N ARG B 32 8.99 8.22 11.28
CA ARG B 32 9.77 7.40 12.21
C ARG B 32 10.81 6.67 11.37
N GLU B 33 12.02 7.24 11.32
CA GLU B 33 13.15 6.71 10.55
C GLU B 33 14.47 7.22 11.21
ZN ZN C . -0.85 4.38 14.12
N GLY A 1 13.84 -8.69 -16.04
CA GLY A 1 14.18 -10.09 -15.67
C GLY A 1 12.95 -10.85 -15.19
N SER A 2 13.13 -11.72 -14.19
CA SER A 2 12.07 -12.59 -13.66
C SER A 2 11.11 -11.79 -12.76
N HIS A 3 9.88 -11.57 -13.26
CA HIS A 3 8.82 -10.86 -12.54
C HIS A 3 8.14 -11.82 -11.55
N MET A 4 8.53 -11.69 -10.27
CA MET A 4 8.03 -12.52 -9.17
C MET A 4 6.65 -12.03 -8.72
N GLN A 5 5.99 -12.81 -7.86
CA GLN A 5 4.72 -12.41 -7.25
C GLN A 5 4.96 -11.85 -5.84
N ILE A 6 4.04 -10.96 -5.40
CA ILE A 6 3.98 -10.44 -4.03
C ILE A 6 2.51 -10.24 -3.63
N PHE A 7 2.23 -10.37 -2.33
CA PHE A 7 0.86 -10.29 -1.78
C PHE A 7 0.65 -8.95 -1.08
N VAL A 8 -0.03 -8.02 -1.76
CA VAL A 8 -0.40 -6.71 -1.20
C VAL A 8 -1.86 -6.81 -0.73
N LYS A 9 -2.05 -6.94 0.58
CA LYS A 9 -3.37 -7.22 1.18
C LYS A 9 -3.99 -5.93 1.76
N THR A 10 -5.21 -5.60 1.32
CA THR A 10 -5.97 -4.45 1.83
C THR A 10 -6.34 -4.62 3.31
N LEU A 11 -6.59 -3.48 3.97
CA LEU A 11 -7.04 -3.44 5.37
C LEU A 11 -8.45 -4.03 5.55
N THR A 12 -9.20 -4.15 4.43
CA THR A 12 -10.54 -4.76 4.41
C THR A 12 -10.44 -6.31 4.41
N GLY A 13 -9.22 -6.84 4.20
CA GLY A 13 -8.93 -8.29 4.33
C GLY A 13 -8.80 -9.01 3.00
N LYS A 14 -8.80 -8.26 1.90
CA LYS A 14 -8.68 -8.82 0.53
C LYS A 14 -7.20 -8.80 0.10
N THR A 15 -6.77 -9.84 -0.63
CA THR A 15 -5.36 -9.95 -1.12
C THR A 15 -5.28 -9.60 -2.63
N ILE A 16 -4.19 -8.89 -2.99
CA ILE A 16 -3.86 -8.52 -4.38
C ILE A 16 -2.49 -9.11 -4.74
N THR A 17 -2.46 -10.09 -5.67
CA THR A 17 -1.21 -10.70 -6.15
C THR A 17 -0.71 -9.93 -7.39
N LEU A 18 0.52 -9.36 -7.29
CA LEU A 18 1.17 -8.62 -8.38
C LEU A 18 2.29 -9.46 -8.98
N GLU A 19 2.75 -9.08 -10.18
CA GLU A 19 3.80 -9.81 -10.91
C GLU A 19 4.89 -8.83 -11.38
N VAL A 20 5.82 -8.52 -10.45
CA VAL A 20 6.98 -7.63 -10.69
C VAL A 20 8.22 -8.19 -9.98
N GLU A 21 9.36 -7.58 -10.24
CA GLU A 21 10.63 -8.00 -9.64
C GLU A 21 10.80 -7.31 -8.27
N PRO A 22 11.53 -7.94 -7.29
CA PRO A 22 12.00 -7.24 -6.07
C PRO A 22 12.94 -6.06 -6.43
N SER A 23 13.60 -6.17 -7.60
CA SER A 23 14.54 -5.15 -8.10
C SER A 23 13.84 -4.17 -9.07
N ASP A 24 12.49 -4.27 -9.22
CA ASP A 24 11.71 -3.47 -10.20
C ASP A 24 11.59 -2.00 -9.72
N THR A 25 10.45 -1.64 -9.07
CA THR A 25 10.23 -0.34 -8.40
C THR A 25 8.81 -0.30 -7.82
N ILE A 26 8.64 0.38 -6.67
CA ILE A 26 7.36 0.49 -5.93
C ILE A 26 6.29 1.21 -6.76
N GLU A 27 6.72 2.21 -7.55
CA GLU A 27 5.83 2.98 -8.45
C GLU A 27 5.09 2.06 -9.42
N ASN A 28 5.82 1.03 -9.87
CA ASN A 28 5.30 0.02 -10.80
C ASN A 28 4.37 -0.94 -10.08
N VAL A 29 4.78 -1.35 -8.86
CA VAL A 29 4.01 -2.29 -8.00
C VAL A 29 2.59 -1.74 -7.76
N LYS A 30 2.50 -0.46 -7.39
CA LYS A 30 1.22 0.18 -7.06
C LYS A 30 0.36 0.38 -8.32
N ALA A 31 1.02 0.65 -9.48
CA ALA A 31 0.36 0.64 -10.79
C ALA A 31 -0.29 -0.73 -11.07
N LYS A 32 0.37 -1.81 -10.61
CA LYS A 32 -0.16 -3.18 -10.74
C LYS A 32 -1.38 -3.42 -9.84
N ILE A 33 -1.46 -2.80 -8.63
CA ILE A 33 -2.71 -2.86 -7.79
C ILE A 33 -3.89 -2.26 -8.59
N GLN A 34 -3.62 -1.14 -9.28
CA GLN A 34 -4.60 -0.46 -10.17
C GLN A 34 -4.92 -1.33 -11.42
N ASP A 35 -3.98 -2.21 -11.78
CA ASP A 35 -4.15 -3.20 -12.87
C ASP A 35 -5.01 -4.39 -12.42
N LYS A 36 -4.95 -4.73 -11.11
CA LYS A 36 -5.61 -5.94 -10.55
C LYS A 36 -7.02 -5.61 -9.99
N GLU A 37 -7.08 -4.83 -8.88
CA GLU A 37 -8.36 -4.48 -8.24
C GLU A 37 -9.01 -3.26 -8.91
N GLY A 38 -8.18 -2.40 -9.52
CA GLY A 38 -8.67 -1.28 -10.34
C GLY A 38 -8.78 0.01 -9.55
N ILE A 39 -8.01 0.12 -8.45
CA ILE A 39 -8.03 1.29 -7.56
C ILE A 39 -6.74 2.13 -7.81
N PRO A 40 -6.86 3.48 -8.05
CA PRO A 40 -5.71 4.35 -8.44
C PRO A 40 -4.68 4.53 -7.28
N PRO A 41 -3.36 4.83 -7.59
CA PRO A 41 -2.28 4.96 -6.57
C PRO A 41 -2.53 6.06 -5.53
N ASP A 42 -3.45 6.97 -5.85
CA ASP A 42 -3.85 8.08 -4.98
C ASP A 42 -4.81 7.60 -3.88
N GLN A 43 -5.52 6.49 -4.15
CA GLN A 43 -6.48 5.85 -3.22
C GLN A 43 -5.87 4.64 -2.49
N GLN A 44 -4.95 3.93 -3.15
CA GLN A 44 -4.30 2.74 -2.54
C GLN A 44 -2.86 3.09 -2.11
N ARG A 45 -2.57 2.86 -0.82
CA ARG A 45 -1.34 3.31 -0.15
C ARG A 45 -0.50 2.09 0.28
N LEU A 46 0.78 2.09 -0.08
CA LEU A 46 1.68 0.95 0.08
C LEU A 46 2.46 1.05 1.40
N ILE A 47 2.30 0.04 2.29
CA ILE A 47 3.02 -0.04 3.58
C ILE A 47 3.39 -1.52 3.88
N PHE A 48 4.70 -1.76 4.16
CA PHE A 48 5.23 -3.08 4.52
C PHE A 48 5.91 -2.98 5.90
N ALA A 49 5.47 -3.80 6.87
CA ALA A 49 6.11 -3.91 8.21
C ALA A 49 6.12 -2.54 8.97
N GLY A 50 5.21 -1.63 8.58
CA GLY A 50 5.07 -0.32 9.22
C GLY A 50 5.74 0.83 8.45
N LYS A 51 6.57 0.51 7.45
CA LYS A 51 7.27 1.53 6.62
C LYS A 51 6.42 1.83 5.36
N GLN A 52 6.23 3.12 5.03
CA GLN A 52 5.53 3.52 3.80
C GLN A 52 6.48 3.34 2.60
N LEU A 53 5.96 2.79 1.49
CA LEU A 53 6.76 2.47 0.32
C LEU A 53 6.78 3.64 -0.69
N GLU A 54 8.00 4.14 -0.94
CA GLU A 54 8.27 5.31 -1.82
C GLU A 54 8.42 4.86 -3.28
N ASP A 55 7.85 5.68 -4.19
CA ASP A 55 7.73 5.36 -5.63
C ASP A 55 9.08 5.07 -6.30
N GLY A 56 10.08 5.92 -6.00
CA GLY A 56 11.42 5.85 -6.62
C GLY A 56 12.20 4.61 -6.22
N ARG A 57 11.90 4.08 -5.02
CA ARG A 57 12.60 2.91 -4.44
C ARG A 57 12.07 1.59 -5.01
N THR A 58 12.69 0.48 -4.58
CA THR A 58 12.32 -0.89 -5.00
C THR A 58 11.75 -1.68 -3.81
N LEU A 59 11.15 -2.84 -4.11
CA LEU A 59 10.67 -3.79 -3.09
C LEU A 59 11.84 -4.20 -2.18
N SER A 60 12.94 -4.64 -2.82
CA SER A 60 14.14 -5.15 -2.15
C SER A 60 14.82 -4.08 -1.31
N ASP A 61 14.58 -2.77 -1.64
CA ASP A 61 15.13 -1.64 -0.87
C ASP A 61 14.49 -1.63 0.53
N TYR A 62 13.18 -1.87 0.56
CA TYR A 62 12.39 -1.90 1.79
C TYR A 62 12.35 -3.31 2.43
N ASN A 63 13.27 -4.19 1.98
CA ASN A 63 13.47 -5.57 2.51
C ASN A 63 12.33 -6.53 2.08
N ILE A 64 11.54 -6.10 1.10
CA ILE A 64 10.45 -6.91 0.51
C ILE A 64 11.06 -7.83 -0.57
N GLN A 65 10.61 -9.08 -0.59
CA GLN A 65 11.05 -10.07 -1.59
C GLN A 65 9.81 -10.75 -2.20
N LYS A 66 10.04 -11.76 -3.03
CA LYS A 66 8.97 -12.60 -3.58
C LYS A 66 8.12 -13.25 -2.46
N GLU A 67 6.80 -13.32 -2.71
CA GLU A 67 5.79 -13.93 -1.82
C GLU A 67 5.61 -13.17 -0.48
N SER A 68 6.26 -11.99 -0.32
CA SER A 68 6.12 -11.19 0.90
C SER A 68 4.72 -10.55 0.96
N THR A 69 4.09 -10.66 2.15
CA THR A 69 2.76 -10.09 2.40
C THR A 69 2.93 -8.74 3.11
N LEU A 70 2.40 -7.69 2.47
CA LEU A 70 2.37 -6.33 2.98
C LEU A 70 0.92 -5.83 3.03
N HIS A 71 0.74 -4.63 3.58
CA HIS A 71 -0.59 -4.03 3.80
C HIS A 71 -0.87 -2.92 2.78
N LEU A 72 -2.15 -2.75 2.46
CA LEU A 72 -2.64 -1.78 1.48
C LEU A 72 -3.75 -0.97 2.16
N VAL A 73 -3.56 0.34 2.21
CA VAL A 73 -4.51 1.26 2.84
C VAL A 73 -5.36 1.95 1.75
N LEU A 74 -6.65 1.63 1.74
CA LEU A 74 -7.63 2.29 0.88
C LEU A 74 -8.00 3.66 1.45
N ARG A 75 -8.26 4.62 0.55
CA ARG A 75 -8.55 6.03 0.92
C ARG A 75 -9.92 6.47 0.36
N LEU A 76 -10.34 5.85 -0.76
CA LEU A 76 -11.66 6.09 -1.41
C LEU A 76 -11.96 7.58 -1.66
N ARG A 77 -10.91 8.38 -1.84
CA ARG A 77 -11.04 9.84 -2.13
C ARG A 77 -11.53 10.05 -3.59
N GLY A 78 -11.45 8.97 -4.39
CA GLY A 78 -12.01 8.89 -5.73
C GLY A 78 -12.48 7.48 -6.05
N GLY A 79 -12.82 6.73 -4.97
CA GLY A 79 -13.28 5.34 -5.07
C GLY A 79 -12.23 4.40 -5.67
N GLY B 1 -13.74 -1.64 -3.26
CA GLY B 1 -14.65 -0.50 -3.16
C GLY B 1 -15.30 -0.39 -1.79
N SER B 2 -15.63 0.84 -1.40
CA SER B 2 -16.30 1.15 -0.12
C SER B 2 -17.00 2.52 -0.23
N ARG B 3 -18.16 2.64 0.43
CA ARG B 3 -19.02 3.85 0.37
C ARG B 3 -19.06 4.55 1.75
N GLN B 4 -19.38 3.75 2.78
CA GLN B 4 -19.57 4.22 4.16
C GLN B 4 -18.23 4.30 4.93
N VAL B 5 -18.30 4.81 6.17
CA VAL B 5 -17.15 4.90 7.09
C VAL B 5 -16.51 3.50 7.31
N THR B 6 -15.26 3.35 6.87
CA THR B 6 -14.57 2.05 6.83
C THR B 6 -13.68 1.88 8.07
N LYS B 7 -14.05 0.96 8.97
CA LYS B 7 -13.22 0.65 10.16
C LYS B 7 -12.17 -0.39 9.74
N VAL B 8 -10.90 -0.03 9.96
CA VAL B 8 -9.73 -0.74 9.44
C VAL B 8 -8.58 -0.67 10.48
N ASP B 9 -7.40 -1.23 10.14
CA ASP B 9 -6.24 -1.27 11.07
C ASP B 9 -5.10 -0.40 10.56
N CYS B 10 -4.34 0.20 11.51
CA CYS B 10 -3.16 1.02 11.22
C CYS B 10 -1.93 0.10 11.13
N PRO B 11 -1.41 -0.24 9.89
CA PRO B 11 -0.33 -1.25 9.70
C PRO B 11 1.05 -0.86 10.29
N VAL B 12 1.13 0.30 10.96
CA VAL B 12 2.35 0.74 11.63
C VAL B 12 2.30 0.42 13.15
N CYS B 13 1.20 0.84 13.82
CA CYS B 13 1.08 0.68 15.31
C CYS B 13 -0.05 -0.29 15.70
N GLY B 14 -0.63 -1.00 14.71
CA GLY B 14 -1.57 -2.13 14.93
C GLY B 14 -2.83 -1.80 15.74
N VAL B 15 -3.47 -0.64 15.46
CA VAL B 15 -4.70 -0.19 16.16
C VAL B 15 -5.89 -0.14 15.18
N ASN B 16 -7.09 -0.54 15.65
CA ASN B 16 -8.32 -0.53 14.83
C ASN B 16 -9.02 0.83 14.96
N ILE B 17 -9.04 1.57 13.84
CA ILE B 17 -9.52 2.96 13.73
C ILE B 17 -10.27 3.15 12.39
N PRO B 18 -11.22 4.16 12.27
CA PRO B 18 -11.90 4.46 10.98
C PRO B 18 -10.91 5.01 9.91
N GLU B 19 -11.33 4.99 8.64
CA GLU B 19 -10.44 5.19 7.47
C GLU B 19 -9.86 6.63 7.39
N SER B 20 -10.67 7.64 7.72
CA SER B 20 -10.20 9.04 7.84
C SER B 20 -9.04 9.11 8.86
N HIS B 21 -9.23 8.43 9.99
CA HIS B 21 -8.27 8.40 11.10
C HIS B 21 -7.13 7.41 10.84
N ILE B 22 -7.30 6.48 9.86
CA ILE B 22 -6.25 5.48 9.55
C ILE B 22 -5.13 6.21 8.80
N ASN B 23 -5.49 6.98 7.76
CA ASN B 23 -4.51 7.71 6.93
C ASN B 23 -3.85 8.84 7.75
N LYS B 24 -4.64 9.48 8.63
CA LYS B 24 -4.12 10.49 9.57
C LYS B 24 -3.06 9.88 10.52
N HIS B 25 -3.42 8.71 11.08
CA HIS B 25 -2.55 7.93 11.97
C HIS B 25 -1.24 7.59 11.26
N LEU B 26 -1.33 7.22 9.97
CA LEU B 26 -0.18 6.80 9.17
C LEU B 26 0.86 7.89 9.06
N ASP B 27 0.42 9.11 8.70
CA ASP B 27 1.33 10.26 8.51
C ASP B 27 2.03 10.67 9.81
N SER B 28 1.41 10.34 10.96
CA SER B 28 2.03 10.48 12.28
C SER B 28 2.97 9.29 12.58
N CYS B 29 2.50 8.08 12.23
CA CYS B 29 3.10 6.80 12.64
C CYS B 29 4.32 6.39 11.79
N LEU B 30 4.37 6.84 10.52
CA LEU B 30 5.40 6.40 9.54
C LEU B 30 6.73 7.14 9.77
N SER B 31 6.72 8.06 10.77
CA SER B 31 7.90 8.82 11.20
C SER B 31 8.94 7.88 11.83
N ARG B 32 9.74 7.26 10.95
CA ARG B 32 10.90 6.42 11.31
C ARG B 32 11.97 7.27 12.02
N GLU B 33 12.12 8.51 11.52
CA GLU B 33 13.11 9.46 12.00
C GLU B 33 12.50 10.34 13.12
ZN ZN C . -1.07 4.41 14.13
N GLY A 1 14.76 -10.15 -19.22
CA GLY A 1 14.15 -9.88 -17.91
C GLY A 1 12.71 -10.31 -17.85
N SER A 2 12.17 -10.40 -16.62
CA SER A 2 10.78 -10.81 -16.36
C SER A 2 10.20 -9.97 -15.22
N HIS A 3 8.89 -9.70 -15.30
CA HIS A 3 8.15 -8.99 -14.25
C HIS A 3 7.76 -9.99 -13.16
N MET A 4 8.40 -9.86 -11.98
CA MET A 4 8.13 -10.72 -10.82
C MET A 4 6.80 -10.32 -10.16
N GLN A 5 6.25 -11.20 -9.32
CA GLN A 5 4.99 -10.94 -8.61
C GLN A 5 5.22 -10.65 -7.13
N ILE A 6 4.39 -9.75 -6.60
CA ILE A 6 4.36 -9.37 -5.17
C ILE A 6 2.89 -9.25 -4.71
N PHE A 7 2.67 -9.38 -3.40
CA PHE A 7 1.33 -9.39 -2.79
C PHE A 7 1.12 -8.11 -1.97
N VAL A 8 0.40 -7.15 -2.55
CA VAL A 8 0.00 -5.92 -1.86
C VAL A 8 -1.41 -6.13 -1.36
N LYS A 9 -1.57 -6.31 -0.05
CA LYS A 9 -2.84 -6.71 0.57
C LYS A 9 -3.47 -5.53 1.32
N THR A 10 -4.76 -5.25 1.03
CA THR A 10 -5.50 -4.15 1.65
C THR A 10 -5.82 -4.43 3.12
N LEU A 11 -6.21 -3.37 3.83
CA LEU A 11 -6.73 -3.44 5.21
C LEU A 11 -8.09 -4.17 5.24
N THR A 12 -8.83 -4.13 4.11
CA THR A 12 -10.11 -4.84 3.93
C THR A 12 -9.86 -6.33 3.66
N GLY A 13 -8.60 -6.68 3.33
CA GLY A 13 -8.12 -8.06 3.34
C GLY A 13 -8.12 -8.75 2.00
N LYS A 14 -8.26 -7.98 0.92
CA LYS A 14 -8.11 -8.51 -0.45
C LYS A 14 -6.61 -8.50 -0.79
N THR A 15 -6.18 -9.41 -1.65
CA THR A 15 -4.78 -9.45 -2.10
C THR A 15 -4.70 -8.97 -3.55
N ILE A 16 -3.76 -8.07 -3.81
CA ILE A 16 -3.46 -7.54 -5.14
C ILE A 16 -2.10 -8.08 -5.59
N THR A 17 -2.11 -8.94 -6.62
CA THR A 17 -0.89 -9.50 -7.21
C THR A 17 -0.42 -8.62 -8.39
N LEU A 18 0.77 -8.01 -8.25
CA LEU A 18 1.36 -7.11 -9.28
C LEU A 18 2.47 -7.83 -10.01
N GLU A 19 2.76 -7.36 -11.22
CA GLU A 19 3.79 -7.91 -12.08
C GLU A 19 4.81 -6.79 -12.42
N VAL A 20 5.80 -6.62 -11.53
CA VAL A 20 6.90 -5.62 -11.69
C VAL A 20 8.21 -6.26 -11.21
N GLU A 21 9.32 -5.54 -11.34
CA GLU A 21 10.60 -6.01 -10.77
C GLU A 21 10.78 -5.44 -9.35
N PRO A 22 11.47 -6.17 -8.41
CA PRO A 22 11.87 -5.60 -7.11
C PRO A 22 12.77 -4.36 -7.28
N SER A 23 13.52 -4.29 -8.40
CA SER A 23 14.44 -3.17 -8.69
C SER A 23 13.81 -2.20 -9.72
N ASP A 24 12.49 -2.29 -9.94
CA ASP A 24 11.78 -1.42 -10.90
C ASP A 24 11.57 -0.02 -10.26
N THR A 25 10.40 0.19 -9.60
CA THR A 25 10.09 1.42 -8.83
C THR A 25 8.70 1.29 -8.19
N ILE A 26 8.54 1.87 -6.99
CA ILE A 26 7.28 1.86 -6.21
C ILE A 26 6.15 2.58 -6.98
N GLU A 27 6.51 3.67 -7.67
CA GLU A 27 5.56 4.48 -8.48
C GLU A 27 4.89 3.62 -9.57
N ASN A 28 5.66 2.65 -10.10
CA ASN A 28 5.19 1.69 -11.11
C ASN A 28 4.26 0.68 -10.45
N VAL A 29 4.69 0.17 -9.28
CA VAL A 29 3.93 -0.83 -8.49
C VAL A 29 2.51 -0.33 -8.22
N LYS A 30 2.40 0.91 -7.72
CA LYS A 30 1.12 1.51 -7.31
C LYS A 30 0.21 1.81 -8.53
N ALA A 31 0.83 2.11 -9.69
CA ALA A 31 0.11 2.21 -10.97
C ALA A 31 -0.60 0.88 -11.30
N LYS A 32 0.10 -0.23 -11.00
CA LYS A 32 -0.43 -1.59 -11.21
C LYS A 32 -1.59 -1.90 -10.23
N ILE A 33 -1.53 -1.43 -8.94
CA ILE A 33 -2.67 -1.61 -7.99
C ILE A 33 -3.96 -0.96 -8.57
N GLN A 34 -3.80 0.25 -9.15
CA GLN A 34 -4.92 0.94 -9.83
C GLN A 34 -5.42 0.14 -11.04
N ASP A 35 -4.50 -0.57 -11.69
CA ASP A 35 -4.82 -1.43 -12.85
C ASP A 35 -5.52 -2.74 -12.41
N LYS A 36 -5.27 -3.19 -11.15
CA LYS A 36 -5.77 -4.50 -10.64
C LYS A 36 -7.10 -4.32 -9.90
N GLU A 37 -7.07 -3.61 -8.73
CA GLU A 37 -8.27 -3.43 -7.89
C GLU A 37 -9.08 -2.17 -8.29
N GLY A 38 -8.47 -1.27 -9.07
CA GLY A 38 -9.19 -0.15 -9.69
C GLY A 38 -9.27 1.09 -8.80
N ILE A 39 -8.37 1.19 -7.81
CA ILE A 39 -8.30 2.37 -6.91
C ILE A 39 -7.06 3.21 -7.29
N PRO A 40 -7.22 4.57 -7.52
CA PRO A 40 -6.11 5.46 -7.98
C PRO A 40 -4.96 5.58 -6.95
N PRO A 41 -3.67 5.84 -7.40
CA PRO A 41 -2.47 5.87 -6.51
C PRO A 41 -2.51 6.94 -5.42
N ASP A 42 -3.41 7.91 -5.61
CA ASP A 42 -3.67 8.97 -4.62
C ASP A 42 -4.48 8.39 -3.43
N GLN A 43 -5.41 7.48 -3.74
CA GLN A 43 -6.37 6.89 -2.77
C GLN A 43 -5.82 5.64 -2.10
N GLN A 44 -5.00 4.87 -2.82
CA GLN A 44 -4.34 3.67 -2.27
C GLN A 44 -2.90 4.00 -1.88
N ARG A 45 -2.53 3.65 -0.64
CA ARG A 45 -1.28 4.09 0.02
C ARG A 45 -0.40 2.86 0.31
N LEU A 46 0.86 2.94 -0.11
CA LEU A 46 1.80 1.79 -0.07
C LEU A 46 2.60 1.82 1.23
N ILE A 47 2.56 0.72 1.99
CA ILE A 47 3.27 0.57 3.27
C ILE A 47 3.81 -0.87 3.41
N PHE A 48 5.09 -0.98 3.83
CA PHE A 48 5.73 -2.25 4.16
C PHE A 48 6.46 -2.07 5.49
N ALA A 49 6.21 -2.98 6.45
CA ALA A 49 6.91 -3.01 7.75
C ALA A 49 6.63 -1.77 8.64
N GLY A 50 5.53 -1.05 8.33
CA GLY A 50 5.12 0.11 9.10
C GLY A 50 5.70 1.44 8.60
N LYS A 51 6.21 1.47 7.38
CA LYS A 51 6.68 2.73 6.73
C LYS A 51 6.07 2.86 5.33
N GLN A 52 5.84 4.12 4.91
CA GLN A 52 5.30 4.42 3.57
C GLN A 52 6.38 4.19 2.51
N LEU A 53 5.97 3.62 1.36
CA LEU A 53 6.87 3.35 0.24
C LEU A 53 6.93 4.58 -0.68
N GLU A 54 8.13 5.15 -0.83
CA GLU A 54 8.36 6.38 -1.62
C GLU A 54 8.39 6.04 -3.12
N ASP A 55 7.75 6.89 -3.94
CA ASP A 55 7.55 6.67 -5.40
C ASP A 55 8.90 6.48 -6.13
N GLY A 56 9.89 7.32 -5.73
CA GLY A 56 11.21 7.33 -6.36
C GLY A 56 12.06 6.10 -6.04
N ARG A 57 11.76 5.45 -4.90
CA ARG A 57 12.48 4.22 -4.45
C ARG A 57 11.99 2.96 -5.17
N THR A 58 12.64 1.82 -4.84
CA THR A 58 12.28 0.50 -5.38
C THR A 58 11.74 -0.39 -4.25
N LEU A 59 11.15 -1.53 -4.64
CA LEU A 59 10.70 -2.56 -3.67
C LEU A 59 11.90 -3.05 -2.84
N SER A 60 12.98 -3.40 -3.58
CA SER A 60 14.22 -3.96 -3.03
C SER A 60 14.88 -2.98 -2.03
N ASP A 61 14.61 -1.66 -2.22
CA ASP A 61 15.13 -0.60 -1.33
C ASP A 61 14.54 -0.75 0.07
N TYR A 62 13.23 -1.04 0.12
CA TYR A 62 12.48 -1.23 1.37
C TYR A 62 12.51 -2.71 1.84
N ASN A 63 13.50 -3.49 1.33
CA ASN A 63 13.71 -4.92 1.72
C ASN A 63 12.58 -5.84 1.19
N ILE A 64 11.82 -5.35 0.18
CA ILE A 64 10.70 -6.09 -0.44
C ILE A 64 11.24 -6.87 -1.65
N GLN A 65 11.15 -8.19 -1.59
CA GLN A 65 11.49 -9.06 -2.72
C GLN A 65 10.19 -9.55 -3.39
N LYS A 66 10.33 -10.39 -4.41
CA LYS A 66 9.20 -11.09 -5.01
C LYS A 66 8.53 -12.01 -3.98
N GLU A 67 7.19 -12.08 -4.05
CA GLU A 67 6.31 -12.89 -3.17
C GLU A 67 6.17 -12.26 -1.77
N SER A 68 6.77 -11.06 -1.53
CA SER A 68 6.62 -10.36 -0.24
C SER A 68 5.21 -9.78 -0.11
N THR A 69 4.59 -9.97 1.07
CA THR A 69 3.29 -9.41 1.39
C THR A 69 3.49 -8.09 2.16
N LEU A 70 2.86 -7.03 1.66
CA LEU A 70 2.86 -5.69 2.26
C LEU A 70 1.42 -5.20 2.41
N HIS A 71 1.25 -4.05 3.05
CA HIS A 71 -0.06 -3.46 3.34
C HIS A 71 -0.44 -2.37 2.35
N LEU A 72 -1.74 -2.24 2.12
CA LEU A 72 -2.35 -1.24 1.25
C LEU A 72 -3.46 -0.56 2.04
N VAL A 73 -3.46 0.77 2.04
CA VAL A 73 -4.42 1.58 2.78
C VAL A 73 -5.31 2.36 1.82
N LEU A 74 -6.63 2.25 2.02
CA LEU A 74 -7.63 2.90 1.17
C LEU A 74 -7.98 4.30 1.73
N ARG A 75 -8.33 5.22 0.82
CA ARG A 75 -8.85 6.56 1.15
C ARG A 75 -10.27 6.72 0.60
N LEU A 76 -10.40 6.59 -0.75
CA LEU A 76 -11.70 6.66 -1.48
C LEU A 76 -12.49 7.94 -1.14
N ARG A 77 -11.74 9.07 -1.03
CA ARG A 77 -12.25 10.35 -0.49
C ARG A 77 -13.39 10.93 -1.35
N GLY A 78 -13.16 11.02 -2.66
CA GLY A 78 -14.20 11.38 -3.64
C GLY A 78 -14.92 10.17 -4.20
N GLY A 79 -14.27 8.99 -4.09
CA GLY A 79 -14.79 7.74 -4.67
C GLY A 79 -13.69 6.92 -5.36
N GLY B 1 -22.18 -1.68 -2.47
CA GLY B 1 -22.34 -0.36 -1.89
C GLY B 1 -22.16 0.78 -2.90
N SER B 2 -21.73 1.95 -2.39
CA SER B 2 -21.46 3.14 -3.21
C SER B 2 -20.64 4.16 -2.39
N ARG B 3 -21.04 4.35 -1.12
CA ARG B 3 -20.39 5.29 -0.19
C ARG B 3 -20.50 4.78 1.26
N GLN B 4 -19.35 4.41 1.85
CA GLN B 4 -19.26 3.93 3.25
C GLN B 4 -18.03 4.57 3.93
N VAL B 5 -18.04 4.61 5.28
CA VAL B 5 -16.85 4.91 6.07
C VAL B 5 -16.30 3.56 6.61
N THR B 6 -15.18 3.14 6.03
CA THR B 6 -14.59 1.81 6.27
C THR B 6 -13.87 1.77 7.64
N LYS B 7 -14.00 0.63 8.35
CA LYS B 7 -13.27 0.35 9.59
C LYS B 7 -12.10 -0.55 9.23
N VAL B 8 -10.89 -0.12 9.59
CA VAL B 8 -9.63 -0.71 9.11
C VAL B 8 -8.57 -0.74 10.24
N ASP B 9 -7.35 -1.18 9.92
CA ASP B 9 -6.22 -1.28 10.87
C ASP B 9 -5.07 -0.38 10.43
N CYS B 10 -4.32 0.16 11.41
CA CYS B 10 -3.12 1.00 11.17
C CYS B 10 -1.88 0.08 11.10
N PRO B 11 -1.34 -0.25 9.87
CA PRO B 11 -0.23 -1.23 9.67
C PRO B 11 1.00 -1.03 10.58
N VAL B 12 1.20 0.24 11.00
CA VAL B 12 2.39 0.65 11.74
C VAL B 12 2.26 0.30 13.25
N CYS B 13 1.28 0.93 13.94
CA CYS B 13 1.12 0.76 15.41
C CYS B 13 0.07 -0.31 15.77
N GLY B 14 -0.53 -0.94 14.73
CA GLY B 14 -1.44 -2.10 14.89
C GLY B 14 -2.71 -1.83 15.68
N VAL B 15 -3.40 -0.70 15.39
CA VAL B 15 -4.65 -0.31 16.08
C VAL B 15 -5.82 -0.26 15.07
N ASN B 16 -7.01 -0.76 15.47
CA ASN B 16 -8.20 -0.77 14.62
C ASN B 16 -8.98 0.55 14.80
N ILE B 17 -9.09 1.31 13.70
CA ILE B 17 -9.60 2.70 13.67
C ILE B 17 -10.38 2.95 12.34
N PRO B 18 -11.24 4.04 12.27
CA PRO B 18 -11.93 4.42 11.00
C PRO B 18 -10.95 4.90 9.90
N GLU B 19 -11.43 4.92 8.64
CA GLU B 19 -10.61 5.13 7.42
C GLU B 19 -9.97 6.55 7.34
N SER B 20 -10.69 7.60 7.74
CA SER B 20 -10.16 8.98 7.75
C SER B 20 -9.02 9.09 8.78
N HIS B 21 -9.27 8.49 9.97
CA HIS B 21 -8.31 8.49 11.09
C HIS B 21 -7.15 7.52 10.85
N ILE B 22 -7.32 6.55 9.92
CA ILE B 22 -6.25 5.58 9.61
C ILE B 22 -5.15 6.31 8.84
N ASN B 23 -5.52 7.09 7.82
CA ASN B 23 -4.53 7.82 6.98
C ASN B 23 -3.83 8.94 7.77
N LYS B 24 -4.58 9.61 8.68
CA LYS B 24 -4.00 10.59 9.62
C LYS B 24 -3.00 9.89 10.58
N HIS B 25 -3.42 8.71 11.10
CA HIS B 25 -2.58 7.89 12.01
C HIS B 25 -1.27 7.54 11.32
N LEU B 26 -1.36 7.15 10.04
CA LEU B 26 -0.20 6.75 9.23
C LEU B 26 0.78 7.88 9.11
N ASP B 27 0.24 9.07 8.80
CA ASP B 27 1.06 10.25 8.50
C ASP B 27 1.96 10.61 9.70
N SER B 28 1.45 10.33 10.91
CA SER B 28 2.21 10.50 12.16
C SER B 28 3.07 9.25 12.48
N CYS B 29 2.53 8.06 12.19
CA CYS B 29 3.11 6.76 12.57
C CYS B 29 4.27 6.33 11.64
N LEU B 30 4.31 6.87 10.40
CA LEU B 30 5.32 6.50 9.38
C LEU B 30 6.65 7.22 9.65
N SER B 31 6.64 8.12 10.67
CA SER B 31 7.84 8.78 11.19
C SER B 31 8.78 7.73 11.81
N ARG B 32 9.60 7.12 10.94
CA ARG B 32 10.56 6.06 11.31
C ARG B 32 11.75 6.64 12.07
N GLU B 33 12.44 5.76 12.81
CA GLU B 33 13.70 6.06 13.50
C GLU B 33 14.82 6.28 12.45
ZN ZN C . -1.12 4.42 14.14
N GLY A 1 8.49 -3.29 -19.22
CA GLY A 1 8.29 -4.35 -20.23
C GLY A 1 7.72 -5.63 -19.62
N SER A 2 8.61 -6.43 -19.01
CA SER A 2 8.27 -7.74 -18.44
C SER A 2 7.40 -7.60 -17.17
N HIS A 3 6.10 -7.94 -17.30
CA HIS A 3 5.12 -7.78 -16.23
C HIS A 3 5.29 -8.88 -15.13
N MET A 4 6.09 -8.56 -14.10
CA MET A 4 6.25 -9.44 -12.92
C MET A 4 5.04 -9.21 -11.98
N GLN A 5 4.75 -10.16 -11.12
CA GLN A 5 3.59 -10.06 -10.20
C GLN A 5 4.05 -9.83 -8.76
N ILE A 6 3.29 -8.99 -8.05
CA ILE A 6 3.46 -8.71 -6.60
C ILE A 6 2.08 -8.69 -5.92
N PHE A 7 2.08 -8.88 -4.59
CA PHE A 7 0.84 -9.00 -3.79
C PHE A 7 0.67 -7.75 -2.91
N VAL A 8 -0.27 -6.89 -3.30
CA VAL A 8 -0.69 -5.72 -2.51
C VAL A 8 -1.92 -6.11 -1.69
N LYS A 9 -1.76 -6.12 -0.37
CA LYS A 9 -2.79 -6.58 0.56
C LYS A 9 -3.47 -5.36 1.20
N THR A 10 -4.77 -5.15 0.90
CA THR A 10 -5.56 -4.09 1.54
C THR A 10 -5.80 -4.42 3.02
N LEU A 11 -6.09 -3.38 3.81
CA LEU A 11 -6.44 -3.51 5.24
C LEU A 11 -7.68 -4.38 5.44
N THR A 12 -8.54 -4.45 4.41
CA THR A 12 -9.80 -5.17 4.46
C THR A 12 -9.61 -6.70 4.27
N GLY A 13 -8.33 -7.13 4.17
CA GLY A 13 -7.96 -8.56 4.10
C GLY A 13 -8.03 -9.12 2.69
N LYS A 14 -8.15 -8.23 1.70
CA LYS A 14 -8.19 -8.58 0.27
C LYS A 14 -6.79 -8.47 -0.35
N THR A 15 -6.49 -9.33 -1.35
CA THR A 15 -5.21 -9.32 -2.09
C THR A 15 -5.43 -8.78 -3.51
N ILE A 16 -4.46 -7.99 -3.98
CA ILE A 16 -4.45 -7.38 -5.32
C ILE A 16 -3.13 -7.77 -6.00
N THR A 17 -3.23 -8.53 -7.10
CA THR A 17 -2.06 -8.96 -7.88
C THR A 17 -1.80 -7.95 -8.99
N LEU A 18 -0.62 -7.29 -8.96
CA LEU A 18 -0.24 -6.29 -9.99
C LEU A 18 0.77 -6.91 -10.93
N GLU A 19 0.85 -6.36 -12.14
CA GLU A 19 1.72 -6.86 -13.20
C GLU A 19 2.65 -5.72 -13.68
N VAL A 20 3.74 -5.51 -12.91
CA VAL A 20 4.78 -4.48 -13.17
C VAL A 20 6.16 -5.11 -12.88
N GLU A 21 7.24 -4.34 -13.07
CA GLU A 21 8.61 -4.82 -12.74
C GLU A 21 9.00 -4.32 -11.34
N PRO A 22 9.91 -5.04 -10.60
CA PRO A 22 10.46 -4.53 -9.33
C PRO A 22 11.25 -3.21 -9.55
N SER A 23 11.86 -3.07 -10.75
CA SER A 23 12.70 -1.89 -11.08
C SER A 23 11.90 -0.92 -11.99
N ASP A 24 10.55 -1.06 -11.99
CA ASP A 24 9.66 -0.21 -12.81
C ASP A 24 9.43 1.14 -12.09
N THR A 25 8.39 1.22 -11.21
CA THR A 25 8.10 2.39 -10.34
C THR A 25 6.82 2.15 -9.51
N ILE A 26 6.79 2.72 -8.29
CA ILE A 26 5.66 2.61 -7.35
C ILE A 26 4.40 3.32 -7.90
N GLU A 27 4.62 4.45 -8.63
CA GLU A 27 3.52 5.25 -9.21
C GLU A 27 2.73 4.43 -10.24
N ASN A 28 3.43 3.50 -10.90
CA ASN A 28 2.80 2.59 -11.86
C ASN A 28 2.01 1.50 -11.12
N VAL A 29 2.63 0.99 -10.03
CA VAL A 29 2.02 -0.06 -9.17
C VAL A 29 0.64 0.41 -8.66
N LYS A 30 0.60 1.67 -8.15
CA LYS A 30 -0.62 2.25 -7.56
C LYS A 30 -1.68 2.56 -8.63
N ALA A 31 -1.22 2.85 -9.87
CA ALA A 31 -2.10 2.94 -11.04
C ALA A 31 -2.73 1.56 -11.36
N LYS A 32 -1.97 0.48 -11.09
CA LYS A 32 -2.45 -0.89 -11.29
C LYS A 32 -3.43 -1.33 -10.18
N ILE A 33 -3.34 -0.78 -8.95
CA ILE A 33 -4.41 -0.94 -7.95
C ILE A 33 -5.74 -0.39 -8.52
N GLN A 34 -5.65 0.80 -9.12
CA GLN A 34 -6.80 1.45 -9.79
C GLN A 34 -7.25 0.66 -11.06
N ASP A 35 -6.35 -0.17 -11.59
CA ASP A 35 -6.65 -1.09 -12.72
C ASP A 35 -7.35 -2.38 -12.24
N LYS A 36 -6.95 -2.88 -11.05
CA LYS A 36 -7.38 -4.22 -10.57
C LYS A 36 -8.65 -4.11 -9.72
N GLU A 37 -8.58 -3.39 -8.58
CA GLU A 37 -9.72 -3.20 -7.67
C GLU A 37 -10.51 -1.92 -8.02
N GLY A 38 -9.83 -0.95 -8.65
CA GLY A 38 -10.48 0.25 -9.19
C GLY A 38 -10.41 1.45 -8.27
N ILE A 39 -9.55 1.39 -7.23
CA ILE A 39 -9.43 2.47 -6.24
C ILE A 39 -8.32 3.47 -6.69
N PRO A 40 -8.64 4.81 -6.79
CA PRO A 40 -7.69 5.82 -7.34
C PRO A 40 -6.42 5.95 -6.46
N PRO A 41 -5.24 6.37 -7.06
CA PRO A 41 -3.93 6.40 -6.37
C PRO A 41 -3.90 7.36 -5.15
N ASP A 42 -4.88 8.26 -5.09
CA ASP A 42 -5.07 9.18 -3.95
C ASP A 42 -5.68 8.42 -2.74
N GLN A 43 -6.68 7.56 -3.04
CA GLN A 43 -7.49 6.85 -2.02
C GLN A 43 -6.79 5.60 -1.46
N GLN A 44 -5.85 5.08 -2.22
CA GLN A 44 -5.01 3.96 -1.76
C GLN A 44 -3.62 4.52 -1.37
N ARG A 45 -2.99 3.89 -0.37
CA ARG A 45 -1.68 4.31 0.15
C ARG A 45 -0.75 3.10 0.25
N LEU A 46 0.46 3.22 -0.31
CA LEU A 46 1.43 2.11 -0.40
C LEU A 46 2.34 2.14 0.81
N ILE A 47 2.43 1.00 1.52
CA ILE A 47 3.25 0.83 2.73
C ILE A 47 3.86 -0.58 2.75
N PHE A 48 5.18 -0.67 2.99
CA PHE A 48 5.91 -1.94 3.17
C PHE A 48 6.74 -1.84 4.45
N ALA A 49 6.52 -2.78 5.38
CA ALA A 49 7.29 -2.89 6.66
C ALA A 49 7.05 -1.68 7.60
N GLY A 50 5.93 -0.95 7.37
CA GLY A 50 5.55 0.19 8.22
C GLY A 50 5.92 1.55 7.63
N LYS A 51 6.75 1.57 6.58
CA LYS A 51 7.18 2.81 5.89
C LYS A 51 6.34 3.00 4.62
N GLN A 52 5.97 4.26 4.30
CA GLN A 52 5.24 4.58 3.07
C GLN A 52 6.19 4.52 1.85
N LEU A 53 5.68 3.99 0.73
CA LEU A 53 6.43 3.90 -0.52
C LEU A 53 6.26 5.18 -1.34
N GLU A 54 7.36 5.72 -1.86
CA GLU A 54 7.34 6.94 -2.68
C GLU A 54 7.04 6.55 -4.13
N ASP A 55 6.18 7.35 -4.78
CA ASP A 55 5.74 7.13 -6.17
C ASP A 55 6.91 7.21 -7.15
N GLY A 56 7.90 8.07 -6.83
CA GLY A 56 9.09 8.26 -7.66
C GLY A 56 10.07 7.09 -7.59
N ARG A 57 10.10 6.40 -6.44
CA ARG A 57 10.96 5.22 -6.21
C ARG A 57 10.36 3.95 -6.84
N THR A 58 11.12 2.85 -6.73
CA THR A 58 10.73 1.54 -7.27
C THR A 58 10.43 0.57 -6.13
N LEU A 59 9.80 -0.57 -6.49
CA LEU A 59 9.58 -1.69 -5.55
C LEU A 59 10.94 -2.13 -4.96
N SER A 60 11.90 -2.34 -5.88
CA SER A 60 13.26 -2.83 -5.57
C SER A 60 14.02 -1.86 -4.64
N ASP A 61 13.66 -0.55 -4.71
CA ASP A 61 14.29 0.47 -3.86
C ASP A 61 13.89 0.25 -2.39
N TYR A 62 12.61 -0.13 -2.19
CA TYR A 62 12.08 -0.44 -0.86
C TYR A 62 12.21 -1.96 -0.53
N ASN A 63 13.14 -2.65 -1.24
CA ASN A 63 13.50 -4.08 -0.98
C ASN A 63 12.31 -5.04 -1.28
N ILE A 64 11.42 -4.60 -2.18
CA ILE A 64 10.27 -5.37 -2.65
C ILE A 64 10.63 -6.00 -4.01
N GLN A 65 10.64 -7.33 -4.08
CA GLN A 65 10.88 -8.07 -5.32
C GLN A 65 9.56 -8.67 -5.82
N LYS A 66 9.64 -9.47 -6.90
CA LYS A 66 8.52 -10.26 -7.40
C LYS A 66 7.98 -11.19 -6.28
N GLU A 67 6.65 -11.27 -6.21
CA GLU A 67 5.90 -12.16 -5.29
C GLU A 67 5.99 -11.70 -3.82
N SER A 68 6.54 -10.48 -3.56
CA SER A 68 6.55 -9.90 -2.21
C SER A 68 5.18 -9.31 -1.86
N THR A 69 4.74 -9.53 -0.60
CA THR A 69 3.51 -8.97 -0.07
C THR A 69 3.81 -7.67 0.71
N LEU A 70 3.06 -6.61 0.39
CA LEU A 70 3.13 -5.30 1.03
C LEU A 70 1.70 -4.86 1.42
N HIS A 71 1.59 -3.92 2.37
CA HIS A 71 0.28 -3.43 2.87
C HIS A 71 -0.23 -2.25 2.01
N LEU A 72 -1.56 -2.12 1.98
CA LEU A 72 -2.27 -1.08 1.24
C LEU A 72 -3.35 -0.53 2.16
N VAL A 73 -3.40 0.80 2.24
CA VAL A 73 -4.35 1.52 3.07
C VAL A 73 -5.38 2.24 2.18
N LEU A 74 -6.62 1.78 2.28
CA LEU A 74 -7.76 2.41 1.60
C LEU A 74 -8.21 3.67 2.39
N ARG A 75 -8.81 4.63 1.66
CA ARG A 75 -9.31 5.92 2.23
C ARG A 75 -10.75 6.17 1.78
N LEU A 76 -11.03 5.85 0.50
CA LEU A 76 -12.37 5.94 -0.14
C LEU A 76 -13.00 7.33 0.00
N ARG A 77 -12.13 8.37 0.04
CA ARG A 77 -12.54 9.78 0.08
C ARG A 77 -13.04 10.18 -1.32
N GLY A 78 -14.29 9.83 -1.61
CA GLY A 78 -14.90 9.99 -2.94
C GLY A 78 -16.07 9.05 -3.17
N GLY A 79 -16.23 8.05 -2.25
CA GLY A 79 -17.35 7.10 -2.29
C GLY A 79 -17.19 6.03 -3.36
N GLY B 1 -15.99 -0.10 -3.34
CA GLY B 1 -15.84 0.47 -2.00
C GLY B 1 -17.17 0.72 -1.32
N SER B 2 -17.33 1.92 -0.73
CA SER B 2 -18.57 2.33 -0.07
C SER B 2 -18.68 3.86 0.00
N ARG B 3 -19.92 4.36 0.07
CA ARG B 3 -20.23 5.78 0.30
C ARG B 3 -19.98 6.17 1.78
N GLN B 4 -19.98 5.15 2.67
CA GLN B 4 -19.71 5.35 4.10
C GLN B 4 -18.20 5.11 4.41
N VAL B 5 -17.79 5.50 5.63
CA VAL B 5 -16.42 5.29 6.13
C VAL B 5 -16.23 3.83 6.58
N THR B 6 -15.09 3.23 6.21
CA THR B 6 -14.71 1.87 6.63
C THR B 6 -13.95 1.94 7.98
N LYS B 7 -13.96 0.85 8.77
CA LYS B 7 -13.12 0.75 9.98
C LYS B 7 -12.00 -0.26 9.69
N VAL B 8 -10.75 0.22 9.81
CA VAL B 8 -9.55 -0.48 9.32
C VAL B 8 -8.37 -0.25 10.29
N ASP B 9 -7.34 -1.10 10.15
CA ASP B 9 -6.20 -1.15 11.07
C ASP B 9 -5.02 -0.33 10.55
N CYS B 10 -4.26 0.25 11.48
CA CYS B 10 -3.06 1.04 11.18
C CYS B 10 -1.85 0.09 11.12
N PRO B 11 -1.32 -0.27 9.91
CA PRO B 11 -0.31 -1.36 9.73
C PRO B 11 1.02 -1.15 10.49
N VAL B 12 1.23 0.08 11.00
CA VAL B 12 2.46 0.45 11.71
C VAL B 12 2.34 0.14 13.22
N CYS B 13 1.28 0.67 13.87
CA CYS B 13 1.10 0.55 15.35
C CYS B 13 -0.04 -0.43 15.74
N GLY B 14 -0.68 -1.04 14.73
CA GLY B 14 -1.64 -2.15 14.93
C GLY B 14 -2.91 -1.79 15.71
N VAL B 15 -3.55 -0.65 15.38
CA VAL B 15 -4.81 -0.19 16.04
C VAL B 15 -5.95 -0.09 15.01
N ASN B 16 -7.14 -0.64 15.36
CA ASN B 16 -8.34 -0.52 14.50
C ASN B 16 -9.06 0.81 14.79
N ILE B 17 -9.16 1.64 13.74
CA ILE B 17 -9.65 3.03 13.79
C ILE B 17 -10.46 3.32 12.49
N PRO B 18 -11.34 4.37 12.44
CA PRO B 18 -12.04 4.78 11.19
C PRO B 18 -11.04 5.16 10.06
N GLU B 19 -11.49 4.98 8.81
CA GLU B 19 -10.66 5.06 7.58
C GLU B 19 -10.07 6.48 7.33
N SER B 20 -10.82 7.51 7.72
CA SER B 20 -10.32 8.91 7.70
C SER B 20 -9.12 9.06 8.68
N HIS B 21 -9.32 8.48 9.89
CA HIS B 21 -8.34 8.55 10.99
C HIS B 21 -7.15 7.59 10.74
N ILE B 22 -7.33 6.57 9.87
CA ILE B 22 -6.27 5.60 9.56
C ILE B 22 -5.19 6.30 8.72
N ASN B 23 -5.60 7.07 7.69
CA ASN B 23 -4.65 7.83 6.84
C ASN B 23 -3.89 8.85 7.71
N LYS B 24 -4.65 9.56 8.57
CA LYS B 24 -4.12 10.55 9.53
C LYS B 24 -3.05 9.91 10.47
N HIS B 25 -3.39 8.72 11.01
CA HIS B 25 -2.54 7.97 11.95
C HIS B 25 -1.22 7.62 11.29
N LEU B 26 -1.27 7.29 9.99
CA LEU B 26 -0.09 6.92 9.21
C LEU B 26 0.89 8.07 9.10
N ASP B 27 0.38 9.27 8.79
CA ASP B 27 1.20 10.50 8.65
C ASP B 27 2.05 10.74 9.92
N SER B 28 1.47 10.38 11.08
CA SER B 28 2.18 10.46 12.38
C SER B 28 3.08 9.22 12.61
N CYS B 29 2.57 8.03 12.22
CA CYS B 29 3.17 6.72 12.54
C CYS B 29 4.34 6.38 11.60
N LEU B 30 4.45 7.06 10.44
CA LEU B 30 5.53 6.82 9.46
C LEU B 30 6.69 7.81 9.67
N SER B 31 6.50 8.75 10.64
CA SER B 31 7.50 9.79 10.96
C SER B 31 8.71 9.16 11.68
N ARG B 32 9.62 8.59 10.88
CA ARG B 32 10.85 7.94 11.35
C ARG B 32 11.91 9.01 11.65
N GLU B 33 12.77 8.72 12.64
CA GLU B 33 13.80 9.67 13.13
C GLU B 33 15.04 8.88 13.61
ZN ZN C . -0.98 4.35 14.07
N GLY A 1 13.79 -7.29 -18.43
CA GLY A 1 12.45 -6.75 -18.03
C GLY A 1 11.54 -7.80 -17.43
N SER A 2 12.13 -8.90 -16.89
CA SER A 2 11.39 -10.01 -16.30
C SER A 2 10.59 -9.55 -15.07
N HIS A 3 9.27 -9.34 -15.26
CA HIS A 3 8.38 -8.86 -14.21
C HIS A 3 8.06 -10.00 -13.21
N MET A 4 8.13 -9.68 -11.92
CA MET A 4 7.85 -10.63 -10.84
C MET A 4 6.47 -10.34 -10.23
N GLN A 5 5.93 -11.32 -9.50
CA GLN A 5 4.64 -11.21 -8.83
C GLN A 5 4.84 -10.98 -7.34
N ILE A 6 4.27 -9.87 -6.85
CA ILE A 6 4.30 -9.47 -5.42
C ILE A 6 2.86 -9.25 -4.96
N PHE A 7 2.62 -9.45 -3.65
CA PHE A 7 1.27 -9.48 -3.08
C PHE A 7 1.06 -8.27 -2.17
N VAL A 8 0.16 -7.39 -2.60
CA VAL A 8 -0.25 -6.20 -1.87
C VAL A 8 -1.65 -6.46 -1.31
N LYS A 9 -1.78 -6.42 0.02
CA LYS A 9 -3.02 -6.76 0.72
C LYS A 9 -3.62 -5.50 1.36
N THR A 10 -4.85 -5.12 0.96
CA THR A 10 -5.53 -3.94 1.53
C THR A 10 -5.95 -4.19 2.98
N LEU A 11 -6.33 -3.09 3.66
CA LEU A 11 -6.91 -3.13 5.02
C LEU A 11 -8.36 -3.66 4.98
N THR A 12 -9.01 -3.61 3.79
CA THR A 12 -10.32 -4.24 3.56
C THR A 12 -10.17 -5.76 3.34
N GLY A 13 -8.91 -6.19 3.12
CA GLY A 13 -8.54 -7.60 3.11
C GLY A 13 -8.60 -8.25 1.74
N LYS A 14 -8.43 -7.46 0.67
CA LYS A 14 -8.34 -7.97 -0.70
C LYS A 14 -6.86 -8.17 -1.07
N THR A 15 -6.58 -9.11 -1.98
CA THR A 15 -5.23 -9.30 -2.55
C THR A 15 -5.11 -8.59 -3.91
N ILE A 16 -3.94 -7.98 -4.15
CA ILE A 16 -3.56 -7.35 -5.41
C ILE A 16 -2.19 -7.93 -5.84
N THR A 17 -2.17 -8.73 -6.91
CA THR A 17 -0.92 -9.28 -7.46
C THR A 17 -0.38 -8.34 -8.55
N LEU A 18 0.86 -7.87 -8.39
CA LEU A 18 1.49 -6.91 -9.34
C LEU A 18 2.53 -7.63 -10.17
N GLU A 19 2.81 -7.06 -11.35
CA GLU A 19 3.74 -7.61 -12.34
C GLU A 19 4.89 -6.61 -12.57
N VAL A 20 5.83 -6.56 -11.62
CA VAL A 20 7.00 -5.64 -11.65
C VAL A 20 8.22 -6.29 -10.99
N GLU A 21 9.38 -5.63 -11.09
CA GLU A 21 10.68 -6.21 -10.70
C GLU A 21 11.04 -5.80 -9.26
N PRO A 22 11.96 -6.52 -8.55
CA PRO A 22 12.51 -6.03 -7.26
C PRO A 22 13.37 -4.74 -7.44
N SER A 23 13.79 -4.45 -8.70
CA SER A 23 14.59 -3.27 -9.03
C SER A 23 13.68 -2.24 -9.69
N ASP A 24 12.39 -2.57 -9.77
CA ASP A 24 11.35 -1.64 -10.13
C ASP A 24 11.02 -0.77 -8.91
N THR A 25 10.47 0.36 -9.21
CA THR A 25 10.32 1.51 -8.31
C THR A 25 8.90 1.59 -7.76
N ILE A 26 8.77 2.12 -6.53
CA ILE A 26 7.52 2.12 -5.77
C ILE A 26 6.40 2.92 -6.46
N GLU A 27 6.80 4.04 -7.10
CA GLU A 27 5.86 4.91 -7.85
C GLU A 27 5.19 4.14 -9.01
N ASN A 28 5.96 3.21 -9.60
CA ASN A 28 5.47 2.34 -10.68
C ASN A 28 4.54 1.27 -10.09
N VAL A 29 4.98 0.67 -8.97
CA VAL A 29 4.24 -0.39 -8.24
C VAL A 29 2.81 0.08 -7.86
N LYS A 30 2.70 1.33 -7.35
CA LYS A 30 1.42 1.91 -6.89
C LYS A 30 0.50 2.23 -8.07
N ALA A 31 1.10 2.62 -9.21
CA ALA A 31 0.40 2.75 -10.49
C ALA A 31 -0.15 1.38 -10.97
N LYS A 32 0.52 0.28 -10.55
CA LYS A 32 0.06 -1.08 -10.87
C LYS A 32 -1.14 -1.50 -9.99
N ILE A 33 -1.22 -1.01 -8.72
CA ILE A 33 -2.42 -1.18 -7.88
C ILE A 33 -3.67 -0.59 -8.60
N GLN A 34 -3.48 0.61 -9.19
CA GLN A 34 -4.51 1.24 -10.04
C GLN A 34 -4.84 0.37 -11.28
N ASP A 35 -3.81 -0.30 -11.81
CA ASP A 35 -3.94 -1.22 -12.96
C ASP A 35 -4.70 -2.51 -12.60
N LYS A 36 -4.70 -2.89 -11.29
CA LYS A 36 -5.34 -4.14 -10.83
C LYS A 36 -6.72 -3.88 -10.18
N GLU A 37 -6.76 -3.24 -8.99
CA GLU A 37 -8.02 -3.04 -8.24
C GLU A 37 -8.76 -1.78 -8.72
N GLY A 38 -8.03 -0.86 -9.39
CA GLY A 38 -8.64 0.32 -10.02
C GLY A 38 -8.66 1.54 -9.11
N ILE A 39 -7.83 1.50 -8.04
CA ILE A 39 -7.75 2.59 -7.06
C ILE A 39 -6.47 3.43 -7.32
N PRO A 40 -6.60 4.81 -7.48
CA PRO A 40 -5.46 5.70 -7.86
C PRO A 40 -4.46 5.87 -6.69
N PRO A 41 -3.16 6.28 -6.97
CA PRO A 41 -2.10 6.47 -5.93
C PRO A 41 -2.48 7.50 -4.84
N ASP A 42 -3.52 8.30 -5.13
CA ASP A 42 -4.10 9.28 -4.19
C ASP A 42 -4.85 8.54 -3.04
N GLN A 43 -5.65 7.52 -3.42
CA GLN A 43 -6.51 6.75 -2.47
C GLN A 43 -5.76 5.60 -1.81
N GLN A 44 -4.82 5.00 -2.53
CA GLN A 44 -4.03 3.86 -2.02
C GLN A 44 -2.71 4.35 -1.42
N ARG A 45 -2.19 3.62 -0.42
CA ARG A 45 -0.93 3.96 0.25
C ARG A 45 -0.12 2.69 0.52
N LEU A 46 1.16 2.70 0.14
CA LEU A 46 2.04 1.52 0.21
C LEU A 46 2.80 1.51 1.52
N ILE A 47 2.65 0.41 2.29
CA ILE A 47 3.31 0.22 3.59
C ILE A 47 3.75 -1.25 3.73
N PHE A 48 5.05 -1.46 3.94
CA PHE A 48 5.65 -2.79 4.19
C PHE A 48 6.32 -2.74 5.57
N ALA A 49 5.89 -3.63 6.48
CA ALA A 49 6.51 -3.83 7.82
C ALA A 49 6.37 -2.61 8.75
N GLY A 50 5.42 -1.71 8.43
CA GLY A 50 5.14 -0.54 9.27
C GLY A 50 5.87 0.74 8.81
N LYS A 51 6.42 0.73 7.59
CA LYS A 51 7.01 1.95 6.98
C LYS A 51 6.34 2.21 5.62
N GLN A 52 6.06 3.50 5.33
CA GLN A 52 5.50 3.89 4.02
C GLN A 52 6.62 3.82 2.96
N LEU A 53 6.31 3.18 1.82
CA LEU A 53 7.23 3.03 0.73
C LEU A 53 7.33 4.34 -0.09
N GLU A 54 8.53 4.92 -0.14
CA GLU A 54 8.81 6.18 -0.84
C GLU A 54 8.85 5.94 -2.37
N ASP A 55 8.25 6.89 -3.12
CA ASP A 55 8.03 6.78 -4.58
C ASP A 55 9.35 6.56 -5.36
N GLY A 56 10.36 7.35 -4.97
CA GLY A 56 11.67 7.34 -5.62
C GLY A 56 12.45 6.03 -5.42
N ARG A 57 12.20 5.35 -4.28
CA ARG A 57 12.90 4.11 -3.91
C ARG A 57 12.36 2.90 -4.70
N THR A 58 13.00 1.74 -4.50
CA THR A 58 12.64 0.49 -5.19
C THR A 58 12.16 -0.54 -4.16
N LEU A 59 11.51 -1.61 -4.67
CA LEU A 59 11.03 -2.71 -3.82
C LEU A 59 12.19 -3.30 -2.98
N SER A 60 13.26 -3.74 -3.67
CA SER A 60 14.44 -4.38 -3.04
C SER A 60 15.17 -3.43 -2.07
N ASP A 61 14.96 -2.11 -2.25
CA ASP A 61 15.55 -1.09 -1.36
C ASP A 61 14.90 -1.16 0.03
N TYR A 62 13.57 -1.39 0.05
CA TYR A 62 12.82 -1.63 1.29
C TYR A 62 12.83 -3.14 1.66
N ASN A 63 13.72 -3.92 1.01
CA ASN A 63 13.93 -5.36 1.27
C ASN A 63 12.71 -6.21 0.84
N ILE A 64 11.94 -5.67 -0.12
CA ILE A 64 10.78 -6.33 -0.74
C ILE A 64 11.27 -7.09 -1.98
N GLN A 65 11.20 -8.41 -1.91
CA GLN A 65 11.55 -9.30 -3.03
C GLN A 65 10.26 -9.79 -3.71
N LYS A 66 10.39 -10.74 -4.65
CA LYS A 66 9.24 -11.38 -5.30
C LYS A 66 8.40 -12.13 -4.23
N GLU A 67 7.08 -12.05 -4.37
CA GLU A 67 6.09 -12.72 -3.51
C GLU A 67 6.01 -12.14 -2.09
N SER A 68 6.77 -11.06 -1.80
CA SER A 68 6.68 -10.35 -0.51
C SER A 68 5.29 -9.73 -0.36
N THR A 69 4.65 -9.99 0.80
CA THR A 69 3.32 -9.49 1.10
C THR A 69 3.42 -8.25 1.99
N LEU A 70 2.70 -7.20 1.61
CA LEU A 70 2.67 -5.91 2.31
C LEU A 70 1.23 -5.42 2.46
N HIS A 71 1.08 -4.32 3.20
CA HIS A 71 -0.23 -3.69 3.45
C HIS A 71 -0.49 -2.51 2.50
N LEU A 72 -1.76 -2.32 2.18
CA LEU A 72 -2.25 -1.24 1.32
C LEU A 72 -3.36 -0.54 2.10
N VAL A 73 -3.27 0.79 2.16
CA VAL A 73 -4.24 1.62 2.86
C VAL A 73 -5.09 2.39 1.86
N LEU A 74 -6.38 2.02 1.80
CA LEU A 74 -7.38 2.77 1.03
C LEU A 74 -7.82 4.01 1.83
N ARG A 75 -8.21 5.08 1.12
CA ARG A 75 -8.61 6.36 1.75
C ARG A 75 -10.06 6.71 1.38
N LEU A 76 -10.43 6.43 0.11
CA LEU A 76 -11.77 6.72 -0.47
C LEU A 76 -12.18 8.20 -0.27
N ARG A 77 -11.25 9.13 -0.64
CA ARG A 77 -11.52 10.58 -0.61
C ARG A 77 -12.73 10.96 -1.48
N GLY A 78 -12.82 10.31 -2.66
CA GLY A 78 -13.94 10.53 -3.59
C GLY A 78 -14.94 9.37 -3.59
N GLY A 79 -14.84 8.48 -2.59
CA GLY A 79 -15.65 7.26 -2.52
C GLY A 79 -15.26 6.25 -3.60
N GLY B 1 -18.40 -3.13 -1.24
CA GLY B 1 -18.65 -1.87 -0.53
C GLY B 1 -17.87 -0.71 -1.13
N SER B 2 -16.87 -0.21 -0.37
CA SER B 2 -15.94 0.89 -0.80
C SER B 2 -16.67 2.24 -1.07
N ARG B 3 -17.93 2.34 -0.60
CA ARG B 3 -18.78 3.54 -0.78
C ARG B 3 -18.71 4.47 0.44
N GLN B 4 -18.56 3.88 1.64
CA GLN B 4 -18.51 4.64 2.92
C GLN B 4 -17.05 4.72 3.44
N VAL B 5 -16.89 5.39 4.61
CA VAL B 5 -15.66 5.34 5.39
C VAL B 5 -15.56 3.97 6.08
N THR B 6 -14.53 3.20 5.72
CA THR B 6 -14.32 1.84 6.22
C THR B 6 -13.72 1.87 7.66
N LYS B 7 -13.96 0.81 8.45
CA LYS B 7 -13.25 0.59 9.74
C LYS B 7 -12.14 -0.44 9.48
N VAL B 8 -10.91 -0.06 9.80
CA VAL B 8 -9.67 -0.75 9.36
C VAL B 8 -8.61 -0.69 10.47
N ASP B 9 -7.41 -1.25 10.21
CA ASP B 9 -6.28 -1.25 11.18
C ASP B 9 -5.12 -0.38 10.65
N CYS B 10 -4.37 0.26 11.59
CA CYS B 10 -3.18 1.08 11.27
C CYS B 10 -1.94 0.16 11.18
N PRO B 11 -1.46 -0.21 9.94
CA PRO B 11 -0.42 -1.27 9.74
C PRO B 11 0.99 -0.92 10.26
N VAL B 12 1.13 0.20 10.99
CA VAL B 12 2.39 0.58 11.64
C VAL B 12 2.36 0.24 13.14
N CYS B 13 1.28 0.66 13.85
CA CYS B 13 1.19 0.53 15.33
C CYS B 13 0.07 -0.45 15.76
N GLY B 14 -0.68 -0.96 14.78
CA GLY B 14 -1.75 -1.95 14.97
C GLY B 14 -2.88 -1.51 15.89
N VAL B 15 -3.55 -0.39 15.53
CA VAL B 15 -4.78 0.07 16.22
C VAL B 15 -5.94 0.12 15.20
N ASN B 16 -7.09 -0.48 15.57
CA ASN B 16 -8.28 -0.51 14.72
C ASN B 16 -9.07 0.80 14.88
N ILE B 17 -9.14 1.56 13.78
CA ILE B 17 -9.65 2.94 13.72
C ILE B 17 -10.42 3.17 12.38
N PRO B 18 -11.30 4.22 12.28
CA PRO B 18 -11.95 4.61 10.99
C PRO B 18 -10.92 5.02 9.91
N GLU B 19 -11.33 4.89 8.64
CA GLU B 19 -10.44 5.02 7.45
C GLU B 19 -9.93 6.48 7.23
N SER B 20 -10.71 7.47 7.67
CA SER B 20 -10.25 8.88 7.66
C SER B 20 -9.08 9.05 8.67
N HIS B 21 -9.26 8.44 9.86
CA HIS B 21 -8.29 8.50 10.97
C HIS B 21 -7.14 7.51 10.78
N ILE B 22 -7.30 6.52 9.88
CA ILE B 22 -6.21 5.57 9.56
C ILE B 22 -5.18 6.32 8.72
N ASN B 23 -5.66 7.11 7.73
CA ASN B 23 -4.81 7.95 6.88
C ASN B 23 -3.95 8.88 7.77
N LYS B 24 -4.64 9.64 8.65
CA LYS B 24 -4.01 10.57 9.60
C LYS B 24 -2.98 9.88 10.52
N HIS B 25 -3.36 8.70 11.06
CA HIS B 25 -2.50 7.95 12.01
C HIS B 25 -1.20 7.56 11.34
N LEU B 26 -1.24 7.27 10.04
CA LEU B 26 -0.05 6.90 9.25
C LEU B 26 0.89 8.08 9.08
N ASP B 27 0.34 9.26 8.80
CA ASP B 27 1.12 10.50 8.62
C ASP B 27 1.96 10.81 9.89
N SER B 28 1.45 10.36 11.04
CA SER B 28 2.16 10.42 12.32
C SER B 28 3.08 9.20 12.53
N CYS B 29 2.57 8.01 12.18
CA CYS B 29 3.18 6.71 12.54
C CYS B 29 4.36 6.30 11.62
N LEU B 30 4.37 6.79 10.35
CA LEU B 30 5.39 6.41 9.34
C LEU B 30 6.76 6.99 9.70
N SER B 31 6.71 8.11 10.46
CA SER B 31 7.90 8.73 11.04
C SER B 31 8.38 7.85 12.20
N ARG B 32 9.14 6.79 11.85
CA ARG B 32 9.63 5.80 12.82
C ARG B 32 10.93 6.29 13.45
N GLU B 33 10.78 7.20 14.42
CA GLU B 33 11.87 7.81 15.20
C GLU B 33 11.23 8.78 16.24
ZN ZN C . -0.95 4.35 14.13
N GLY A 1 8.33 -12.88 -21.53
CA GLY A 1 8.15 -11.59 -20.85
C GLY A 1 9.33 -11.24 -19.96
N SER A 2 9.09 -10.39 -18.94
CA SER A 2 10.13 -9.87 -18.05
C SER A 2 9.51 -9.39 -16.71
N HIS A 3 8.28 -8.85 -16.81
CA HIS A 3 7.52 -8.31 -15.65
C HIS A 3 6.96 -9.45 -14.78
N MET A 4 7.21 -9.36 -13.47
CA MET A 4 6.79 -10.39 -12.48
C MET A 4 5.48 -9.95 -11.78
N GLN A 5 4.96 -10.78 -10.88
CA GLN A 5 3.75 -10.46 -10.09
C GLN A 5 4.11 -10.25 -8.62
N ILE A 6 3.35 -9.35 -7.97
CA ILE A 6 3.42 -9.05 -6.53
C ILE A 6 1.99 -8.90 -6.02
N PHE A 7 1.81 -9.13 -4.71
CA PHE A 7 0.49 -9.14 -4.07
C PHE A 7 0.36 -7.95 -3.12
N VAL A 8 -0.57 -7.06 -3.41
CA VAL A 8 -0.91 -5.92 -2.54
C VAL A 8 -2.25 -6.25 -1.86
N LYS A 9 -2.33 -6.06 -0.55
CA LYS A 9 -3.51 -6.41 0.25
C LYS A 9 -4.02 -5.18 1.00
N THR A 10 -5.30 -4.83 0.81
CA THR A 10 -5.91 -3.69 1.51
C THR A 10 -6.17 -4.02 2.98
N LEU A 11 -6.53 -2.97 3.74
CA LEU A 11 -6.96 -3.08 5.14
C LEU A 11 -8.32 -3.84 5.23
N THR A 12 -9.11 -3.78 4.15
CA THR A 12 -10.37 -4.53 4.01
C THR A 12 -10.10 -5.99 3.59
N GLY A 13 -8.87 -6.27 3.10
CA GLY A 13 -8.38 -7.64 2.92
C GLY A 13 -8.44 -8.15 1.48
N LYS A 14 -8.68 -7.25 0.52
CA LYS A 14 -8.75 -7.63 -0.92
C LYS A 14 -7.32 -7.77 -1.48
N THR A 15 -7.15 -8.62 -2.51
CA THR A 15 -5.87 -8.78 -3.20
C THR A 15 -5.84 -7.89 -4.46
N ILE A 16 -4.67 -7.32 -4.73
CA ILE A 16 -4.38 -6.51 -5.91
C ILE A 16 -3.06 -7.01 -6.48
N THR A 17 -3.13 -7.82 -7.55
CA THR A 17 -1.94 -8.40 -8.18
C THR A 17 -1.51 -7.53 -9.37
N LEU A 18 -0.26 -7.04 -9.31
CA LEU A 18 0.34 -6.19 -10.35
C LEU A 18 1.34 -7.03 -11.13
N GLU A 19 1.57 -6.66 -12.39
CA GLU A 19 2.54 -7.34 -13.25
C GLU A 19 3.64 -6.34 -13.65
N VAL A 20 4.62 -6.17 -12.73
CA VAL A 20 5.76 -5.23 -12.90
C VAL A 20 7.02 -5.91 -12.32
N GLU A 21 8.16 -5.22 -12.42
CA GLU A 21 9.44 -5.78 -11.96
C GLU A 21 9.71 -5.33 -10.50
N PRO A 22 10.50 -6.12 -9.69
CA PRO A 22 11.05 -5.60 -8.42
C PRO A 22 12.00 -4.41 -8.68
N SER A 23 12.63 -4.40 -9.89
CA SER A 23 13.57 -3.33 -10.32
C SER A 23 12.84 -2.25 -11.15
N ASP A 24 11.48 -2.26 -11.10
CA ASP A 24 10.65 -1.28 -11.82
C ASP A 24 10.67 0.09 -11.08
N THR A 25 9.62 0.40 -10.28
CA THR A 25 9.51 1.63 -9.46
C THR A 25 8.11 1.72 -8.84
N ILE A 26 8.04 2.17 -7.57
CA ILE A 26 6.81 2.19 -6.74
C ILE A 26 5.70 3.07 -7.37
N GLU A 27 6.10 4.18 -8.00
CA GLU A 27 5.17 5.12 -8.66
C GLU A 27 4.41 4.42 -9.81
N ASN A 28 5.11 3.51 -10.49
CA ASN A 28 4.54 2.72 -11.60
C ASN A 28 3.63 1.63 -11.04
N VAL A 29 4.09 1.01 -9.94
CA VAL A 29 3.37 -0.07 -9.23
C VAL A 29 1.98 0.44 -8.78
N LYS A 30 1.94 1.64 -8.20
CA LYS A 30 0.70 2.24 -7.64
C LYS A 30 -0.25 2.69 -8.77
N ALA A 31 0.33 3.06 -9.94
CA ALA A 31 -0.46 3.29 -11.16
C ALA A 31 -1.22 2.00 -11.57
N LYS A 32 -0.56 0.84 -11.33
CA LYS A 32 -1.15 -0.47 -11.60
C LYS A 32 -2.23 -0.84 -10.56
N ILE A 33 -2.07 -0.47 -9.25
CA ILE A 33 -3.16 -0.69 -8.25
C ILE A 33 -4.45 0.03 -8.72
N GLN A 34 -4.28 1.25 -9.24
CA GLN A 34 -5.37 2.01 -9.86
C GLN A 34 -5.98 1.26 -11.07
N ASP A 35 -5.12 0.60 -11.86
CA ASP A 35 -5.56 -0.22 -13.02
C ASP A 35 -6.39 -1.45 -12.56
N LYS A 36 -6.07 -1.99 -11.37
CA LYS A 36 -6.65 -3.27 -10.88
C LYS A 36 -7.92 -3.04 -10.07
N GLU A 37 -7.81 -2.44 -8.86
CA GLU A 37 -8.98 -2.23 -7.97
C GLU A 37 -9.81 -1.01 -8.41
N GLY A 38 -9.16 -0.08 -9.15
CA GLY A 38 -9.86 1.09 -9.71
C GLY A 38 -9.82 2.30 -8.82
N ILE A 39 -8.87 2.31 -7.85
CA ILE A 39 -8.72 3.39 -6.87
C ILE A 39 -7.44 4.19 -7.20
N PRO A 40 -7.51 5.56 -7.32
CA PRO A 40 -6.37 6.40 -7.80
C PRO A 40 -5.20 6.42 -6.79
N PRO A 41 -3.93 6.71 -7.25
CA PRO A 41 -2.70 6.62 -6.40
C PRO A 41 -2.70 7.59 -5.21
N ASP A 42 -3.63 8.55 -5.24
CA ASP A 42 -3.85 9.47 -4.12
C ASP A 42 -4.61 8.76 -2.99
N GLN A 43 -5.69 8.03 -3.35
CA GLN A 43 -6.63 7.42 -2.37
C GLN A 43 -6.13 6.07 -1.84
N GLN A 44 -5.26 5.40 -2.58
CA GLN A 44 -4.60 4.16 -2.12
C GLN A 44 -3.13 4.46 -1.75
N ARG A 45 -2.70 3.95 -0.58
CA ARG A 45 -1.41 4.31 0.05
C ARG A 45 -0.54 3.06 0.21
N LEU A 46 0.73 3.15 -0.22
CA LEU A 46 1.67 2.01 -0.26
C LEU A 46 2.52 1.97 1.01
N ILE A 47 2.37 0.86 1.78
CA ILE A 47 3.13 0.62 3.03
C ILE A 47 3.49 -0.88 3.13
N PHE A 48 4.78 -1.17 3.36
CA PHE A 48 5.31 -2.54 3.54
C PHE A 48 6.03 -2.63 4.89
N ALA A 49 5.60 -3.59 5.73
CA ALA A 49 6.19 -3.90 7.05
C ALA A 49 6.08 -2.73 8.06
N GLY A 50 5.19 -1.75 7.76
CA GLY A 50 4.98 -0.58 8.61
C GLY A 50 5.74 0.67 8.13
N LYS A 51 6.61 0.51 7.12
CA LYS A 51 7.33 1.63 6.49
C LYS A 51 6.56 2.06 5.23
N GLN A 52 6.38 3.37 5.02
CA GLN A 52 5.71 3.89 3.82
C GLN A 52 6.68 3.81 2.62
N LEU A 53 6.18 3.27 1.49
CA LEU A 53 6.97 3.18 0.26
C LEU A 53 7.08 4.56 -0.41
N GLU A 54 8.14 4.77 -1.18
CA GLU A 54 8.44 6.06 -1.83
C GLU A 54 8.38 5.89 -3.35
N ASP A 55 7.75 6.88 -4.04
CA ASP A 55 7.45 6.83 -5.49
C ASP A 55 8.72 6.63 -6.34
N GLY A 56 9.78 7.39 -5.96
CA GLY A 56 11.04 7.40 -6.70
C GLY A 56 11.82 6.10 -6.58
N ARG A 57 11.59 5.34 -5.48
CA ARG A 57 12.28 4.07 -5.21
C ARG A 57 11.64 2.90 -5.98
N THR A 58 12.24 1.71 -5.83
CA THR A 58 11.72 0.46 -6.43
C THR A 58 11.19 -0.46 -5.32
N LEU A 59 10.51 -1.54 -5.75
CA LEU A 59 10.07 -2.61 -4.85
C LEU A 59 11.29 -3.21 -4.13
N SER A 60 12.28 -3.64 -4.93
CA SER A 60 13.52 -4.30 -4.47
C SER A 60 14.36 -3.38 -3.57
N ASP A 61 14.12 -2.05 -3.66
CA ASP A 61 14.80 -1.05 -2.80
C ASP A 61 14.35 -1.25 -1.34
N TYR A 62 13.03 -1.50 -1.18
CA TYR A 62 12.41 -1.77 0.12
C TYR A 62 12.40 -3.30 0.42
N ASN A 63 13.24 -4.07 -0.30
CA ASN A 63 13.42 -5.53 -0.14
C ASN A 63 12.17 -6.33 -0.58
N ILE A 64 11.29 -5.66 -1.35
CA ILE A 64 10.06 -6.26 -1.90
C ILE A 64 10.43 -6.95 -3.22
N GLN A 65 10.55 -8.28 -3.16
CA GLN A 65 10.80 -9.10 -4.36
C GLN A 65 9.47 -9.45 -5.04
N LYS A 66 9.53 -10.25 -6.11
CA LYS A 66 8.32 -10.83 -6.71
C LYS A 66 7.63 -11.76 -5.70
N GLU A 67 6.28 -11.77 -5.74
CA GLU A 67 5.40 -12.58 -4.89
C GLU A 67 5.27 -11.99 -3.46
N SER A 68 6.02 -10.89 -3.16
CA SER A 68 5.96 -10.25 -1.83
C SER A 68 4.60 -9.58 -1.61
N THR A 69 4.01 -9.82 -0.43
CA THR A 69 2.75 -9.23 -0.02
C THR A 69 3.00 -8.02 0.89
N LEU A 70 2.21 -6.96 0.69
CA LEU A 70 2.32 -5.70 1.44
C LEU A 70 0.92 -5.16 1.74
N HIS A 71 0.86 -4.09 2.55
CA HIS A 71 -0.40 -3.46 3.00
C HIS A 71 -0.75 -2.25 2.12
N LEU A 72 -2.06 -2.05 1.94
CA LEU A 72 -2.63 -0.97 1.14
C LEU A 72 -3.67 -0.27 2.01
N VAL A 73 -3.56 1.04 2.13
CA VAL A 73 -4.45 1.86 2.95
C VAL A 73 -5.37 2.69 2.04
N LEU A 74 -6.67 2.58 2.27
CA LEU A 74 -7.70 3.32 1.53
C LEU A 74 -7.92 4.69 2.17
N ARG A 75 -8.24 5.70 1.34
CA ARG A 75 -8.49 7.11 1.75
C ARG A 75 -9.74 7.66 1.04
N LEU A 76 -10.43 6.78 0.29
CA LEU A 76 -11.54 7.08 -0.66
C LEU A 76 -12.41 8.28 -0.24
N ARG A 77 -12.18 9.41 -0.94
CA ARG A 77 -12.85 10.70 -0.69
C ARG A 77 -14.29 10.66 -1.24
N GLY A 78 -14.38 10.42 -2.55
CA GLY A 78 -15.66 10.29 -3.27
C GLY A 78 -16.16 8.85 -3.33
N GLY A 79 -15.58 7.96 -2.50
CA GLY A 79 -15.96 6.55 -2.43
C GLY A 79 -15.56 5.76 -3.68
N GLY B 1 -21.79 0.72 -3.78
CA GLY B 1 -20.69 1.14 -2.91
C GLY B 1 -21.14 2.19 -1.91
N SER B 2 -21.72 1.73 -0.80
CA SER B 2 -22.17 2.59 0.30
C SER B 2 -20.96 3.17 1.05
N ARG B 3 -20.58 4.41 0.65
CA ARG B 3 -19.47 5.16 1.27
C ARG B 3 -19.84 5.51 2.72
N GLN B 4 -18.98 5.09 3.65
CA GLN B 4 -19.16 5.33 5.09
C GLN B 4 -17.78 5.30 5.78
N VAL B 5 -17.78 5.73 7.05
CA VAL B 5 -16.57 5.81 7.88
C VAL B 5 -16.09 4.39 8.30
N THR B 6 -15.45 3.69 7.35
CA THR B 6 -15.08 2.27 7.47
C THR B 6 -13.93 2.04 8.46
N LYS B 7 -14.15 1.18 9.47
CA LYS B 7 -13.15 0.85 10.50
C LYS B 7 -12.19 -0.21 9.96
N VAL B 8 -10.90 0.14 10.01
CA VAL B 8 -9.79 -0.61 9.42
C VAL B 8 -8.61 -0.65 10.42
N ASP B 9 -7.48 -1.24 10.04
CA ASP B 9 -6.31 -1.41 10.94
C ASP B 9 -5.15 -0.53 10.51
N CYS B 10 -4.36 -0.03 11.51
CA CYS B 10 -3.19 0.82 11.26
C CYS B 10 -1.94 -0.08 11.24
N PRO B 11 -1.39 -0.43 10.02
CA PRO B 11 -0.39 -1.54 9.86
C PRO B 11 0.98 -1.27 10.53
N VAL B 12 1.18 -0.06 11.06
CA VAL B 12 2.44 0.33 11.71
C VAL B 12 2.36 0.11 13.24
N CYS B 13 1.37 0.76 13.90
CA CYS B 13 1.25 0.72 15.39
C CYS B 13 0.21 -0.31 15.85
N GLY B 14 -0.50 -0.94 14.88
CA GLY B 14 -1.42 -2.06 15.14
C GLY B 14 -2.67 -1.71 15.94
N VAL B 15 -3.36 -0.60 15.58
CA VAL B 15 -4.62 -0.18 16.25
C VAL B 15 -5.80 -0.15 15.24
N ASN B 16 -7.00 -0.52 15.72
CA ASN B 16 -8.23 -0.57 14.91
C ASN B 16 -8.96 0.78 14.97
N ILE B 17 -8.93 1.51 13.84
CA ILE B 17 -9.44 2.90 13.71
C ILE B 17 -10.08 3.11 12.31
N PRO B 18 -11.05 4.08 12.18
CA PRO B 18 -11.73 4.37 10.87
C PRO B 18 -10.80 4.95 9.77
N GLU B 19 -11.31 4.93 8.52
CA GLU B 19 -10.52 5.11 7.27
C GLU B 19 -9.82 6.50 7.15
N SER B 20 -10.51 7.60 7.52
CA SER B 20 -9.88 8.94 7.48
C SER B 20 -8.91 9.14 8.66
N HIS B 21 -9.19 8.46 9.79
CA HIS B 21 -8.36 8.56 11.01
C HIS B 21 -7.14 7.63 10.89
N ILE B 22 -7.26 6.57 10.04
CA ILE B 22 -6.17 5.59 9.82
C ILE B 22 -5.09 6.28 9.01
N ASN B 23 -5.50 7.04 7.97
CA ASN B 23 -4.59 7.77 7.12
C ASN B 23 -3.86 8.87 7.91
N LYS B 24 -4.60 9.60 8.77
CA LYS B 24 -4.04 10.64 9.64
C LYS B 24 -3.05 10.05 10.65
N HIS B 25 -3.40 8.84 11.15
CA HIS B 25 -2.55 8.09 12.05
C HIS B 25 -1.22 7.77 11.36
N LEU B 26 -1.30 7.44 10.05
CA LEU B 26 -0.11 7.10 9.24
C LEU B 26 0.74 8.32 8.96
N ASP B 27 0.10 9.50 8.83
CA ASP B 27 0.81 10.79 8.66
C ASP B 27 1.75 11.02 9.87
N SER B 28 1.38 10.44 11.03
CA SER B 28 2.24 10.41 12.23
C SER B 28 3.08 9.09 12.34
N CYS B 29 2.47 7.96 11.92
CA CYS B 29 3.00 6.59 12.18
C CYS B 29 4.09 6.18 11.18
N LEU B 30 4.19 6.89 10.01
CA LEU B 30 5.24 6.61 9.00
C LEU B 30 6.62 7.08 9.48
N SER B 31 6.64 7.79 10.64
CA SER B 31 7.87 8.24 11.32
C SER B 31 8.52 7.07 12.12
N ARG B 32 8.65 5.90 11.46
CA ARG B 32 9.26 4.70 12.05
C ARG B 32 10.79 4.90 12.12
N GLU B 33 11.23 5.51 13.22
CA GLU B 33 12.63 5.91 13.45
C GLU B 33 13.27 4.97 14.49
ZN ZN C . -1.13 4.32 13.99
N GLY A 1 12.46 -3.42 -16.94
CA GLY A 1 12.91 -4.55 -17.79
C GLY A 1 11.97 -5.74 -17.68
N SER A 2 12.24 -6.64 -16.73
CA SER A 2 11.42 -7.85 -16.50
C SER A 2 10.25 -7.55 -15.54
N HIS A 3 9.37 -8.54 -15.32
CA HIS A 3 8.16 -8.40 -14.47
C HIS A 3 8.07 -9.57 -13.48
N MET A 4 8.45 -9.31 -12.22
CA MET A 4 8.30 -10.27 -11.09
C MET A 4 7.07 -9.86 -10.25
N GLN A 5 6.45 -10.83 -9.62
CA GLN A 5 5.18 -10.62 -8.88
C GLN A 5 5.44 -10.36 -7.39
N ILE A 6 4.81 -9.30 -6.88
CA ILE A 6 4.79 -8.95 -5.43
C ILE A 6 3.32 -8.79 -5.00
N PHE A 7 3.04 -9.15 -3.74
CA PHE A 7 1.66 -9.26 -3.22
C PHE A 7 1.38 -8.16 -2.19
N VAL A 8 0.64 -7.14 -2.62
CA VAL A 8 0.32 -5.95 -1.81
C VAL A 8 -1.12 -6.07 -1.29
N LYS A 9 -1.24 -6.38 0.00
CA LYS A 9 -2.51 -6.67 0.68
C LYS A 9 -3.14 -5.37 1.23
N THR A 10 -4.35 -5.00 0.74
CA THR A 10 -5.10 -3.84 1.27
C THR A 10 -5.64 -4.08 2.67
N LEU A 11 -6.10 -2.98 3.30
CA LEU A 11 -6.82 -2.98 4.58
C LEU A 11 -8.23 -3.60 4.45
N THR A 12 -8.70 -3.82 3.21
CA THR A 12 -9.99 -4.49 2.92
C THR A 12 -9.82 -6.01 2.87
N GLY A 13 -8.56 -6.50 2.98
CA GLY A 13 -8.26 -7.93 2.96
C GLY A 13 -8.16 -8.50 1.54
N LYS A 14 -8.04 -7.60 0.56
CA LYS A 14 -7.87 -7.94 -0.87
C LYS A 14 -6.38 -7.98 -1.23
N THR A 15 -6.02 -8.80 -2.23
CA THR A 15 -4.61 -8.96 -2.68
C THR A 15 -4.42 -8.32 -4.07
N ILE A 16 -3.40 -7.46 -4.18
CA ILE A 16 -3.03 -6.80 -5.44
C ILE A 16 -1.65 -7.31 -5.89
N THR A 17 -1.64 -8.14 -6.94
CA THR A 17 -0.43 -8.71 -7.53
C THR A 17 0.10 -7.77 -8.63
N LEU A 18 1.33 -7.24 -8.44
CA LEU A 18 2.00 -6.34 -9.41
C LEU A 18 3.09 -7.11 -10.14
N GLU A 19 3.49 -6.59 -11.30
CA GLU A 19 4.45 -7.25 -12.20
C GLU A 19 5.59 -6.25 -12.52
N VAL A 20 6.59 -6.17 -11.62
CA VAL A 20 7.76 -5.26 -11.75
C VAL A 20 9.01 -5.90 -11.10
N GLU A 21 10.12 -5.17 -11.12
CA GLU A 21 11.41 -5.66 -10.59
C GLU A 21 11.61 -5.17 -9.14
N PRO A 22 12.46 -5.88 -8.32
CA PRO A 22 12.92 -5.33 -7.01
C PRO A 22 13.74 -4.03 -7.21
N SER A 23 14.46 -3.95 -8.34
CA SER A 23 15.33 -2.81 -8.68
C SER A 23 14.60 -1.77 -9.56
N ASP A 24 13.26 -1.93 -9.71
CA ASP A 24 12.41 -1.03 -10.52
C ASP A 24 12.30 0.37 -9.84
N THR A 25 11.22 0.62 -9.07
CA THR A 25 11.01 1.82 -8.24
C THR A 25 9.59 1.80 -7.67
N ILE A 26 9.44 2.30 -6.43
CA ILE A 26 8.16 2.29 -5.68
C ILE A 26 7.08 3.12 -6.40
N GLU A 27 7.49 4.25 -7.03
CA GLU A 27 6.57 5.15 -7.76
C GLU A 27 5.86 4.41 -8.90
N ASN A 28 6.60 3.49 -9.52
CA ASN A 28 6.08 2.66 -10.61
C ASN A 28 5.16 1.59 -10.03
N VAL A 29 5.60 0.98 -8.89
CA VAL A 29 4.83 -0.07 -8.18
C VAL A 29 3.43 0.45 -7.80
N LYS A 30 3.35 1.69 -7.29
CA LYS A 30 2.08 2.28 -6.84
C LYS A 30 1.19 2.70 -8.03
N ALA A 31 1.84 2.98 -9.17
CA ALA A 31 1.15 3.16 -10.47
C ALA A 31 0.56 1.81 -10.94
N LYS A 32 1.22 0.70 -10.60
CA LYS A 32 0.74 -0.66 -10.90
C LYS A 32 -0.51 -1.00 -10.05
N ILE A 33 -0.54 -0.57 -8.76
CA ILE A 33 -1.76 -0.72 -7.91
C ILE A 33 -2.96 0.02 -8.56
N GLN A 34 -2.71 1.24 -9.06
CA GLN A 34 -3.72 2.04 -9.78
C GLN A 34 -4.13 1.37 -11.12
N ASP A 35 -3.22 0.55 -11.68
CA ASP A 35 -3.51 -0.24 -12.89
C ASP A 35 -4.41 -1.44 -12.56
N LYS A 36 -4.27 -2.00 -11.34
CA LYS A 36 -4.94 -3.26 -10.96
C LYS A 36 -6.31 -2.97 -10.33
N GLU A 37 -6.32 -2.34 -9.14
CA GLU A 37 -7.58 -2.04 -8.40
C GLU A 37 -8.18 -0.71 -8.85
N GLY A 38 -7.34 0.21 -9.34
CA GLY A 38 -7.80 1.47 -9.94
C GLY A 38 -7.86 2.62 -8.96
N ILE A 39 -7.17 2.47 -7.82
CA ILE A 39 -7.09 3.52 -6.78
C ILE A 39 -5.83 4.36 -7.04
N PRO A 40 -5.95 5.74 -7.13
CA PRO A 40 -4.81 6.63 -7.49
C PRO A 40 -3.68 6.57 -6.43
N PRO A 41 -2.37 6.83 -6.82
CA PRO A 41 -1.21 6.79 -5.87
C PRO A 41 -1.36 7.77 -4.69
N ASP A 42 -2.28 8.72 -4.83
CA ASP A 42 -2.62 9.69 -3.76
C ASP A 42 -3.46 9.02 -2.65
N GLN A 43 -4.35 8.08 -3.04
CA GLN A 43 -5.33 7.42 -2.13
C GLN A 43 -4.84 6.06 -1.63
N GLN A 44 -4.01 5.38 -2.40
CA GLN A 44 -3.36 4.14 -1.96
C GLN A 44 -2.00 4.50 -1.32
N ARG A 45 -1.55 3.69 -0.35
CA ARG A 45 -0.32 3.96 0.40
C ARG A 45 0.46 2.65 0.65
N LEU A 46 1.74 2.64 0.26
CA LEU A 46 2.58 1.42 0.25
C LEU A 46 3.33 1.30 1.57
N ILE A 47 3.20 0.14 2.26
CA ILE A 47 3.81 -0.08 3.58
C ILE A 47 4.37 -1.50 3.69
N PHE A 48 5.68 -1.59 3.91
CA PHE A 48 6.38 -2.86 4.14
C PHE A 48 7.08 -2.77 5.50
N ALA A 49 6.88 -3.77 6.37
CA ALA A 49 7.55 -3.87 7.69
C ALA A 49 7.17 -2.70 8.63
N GLY A 50 6.03 -2.04 8.36
CA GLY A 50 5.54 -0.92 9.18
C GLY A 50 6.18 0.43 8.83
N LYS A 51 6.70 0.57 7.60
CA LYS A 51 7.22 1.86 7.07
C LYS A 51 6.59 2.13 5.69
N GLN A 52 6.34 3.42 5.38
CA GLN A 52 5.77 3.82 4.07
C GLN A 52 6.91 3.90 3.03
N LEU A 53 6.61 3.40 1.83
CA LEU A 53 7.61 3.24 0.77
C LEU A 53 7.66 4.51 -0.12
N GLU A 54 8.85 5.14 -0.16
CA GLU A 54 9.10 6.41 -0.87
C GLU A 54 9.17 6.17 -2.39
N ASP A 55 8.56 7.09 -3.15
CA ASP A 55 8.47 7.04 -4.63
C ASP A 55 9.85 6.83 -5.28
N GLY A 56 10.82 7.67 -4.86
CA GLY A 56 12.17 7.70 -5.43
C GLY A 56 12.96 6.41 -5.21
N ARG A 57 12.67 5.71 -4.09
CA ARG A 57 13.36 4.47 -3.69
C ARG A 57 12.82 3.26 -4.48
N THR A 58 13.43 2.09 -4.23
CA THR A 58 13.06 0.83 -4.90
C THR A 58 12.58 -0.19 -3.87
N LEU A 59 11.96 -1.29 -4.38
CA LEU A 59 11.52 -2.41 -3.54
C LEU A 59 12.72 -2.97 -2.74
N SER A 60 13.79 -3.31 -3.48
CA SER A 60 15.02 -3.93 -2.94
C SER A 60 15.70 -3.02 -1.90
N ASP A 61 15.47 -1.68 -2.02
CA ASP A 61 16.03 -0.69 -1.08
C ASP A 61 15.39 -0.84 0.30
N TYR A 62 14.05 -1.06 0.30
CA TYR A 62 13.27 -1.28 1.52
C TYR A 62 13.30 -2.77 1.95
N ASN A 63 14.25 -3.57 1.37
CA ASN A 63 14.45 -5.00 1.70
C ASN A 63 13.28 -5.88 1.24
N ILE A 64 12.57 -5.40 0.21
CA ILE A 64 11.45 -6.11 -0.45
C ILE A 64 12.02 -6.88 -1.65
N GLN A 65 11.73 -8.17 -1.72
CA GLN A 65 12.08 -9.00 -2.88
C GLN A 65 10.79 -9.37 -3.63
N LYS A 66 10.94 -10.16 -4.69
CA LYS A 66 9.80 -10.75 -5.40
C LYS A 66 8.98 -11.65 -4.44
N GLU A 67 7.65 -11.51 -4.54
CA GLU A 67 6.67 -12.32 -3.80
C GLU A 67 6.59 -11.93 -2.31
N SER A 68 7.25 -10.82 -1.93
CA SER A 68 7.10 -10.24 -0.59
C SER A 68 5.68 -9.68 -0.40
N THR A 69 5.09 -9.90 0.79
CA THR A 69 3.76 -9.42 1.14
C THR A 69 3.87 -8.17 2.03
N LEU A 70 3.15 -7.11 1.65
CA LEU A 70 3.19 -5.80 2.32
C LEU A 70 1.80 -5.17 2.31
N HIS A 71 1.53 -4.28 3.29
CA HIS A 71 0.20 -3.65 3.46
C HIS A 71 -0.01 -2.45 2.50
N LEU A 72 -1.30 -2.18 2.22
CA LEU A 72 -1.76 -1.08 1.38
C LEU A 72 -2.88 -0.37 2.15
N VAL A 73 -2.70 0.94 2.39
CA VAL A 73 -3.69 1.79 3.05
C VAL A 73 -4.49 2.58 2.01
N LEU A 74 -5.80 2.34 2.00
CA LEU A 74 -6.77 3.09 1.20
C LEU A 74 -7.22 4.35 1.95
N ARG A 75 -7.51 5.42 1.20
CA ARG A 75 -7.92 6.73 1.75
C ARG A 75 -9.32 7.14 1.22
N LEU A 76 -9.55 6.88 -0.09
CA LEU A 76 -10.82 7.21 -0.81
C LEU A 76 -11.24 8.69 -0.65
N ARG A 77 -10.24 9.57 -0.50
CA ARG A 77 -10.42 11.03 -0.39
C ARG A 77 -10.89 11.57 -1.76
N GLY A 78 -10.07 11.30 -2.79
CA GLY A 78 -10.39 11.62 -4.18
C GLY A 78 -10.86 10.40 -4.95
N GLY A 79 -11.60 9.50 -4.25
CA GLY A 79 -12.20 8.31 -4.87
C GLY A 79 -11.20 7.20 -5.17
N GLY B 1 -16.33 -1.67 -3.94
CA GLY B 1 -16.08 -0.23 -3.73
C GLY B 1 -16.72 0.29 -2.44
N SER B 2 -15.91 0.88 -1.55
CA SER B 2 -16.39 1.46 -0.28
C SER B 2 -16.91 2.89 -0.51
N ARG B 3 -18.19 3.13 -0.16
CA ARG B 3 -18.83 4.47 -0.20
C ARG B 3 -18.90 5.09 1.22
N GLN B 4 -18.52 4.32 2.24
CA GLN B 4 -18.53 4.75 3.66
C GLN B 4 -17.09 4.88 4.19
N VAL B 5 -16.95 5.48 5.39
CA VAL B 5 -15.70 5.45 6.13
C VAL B 5 -15.45 4.01 6.66
N THR B 6 -14.44 3.34 6.08
CA THR B 6 -14.18 1.91 6.31
C THR B 6 -13.44 1.68 7.65
N LYS B 7 -13.88 0.69 8.44
CA LYS B 7 -13.15 0.26 9.66
C LYS B 7 -11.98 -0.63 9.22
N VAL B 8 -10.77 -0.23 9.62
CA VAL B 8 -9.51 -0.77 9.12
C VAL B 8 -8.45 -0.71 10.23
N ASP B 9 -7.20 -1.13 9.93
CA ASP B 9 -6.09 -1.13 10.92
C ASP B 9 -4.93 -0.26 10.46
N CYS B 10 -4.35 0.50 11.41
CA CYS B 10 -3.15 1.33 11.20
C CYS B 10 -1.92 0.40 11.24
N PRO B 11 -1.35 0.00 10.05
CA PRO B 11 -0.48 -1.21 9.94
C PRO B 11 0.99 -0.96 10.36
N VAL B 12 1.21 0.11 11.15
CA VAL B 12 2.50 0.38 11.81
C VAL B 12 2.38 0.05 13.31
N CYS B 13 1.43 0.74 14.00
CA CYS B 13 1.26 0.63 15.47
C CYS B 13 0.24 -0.47 15.83
N GLY B 14 -0.67 -0.79 14.89
CA GLY B 14 -1.62 -1.91 15.04
C GLY B 14 -2.88 -1.55 15.84
N VAL B 15 -3.57 -0.46 15.44
CA VAL B 15 -4.83 -0.03 16.08
C VAL B 15 -5.97 -0.02 15.04
N ASN B 16 -7.15 -0.56 15.42
CA ASN B 16 -8.33 -0.63 14.52
C ASN B 16 -9.15 0.66 14.65
N ILE B 17 -9.20 1.44 13.55
CA ILE B 17 -9.77 2.81 13.50
C ILE B 17 -10.47 3.06 12.14
N PRO B 18 -11.40 4.07 12.04
CA PRO B 18 -12.01 4.50 10.75
C PRO B 18 -10.95 4.96 9.70
N GLU B 19 -11.33 4.88 8.41
CA GLU B 19 -10.42 5.08 7.25
C GLU B 19 -9.89 6.54 7.14
N SER B 20 -10.68 7.51 7.60
CA SER B 20 -10.24 8.92 7.71
C SER B 20 -9.07 9.04 8.72
N HIS B 21 -9.24 8.33 9.86
CA HIS B 21 -8.30 8.37 10.98
C HIS B 21 -7.10 7.43 10.73
N ILE B 22 -7.26 6.42 9.84
CA ILE B 22 -6.16 5.51 9.48
C ILE B 22 -5.14 6.30 8.66
N ASN B 23 -5.64 7.16 7.76
CA ASN B 23 -4.81 8.05 6.94
C ASN B 23 -3.98 8.97 7.86
N LYS B 24 -4.69 9.65 8.80
CA LYS B 24 -4.10 10.66 9.69
C LYS B 24 -3.05 10.05 10.65
N HIS B 25 -3.43 8.91 11.30
CA HIS B 25 -2.58 8.23 12.29
C HIS B 25 -1.33 7.70 11.61
N LEU B 26 -1.50 7.29 10.34
CA LEU B 26 -0.42 6.79 9.51
C LEU B 26 0.57 7.89 9.15
N ASP B 27 0.07 9.13 8.87
CA ASP B 27 0.94 10.30 8.59
C ASP B 27 1.95 10.52 9.72
N SER B 28 1.50 10.26 10.96
CA SER B 28 2.37 10.29 12.15
C SER B 28 3.25 9.01 12.24
N CYS B 29 2.60 7.86 11.99
CA CYS B 29 3.18 6.53 12.25
C CYS B 29 4.21 6.08 11.18
N LEU B 30 4.15 6.68 9.97
CA LEU B 30 5.04 6.28 8.84
C LEU B 30 6.35 7.05 8.93
N SER B 31 6.26 8.29 9.46
CA SER B 31 7.40 9.15 9.68
C SER B 31 8.09 8.72 10.99
N ARG B 32 8.89 7.64 10.89
CA ARG B 32 9.70 7.13 12.02
C ARG B 32 10.92 8.07 12.26
N GLU B 33 11.26 8.81 11.19
CA GLU B 33 12.21 9.93 11.25
C GLU B 33 11.52 11.16 11.94
ZN ZN C . -0.97 4.47 14.13
#